data_1MAF
# 
_entry.id   1MAF 
# 
_audit_conform.dict_name       mmcif_pdbx.dic 
_audit_conform.dict_version    5.393 
_audit_conform.dict_location   http://mmcif.pdb.org/dictionaries/ascii/mmcif_pdbx.dic 
# 
loop_
_database_2.database_id 
_database_2.database_code 
_database_2.pdbx_database_accession 
_database_2.pdbx_DOI 
PDB   1MAF         pdb_00001maf 10.2210/pdb1maf/pdb 
WWPDB D_1000174898 ?            ?                   
# 
loop_
_pdbx_audit_revision_history.ordinal 
_pdbx_audit_revision_history.data_content_type 
_pdbx_audit_revision_history.major_revision 
_pdbx_audit_revision_history.minor_revision 
_pdbx_audit_revision_history.revision_date 
1 'Structure model' 1 0 1994-01-31 
2 'Structure model' 1 1 2008-03-03 
3 'Structure model' 1 2 2011-07-13 
4 'Structure model' 1 3 2024-06-05 
# 
_pdbx_audit_revision_details.ordinal             1 
_pdbx_audit_revision_details.revision_ordinal    1 
_pdbx_audit_revision_details.data_content_type   'Structure model' 
_pdbx_audit_revision_details.provider            repository 
_pdbx_audit_revision_details.type                'Initial release' 
_pdbx_audit_revision_details.description         ? 
_pdbx_audit_revision_details.details             ? 
# 
loop_
_pdbx_audit_revision_group.ordinal 
_pdbx_audit_revision_group.revision_ordinal 
_pdbx_audit_revision_group.data_content_type 
_pdbx_audit_revision_group.group 
1 2 'Structure model' 'Version format compliance' 
2 3 'Structure model' 'Version format compliance' 
3 4 'Structure model' 'Data collection'           
4 4 'Structure model' 'Database references'       
5 4 'Structure model' 'Derived calculations'      
6 4 'Structure model' Other                       
# 
loop_
_pdbx_audit_revision_category.ordinal 
_pdbx_audit_revision_category.revision_ordinal 
_pdbx_audit_revision_category.data_content_type 
_pdbx_audit_revision_category.category 
1 4 'Structure model' chem_comp_atom       
2 4 'Structure model' chem_comp_bond       
3 4 'Structure model' database_2           
4 4 'Structure model' pdbx_database_status 
5 4 'Structure model' struct_conn          
6 4 'Structure model' struct_sheet         
7 4 'Structure model' struct_site          
# 
loop_
_pdbx_audit_revision_item.ordinal 
_pdbx_audit_revision_item.revision_ordinal 
_pdbx_audit_revision_item.data_content_type 
_pdbx_audit_revision_item.item 
1 4 'Structure model' '_database_2.pdbx_DOI'                
2 4 'Structure model' '_database_2.pdbx_database_accession' 
3 4 'Structure model' '_pdbx_database_status.process_site'  
4 4 'Structure model' '_struct_conn.pdbx_leaving_atom_flag' 
5 4 'Structure model' '_struct_sheet.number_strands'        
6 4 'Structure model' '_struct_site.pdbx_auth_asym_id'      
7 4 'Structure model' '_struct_site.pdbx_auth_comp_id'      
8 4 'Structure model' '_struct_site.pdbx_auth_seq_id'       
# 
_pdbx_database_status.status_code                     REL 
_pdbx_database_status.entry_id                        1MAF 
_pdbx_database_status.recvd_initial_deposition_date   1992-05-20 
_pdbx_database_status.deposit_site                    ? 
_pdbx_database_status.process_site                    BNL 
_pdbx_database_status.SG_entry                        . 
_pdbx_database_status.status_code_sf                  ? 
_pdbx_database_status.status_code_mr                  ? 
_pdbx_database_status.pdb_format_compatible           Y 
_pdbx_database_status.status_code_cs                  ? 
_pdbx_database_status.status_code_nmr_data            ? 
_pdbx_database_status.methods_development_category    ? 
# 
loop_
_audit_author.name 
_audit_author.pdbx_ordinal 
'Huizinga, E.G.'   1 
'Vellieux, F.M.D.' 2 
'Hol, W.G.J.'      3 
# 
loop_
_citation.id 
_citation.title 
_citation.journal_abbrev 
_citation.journal_volume 
_citation.page_first 
_citation.page_last 
_citation.year 
_citation.journal_id_ASTM 
_citation.country 
_citation.journal_id_ISSN 
_citation.journal_id_CSD 
_citation.book_publisher 
_citation.pdbx_database_id_PubMed 
_citation.pdbx_database_id_DOI 
primary 
;Active site structure of methylamine dehydrogenase: hydrazines identify C6 as the reactive site of the tryptophan-derived quinone cofactor.
;
Biochemistry   31  9789 9795 1992 BICHAW US 0006-2960 0033 ? 1390754 10.1021/bi00155a036 
1       'Crystallographic Investigations of the Tryptophan-Derived Cofactor in the Quinoprotein Methylamine Dehydrogenase' 
'FEBS Lett.'   287 163  ?    1991 FEBLAL NE 0014-5793 0165 ? ?       ?                   
2       'Structure of Quinoprotein Methylamine Dehydrogenase at 2.25 Angstroms Resolution' 'Embo J.'      8   2171 ?    1989 
EMJODG UK 0261-4189 0897 ? ?       ?                   
3       
;Purification, Crystallization and Preliminary X-Ray Investigation of Quinoprotein Methylamine Dehydrogenase from Thiobacillus Versutus
;
Eur.J.Biochem. 154 383  ?    1986 EJBCAI IX 0014-2956 0262 ? ?       ?                   
# 
loop_
_citation_author.citation_id 
_citation_author.name 
_citation_author.ordinal 
_citation_author.identifier_ORCID 
primary 'Huizinga, E.G.'   1  ? 
primary 'van Zanten, B.A.' 2  ? 
primary 'Duine, J.A.'      3  ? 
primary 'Jongejan, J.A.'   4  ? 
primary 'Huitema, F.'      5  ? 
primary 'Wilson, K.S.'     6  ? 
primary 'Hol, W.G.'        7  ? 
1       'Chen, L.'         8  ? 
1       'Mathews, F.S.'    9  ? 
1       'Davidson, V.L.'   10 ? 
1       'Huizinga, E.G.'   11 ? 
1       'Vellieux, F.M.D.' 12 ? 
1       'Duine, J.A.'      13 ? 
1       'Hol, W.G.J.'      14 ? 
2       'Vellieux, F.M.D.' 15 ? 
2       'Huitema, F.'      16 ? 
2       'Groendijk, H.'    17 ? 
2       'Kalk, K.H.'       18 ? 
2       'Frank, J.'        19 ? 
2       'Jongejan, J.A.'   20 ? 
2       'Duine, J.A.'      21 ? 
2       'Petratos, K.'     22 ? 
2       'Drenth, J.'       23 ? 
2       'Hol, W.G.J.'      24 ? 
3       'Vellieux, F.M.D.' 25 ? 
3       'Frank, J.'        26 ? 
3       'Swarte, M.B.A.'   27 ? 
3       'Groendijk, H.'    28 ? 
3       'Duine, J.A.'      29 ? 
3       'Drenth, J.'       30 ? 
3       'Hol, W.G.J.'      31 ? 
# 
loop_
_entity.id 
_entity.type 
_entity.src_method 
_entity.pdbx_description 
_entity.formula_weight 
_entity.pdbx_number_of_molecules 
_entity.pdbx_ec 
_entity.pdbx_mutation 
_entity.pdbx_fragment 
_entity.details 
1 polymer     man 'METHYLAMINE DEHYDROGENASE (LIGHT SUBUNIT)' 13654.172 1  1.4.99.3 ? ? ? 
2 polymer     man 'METHYLAMINE DEHYDROGENASE (HEAVY SUBUNIT)' 38031.996 1  1.4.99.3 ? ? ? 
3 non-polymer syn 'NITROGEN MOLECULE'                         28.013    1  ?        ? ? ? 
4 water       nat water                                       18.015    85 ?        ? ? ? 
# 
loop_
_entity_poly.entity_id 
_entity_poly.type 
_entity_poly.nstd_linkage 
_entity_poly.nstd_monomer 
_entity_poly.pdbx_seq_one_letter_code 
_entity_poly.pdbx_seq_one_letter_code_can 
_entity_poly.pdbx_strand_id 
_entity_poly.pdbx_target_identifier 
1 'polypeptide(L)' no yes 
;VDPRAKWQPQDNDIQACDYWRHCSIDGNICDCSGGSLTNCPPGTKLATAS(0AF)VASCYNPTDGQSYLIAYRDCCGYNV
SGRCPCLNTEGELPVYRPEFANDIIWCFGAEDDAMTYHCTISPIVGKA
;
;VDPRAKWQPQDNDIQACDYWRHCSIDGNICDCSGGSLTNCPPGTKLATASWVASCYNPTDGQSYLIAYRDCCGYNVSGRC
PCLNTEGELPVYRPEFANDIIWCFGAEDDAMTYHCTISPIVGKA
;
L ? 
2 'polypeptide(L)' no no  
;SSASAAAAAAAAALAAGAADGPTNDEAPGADGRRSYINLPAHHSAIIQQWVLDAGSGSILGHVNGGFLPNPVAAHSGSEF
ALASTSFSRIAKGKRTDYVEVFDPVTFLPIADIELPDAPRFDVGPYSWMNANTPNNADLLFFQFAAGPAVGLVVQGGSSD
DQLLSSPTCYHIHPGAPSTFYLLCAQGGLAKTDHAGGAAGAGLVGAMLTAAQNLLTQPAQANKSGRIVWPVYSGKILQAD
ISAAGATNKAPIDALSGGRKADTWRPGGWQQVAYLKSSDGIYLLTSEQSAWKLHAAAKEVTSVTGLVGQTSSQISLGHDV
DAISVAQDGGPDLYALSAGTEVLHIYDAGAGDQDQSTVELGSGPQVLSVMNEA
;
;SSASAAAAAAAAALAAGAADGPTNDEAPGADGRRSYINLPAHHSAIIQQWVLDAGSGSILGHVNGGFLPNPVAAHSGSEF
ALASTSFSRIAKGKRTDYVEVFDPVTFLPIADIELPDAPRFDVGPYSWMNANTPNNADLLFFQFAAGPAVGLVVQGGSSD
DQLLSSPTCYHIHPGAPSTFYLLCAQGGLAKTDHAGGAAGAGLVGAMLTAAQNLLTQPAQANKSGRIVWPVYSGKILQAD
ISAAGATNKAPIDALSGGRKADTWRPGGWQQVAYLKSSDGIYLLTSEQSAWKLHAAAKEVTSVTGLVGQTSSQISLGHDV
DAISVAQDGGPDLYALSAGTEVLHIYDAGAGDQDQSTVELGSGPQVLSVMNEA
;
H ? 
# 
loop_
_pdbx_entity_nonpoly.entity_id 
_pdbx_entity_nonpoly.name 
_pdbx_entity_nonpoly.comp_id 
3 'NITROGEN MOLECULE' HDZ 
4 water               HOH 
# 
loop_
_entity_poly_seq.entity_id 
_entity_poly_seq.num 
_entity_poly_seq.mon_id 
_entity_poly_seq.hetero 
1 1   VAL n 
1 2   ASP n 
1 3   PRO n 
1 4   ARG n 
1 5   ALA n 
1 6   LYS n 
1 7   TRP n 
1 8   GLN n 
1 9   PRO n 
1 10  GLN n 
1 11  ASP n 
1 12  ASN n 
1 13  ASP n 
1 14  ILE n 
1 15  GLN n 
1 16  ALA n 
1 17  CYS n 
1 18  ASP n 
1 19  TYR n 
1 20  TRP n 
1 21  ARG n 
1 22  HIS n 
1 23  CYS n 
1 24  SER n 
1 25  ILE n 
1 26  ASP n 
1 27  GLY n 
1 28  ASN n 
1 29  ILE n 
1 30  CYS n 
1 31  ASP n 
1 32  CYS n 
1 33  SER n 
1 34  GLY n 
1 35  GLY n 
1 36  SER n 
1 37  LEU n 
1 38  THR n 
1 39  ASN n 
1 40  CYS n 
1 41  PRO n 
1 42  PRO n 
1 43  GLY n 
1 44  THR n 
1 45  LYS n 
1 46  LEU n 
1 47  ALA n 
1 48  THR n 
1 49  ALA n 
1 50  SER n 
1 51  0AF n 
1 52  VAL n 
1 53  ALA n 
1 54  SER n 
1 55  CYS n 
1 56  TYR n 
1 57  ASN n 
1 58  PRO n 
1 59  THR n 
1 60  ASP n 
1 61  GLY n 
1 62  GLN n 
1 63  SER n 
1 64  TYR n 
1 65  LEU n 
1 66  ILE n 
1 67  ALA n 
1 68  TYR n 
1 69  ARG n 
1 70  ASP n 
1 71  CYS n 
1 72  CYS n 
1 73  GLY n 
1 74  TYR n 
1 75  ASN n 
1 76  VAL n 
1 77  SER n 
1 78  GLY n 
1 79  ARG n 
1 80  CYS n 
1 81  PRO n 
1 82  CYS n 
1 83  LEU n 
1 84  ASN n 
1 85  THR n 
1 86  GLU n 
1 87  GLY n 
1 88  GLU n 
1 89  LEU n 
1 90  PRO n 
1 91  VAL n 
1 92  TYR n 
1 93  ARG n 
1 94  PRO n 
1 95  GLU n 
1 96  PHE n 
1 97  ALA n 
1 98  ASN n 
1 99  ASP n 
1 100 ILE n 
1 101 ILE n 
1 102 TRP n 
1 103 CYS n 
1 104 PHE n 
1 105 GLY n 
1 106 ALA n 
1 107 GLU n 
1 108 ASP n 
1 109 ASP n 
1 110 ALA n 
1 111 MET n 
1 112 THR n 
1 113 TYR n 
1 114 HIS n 
1 115 CYS n 
1 116 THR n 
1 117 ILE n 
1 118 SER n 
1 119 PRO n 
1 120 ILE n 
1 121 VAL n 
1 122 GLY n 
1 123 LYS n 
1 124 ALA n 
2 1   SER n 
2 2   SER n 
2 3   ALA n 
2 4   SER n 
2 5   ALA n 
2 6   ALA n 
2 7   ALA n 
2 8   ALA n 
2 9   ALA n 
2 10  ALA n 
2 11  ALA n 
2 12  ALA n 
2 13  ALA n 
2 14  LEU n 
2 15  ALA n 
2 16  ALA n 
2 17  GLY n 
2 18  ALA n 
2 19  ALA n 
2 20  ASP n 
2 21  GLY n 
2 22  PRO n 
2 23  THR n 
2 24  ASN n 
2 25  ASP n 
2 26  GLU n 
2 27  ALA n 
2 28  PRO n 
2 29  GLY n 
2 30  ALA n 
2 31  ASP n 
2 32  GLY n 
2 33  ARG n 
2 34  ARG n 
2 35  SER n 
2 36  TYR n 
2 37  ILE n 
2 38  ASN n 
2 39  LEU n 
2 40  PRO n 
2 41  ALA n 
2 42  HIS n 
2 43  HIS n 
2 44  SER n 
2 45  ALA n 
2 46  ILE n 
2 47  ILE n 
2 48  GLN n 
2 49  GLN n 
2 50  TRP n 
2 51  VAL n 
2 52  LEU n 
2 53  ASP n 
2 54  ALA n 
2 55  GLY n 
2 56  SER n 
2 57  GLY n 
2 58  SER n 
2 59  ILE n 
2 60  LEU n 
2 61  GLY n 
2 62  HIS n 
2 63  VAL n 
2 64  ASN n 
2 65  GLY n 
2 66  GLY n 
2 67  PHE n 
2 68  LEU n 
2 69  PRO n 
2 70  ASN n 
2 71  PRO n 
2 72  VAL n 
2 73  ALA n 
2 74  ALA n 
2 75  HIS n 
2 76  SER n 
2 77  GLY n 
2 78  SER n 
2 79  GLU n 
2 80  PHE n 
2 81  ALA n 
2 82  LEU n 
2 83  ALA n 
2 84  SER n 
2 85  THR n 
2 86  SER n 
2 87  PHE n 
2 88  SER n 
2 89  ARG n 
2 90  ILE n 
2 91  ALA n 
2 92  LYS n 
2 93  GLY n 
2 94  LYS n 
2 95  ARG n 
2 96  THR n 
2 97  ASP n 
2 98  TYR n 
2 99  VAL n 
2 100 GLU n 
2 101 VAL n 
2 102 PHE n 
2 103 ASP n 
2 104 PRO n 
2 105 VAL n 
2 106 THR n 
2 107 PHE n 
2 108 LEU n 
2 109 PRO n 
2 110 ILE n 
2 111 ALA n 
2 112 ASP n 
2 113 ILE n 
2 114 GLU n 
2 115 LEU n 
2 116 PRO n 
2 117 ASP n 
2 118 ALA n 
2 119 PRO n 
2 120 ARG n 
2 121 PHE n 
2 122 ASP n 
2 123 VAL n 
2 124 GLY n 
2 125 PRO n 
2 126 TYR n 
2 127 SER n 
2 128 TRP n 
2 129 MET n 
2 130 ASN n 
2 131 ALA n 
2 132 ASN n 
2 133 THR n 
2 134 PRO n 
2 135 ASN n 
2 136 ASN n 
2 137 ALA n 
2 138 ASP n 
2 139 LEU n 
2 140 LEU n 
2 141 PHE n 
2 142 PHE n 
2 143 GLN n 
2 144 PHE n 
2 145 ALA n 
2 146 ALA n 
2 147 GLY n 
2 148 PRO n 
2 149 ALA n 
2 150 VAL n 
2 151 GLY n 
2 152 LEU n 
2 153 VAL n 
2 154 VAL n 
2 155 GLN n 
2 156 GLY n 
2 157 GLY n 
2 158 SER n 
2 159 SER n 
2 160 ASP n 
2 161 ASP n 
2 162 GLN n 
2 163 LEU n 
2 164 LEU n 
2 165 SER n 
2 166 SER n 
2 167 PRO n 
2 168 THR n 
2 169 CYS n 
2 170 TYR n 
2 171 HIS n 
2 172 ILE n 
2 173 HIS n 
2 174 PRO n 
2 175 GLY n 
2 176 ALA n 
2 177 PRO n 
2 178 SER n 
2 179 THR n 
2 180 PHE n 
2 181 TYR n 
2 182 LEU n 
2 183 LEU n 
2 184 CYS n 
2 185 ALA n 
2 186 GLN n 
2 187 GLY n 
2 188 GLY n 
2 189 LEU n 
2 190 ALA n 
2 191 LYS n 
2 192 THR n 
2 193 ASP n 
2 194 HIS n 
2 195 ALA n 
2 196 GLY n 
2 197 GLY n 
2 198 ALA n 
2 199 ALA n 
2 200 GLY n 
2 201 ALA n 
2 202 GLY n 
2 203 LEU n 
2 204 VAL n 
2 205 GLY n 
2 206 ALA n 
2 207 MET n 
2 208 LEU n 
2 209 THR n 
2 210 ALA n 
2 211 ALA n 
2 212 GLN n 
2 213 ASN n 
2 214 LEU n 
2 215 LEU n 
2 216 THR n 
2 217 GLN n 
2 218 PRO n 
2 219 ALA n 
2 220 GLN n 
2 221 ALA n 
2 222 ASN n 
2 223 LYS n 
2 224 SER n 
2 225 GLY n 
2 226 ARG n 
2 227 ILE n 
2 228 VAL n 
2 229 TRP n 
2 230 PRO n 
2 231 VAL n 
2 232 TYR n 
2 233 SER n 
2 234 GLY n 
2 235 LYS n 
2 236 ILE n 
2 237 LEU n 
2 238 GLN n 
2 239 ALA n 
2 240 ASP n 
2 241 ILE n 
2 242 SER n 
2 243 ALA n 
2 244 ALA n 
2 245 GLY n 
2 246 ALA n 
2 247 THR n 
2 248 ASN n 
2 249 LYS n 
2 250 ALA n 
2 251 PRO n 
2 252 ILE n 
2 253 ASP n 
2 254 ALA n 
2 255 LEU n 
2 256 SER n 
2 257 GLY n 
2 258 GLY n 
2 259 ARG n 
2 260 LYS n 
2 261 ALA n 
2 262 ASP n 
2 263 THR n 
2 264 TRP n 
2 265 ARG n 
2 266 PRO n 
2 267 GLY n 
2 268 GLY n 
2 269 TRP n 
2 270 GLN n 
2 271 GLN n 
2 272 VAL n 
2 273 ALA n 
2 274 TYR n 
2 275 LEU n 
2 276 LYS n 
2 277 SER n 
2 278 SER n 
2 279 ASP n 
2 280 GLY n 
2 281 ILE n 
2 282 TYR n 
2 283 LEU n 
2 284 LEU n 
2 285 THR n 
2 286 SER n 
2 287 GLU n 
2 288 GLN n 
2 289 SER n 
2 290 ALA n 
2 291 TRP n 
2 292 LYS n 
2 293 LEU n 
2 294 HIS n 
2 295 ALA n 
2 296 ALA n 
2 297 ALA n 
2 298 LYS n 
2 299 GLU n 
2 300 VAL n 
2 301 THR n 
2 302 SER n 
2 303 VAL n 
2 304 THR n 
2 305 GLY n 
2 306 LEU n 
2 307 VAL n 
2 308 GLY n 
2 309 GLN n 
2 310 THR n 
2 311 SER n 
2 312 SER n 
2 313 GLN n 
2 314 ILE n 
2 315 SER n 
2 316 LEU n 
2 317 GLY n 
2 318 HIS n 
2 319 ASP n 
2 320 VAL n 
2 321 ASP n 
2 322 ALA n 
2 323 ILE n 
2 324 SER n 
2 325 VAL n 
2 326 ALA n 
2 327 GLN n 
2 328 ASP n 
2 329 GLY n 
2 330 GLY n 
2 331 PRO n 
2 332 ASP n 
2 333 LEU n 
2 334 TYR n 
2 335 ALA n 
2 336 LEU n 
2 337 SER n 
2 338 ALA n 
2 339 GLY n 
2 340 THR n 
2 341 GLU n 
2 342 VAL n 
2 343 LEU n 
2 344 HIS n 
2 345 ILE n 
2 346 TYR n 
2 347 ASP n 
2 348 ALA n 
2 349 GLY n 
2 350 ALA n 
2 351 GLY n 
2 352 ASP n 
2 353 GLN n 
2 354 ASP n 
2 355 GLN n 
2 356 SER n 
2 357 THR n 
2 358 VAL n 
2 359 GLU n 
2 360 LEU n 
2 361 GLY n 
2 362 SER n 
2 363 GLY n 
2 364 PRO n 
2 365 GLN n 
2 366 VAL n 
2 367 LEU n 
2 368 SER n 
2 369 VAL n 
2 370 MET n 
2 371 ASN n 
2 372 GLU n 
2 373 ALA n 
# 
loop_
_entity_src_gen.entity_id 
_entity_src_gen.pdbx_src_id 
_entity_src_gen.pdbx_alt_source_flag 
_entity_src_gen.pdbx_seq_type 
_entity_src_gen.pdbx_beg_seq_num 
_entity_src_gen.pdbx_end_seq_num 
_entity_src_gen.gene_src_common_name 
_entity_src_gen.gene_src_genus 
_entity_src_gen.pdbx_gene_src_gene 
_entity_src_gen.gene_src_species 
_entity_src_gen.gene_src_strain 
_entity_src_gen.gene_src_tissue 
_entity_src_gen.gene_src_tissue_fraction 
_entity_src_gen.gene_src_details 
_entity_src_gen.pdbx_gene_src_fragment 
_entity_src_gen.pdbx_gene_src_scientific_name 
_entity_src_gen.pdbx_gene_src_ncbi_taxonomy_id 
_entity_src_gen.pdbx_gene_src_variant 
_entity_src_gen.pdbx_gene_src_cell_line 
_entity_src_gen.pdbx_gene_src_atcc 
_entity_src_gen.pdbx_gene_src_organ 
_entity_src_gen.pdbx_gene_src_organelle 
_entity_src_gen.pdbx_gene_src_cell 
_entity_src_gen.pdbx_gene_src_cellular_location 
_entity_src_gen.host_org_common_name 
_entity_src_gen.pdbx_host_org_scientific_name 
_entity_src_gen.pdbx_host_org_ncbi_taxonomy_id 
_entity_src_gen.host_org_genus 
_entity_src_gen.pdbx_host_org_gene 
_entity_src_gen.pdbx_host_org_organ 
_entity_src_gen.host_org_species 
_entity_src_gen.pdbx_host_org_tissue 
_entity_src_gen.pdbx_host_org_tissue_fraction 
_entity_src_gen.pdbx_host_org_strain 
_entity_src_gen.pdbx_host_org_variant 
_entity_src_gen.pdbx_host_org_cell_line 
_entity_src_gen.pdbx_host_org_atcc 
_entity_src_gen.pdbx_host_org_culture_collection 
_entity_src_gen.pdbx_host_org_cell 
_entity_src_gen.pdbx_host_org_organelle 
_entity_src_gen.pdbx_host_org_cellular_location 
_entity_src_gen.pdbx_host_org_vector_type 
_entity_src_gen.pdbx_host_org_vector 
_entity_src_gen.host_org_details 
_entity_src_gen.expression_system_id 
_entity_src_gen.plasmid_name 
_entity_src_gen.plasmid_details 
_entity_src_gen.pdbx_description 
1 1 sample ? ? ? ? ? ? ? ? ? ? ? ? 'Paracoccus versutus' 34007 ? ? ? ? ? ? ? ? ? ? ? ? ? ? ? ? ? ? ? ? ? ? ? ? ? ? ? ? ? ? ? 
2 1 sample ? ? ? ? ? ? ? ? ? ? ? ? 'Paracoccus versutus' 34007 ? ? ? ? ? ? ? ? ? ? ? ? ? ? ? ? ? ? ? ? ? ? ? ? ? ? ? ? ? ? ? 
# 
loop_
_chem_comp.id 
_chem_comp.type 
_chem_comp.mon_nstd_flag 
_chem_comp.name 
_chem_comp.pdbx_synonyms 
_chem_comp.formula 
_chem_comp.formula_weight 
0AF 'L-peptide linking' n 7-hydroxy-L-tryptophan ? 'C11 H12 N2 O3'  220.225 
ALA 'L-peptide linking' y ALANINE                ? 'C3 H7 N O2'     89.093  
ARG 'L-peptide linking' y ARGININE               ? 'C6 H15 N4 O2 1' 175.209 
ASN 'L-peptide linking' y ASPARAGINE             ? 'C4 H8 N2 O3'    132.118 
ASP 'L-peptide linking' y 'ASPARTIC ACID'        ? 'C4 H7 N O4'     133.103 
CYS 'L-peptide linking' y CYSTEINE               ? 'C3 H7 N O2 S'   121.158 
GLN 'L-peptide linking' y GLUTAMINE              ? 'C5 H10 N2 O3'   146.144 
GLU 'L-peptide linking' y 'GLUTAMIC ACID'        ? 'C5 H9 N O4'     147.129 
GLY 'peptide linking'   y GLYCINE                ? 'C2 H5 N O2'     75.067  
HDZ non-polymer         . 'NITROGEN MOLECULE'    ? N2               28.013  
HIS 'L-peptide linking' y HISTIDINE              ? 'C6 H10 N3 O2 1' 156.162 
HOH non-polymer         . WATER                  ? 'H2 O'           18.015  
ILE 'L-peptide linking' y ISOLEUCINE             ? 'C6 H13 N O2'    131.173 
LEU 'L-peptide linking' y LEUCINE                ? 'C6 H13 N O2'    131.173 
LYS 'L-peptide linking' y LYSINE                 ? 'C6 H15 N2 O2 1' 147.195 
MET 'L-peptide linking' y METHIONINE             ? 'C5 H11 N O2 S'  149.211 
PHE 'L-peptide linking' y PHENYLALANINE          ? 'C9 H11 N O2'    165.189 
PRO 'L-peptide linking' y PROLINE                ? 'C5 H9 N O2'     115.130 
SER 'L-peptide linking' y SERINE                 ? 'C3 H7 N O3'     105.093 
THR 'L-peptide linking' y THREONINE              ? 'C4 H9 N O3'     119.119 
TRP 'L-peptide linking' y TRYPTOPHAN             ? 'C11 H12 N2 O2'  204.225 
TYR 'L-peptide linking' y TYROSINE               ? 'C9 H11 N O3'    181.189 
VAL 'L-peptide linking' y VALINE                 ? 'C5 H11 N O2'    117.146 
# 
loop_
_pdbx_poly_seq_scheme.asym_id 
_pdbx_poly_seq_scheme.entity_id 
_pdbx_poly_seq_scheme.seq_id 
_pdbx_poly_seq_scheme.mon_id 
_pdbx_poly_seq_scheme.ndb_seq_num 
_pdbx_poly_seq_scheme.pdb_seq_num 
_pdbx_poly_seq_scheme.auth_seq_num 
_pdbx_poly_seq_scheme.pdb_mon_id 
_pdbx_poly_seq_scheme.auth_mon_id 
_pdbx_poly_seq_scheme.pdb_strand_id 
_pdbx_poly_seq_scheme.pdb_ins_code 
_pdbx_poly_seq_scheme.hetero 
A 1 1   VAL 1   7   7   VAL VAL L . n 
A 1 2   ASP 2   8   8   ASP ASP L . n 
A 1 3   PRO 3   9   9   PRO PRO L . n 
A 1 4   ARG 4   10  10  ARG ARG L . n 
A 1 5   ALA 5   11  11  ALA ALA L . n 
A 1 6   LYS 6   12  12  LYS LYS L . n 
A 1 7   TRP 7   13  13  TRP TRP L . n 
A 1 8   GLN 8   14  14  GLN GLN L . n 
A 1 9   PRO 9   15  15  PRO PRO L . n 
A 1 10  GLN 10  16  16  GLN GLN L . n 
A 1 11  ASP 11  17  17  ASP ASP L . n 
A 1 12  ASN 12  18  18  ASN ASN L . n 
A 1 13  ASP 13  19  19  ASP ASP L . n 
A 1 14  ILE 14  20  20  ILE ILE L . n 
A 1 15  GLN 15  21  21  GLN GLN L . n 
A 1 16  ALA 16  22  22  ALA ALA L . n 
A 1 17  CYS 17  23  23  CYS CYS L . n 
A 1 18  ASP 18  24  24  ASP ASP L . n 
A 1 19  TYR 19  25  25  TYR TYR L . n 
A 1 20  TRP 20  26  26  TRP TRP L . n 
A 1 21  ARG 21  27  27  ARG ARG L . n 
A 1 22  HIS 22  28  28  HIS HIS L . n 
A 1 23  CYS 23  29  29  CYS CYS L . n 
A 1 24  SER 24  30  30  SER SER L . n 
A 1 25  ILE 25  31  31  ILE ILE L . n 
A 1 26  ASP 26  32  32  ASP ASP L . n 
A 1 27  GLY 27  33  33  GLY GLY L . n 
A 1 28  ASN 28  34  34  ASN ASN L . n 
A 1 29  ILE 29  35  35  ILE ILE L . n 
A 1 30  CYS 30  36  36  CYS CYS L . n 
A 1 31  ASP 31  37  37  ASP ASP L . n 
A 1 32  CYS 32  38  38  CYS CYS L . n 
A 1 33  SER 33  39  39  SER SER L . n 
A 1 34  GLY 34  40  40  GLY GLY L . n 
A 1 35  GLY 35  41  41  GLY GLY L . n 
A 1 36  SER 36  42  42  SER SER L . n 
A 1 37  LEU 37  43  43  LEU LEU L . n 
A 1 38  THR 38  44  44  THR THR L . n 
A 1 39  ASN 39  45  45  ASN ASN L . n 
A 1 40  CYS 40  46  46  CYS CYS L . n 
A 1 41  PRO 41  47  47  PRO PRO L . n 
A 1 42  PRO 42  48  48  PRO PRO L . n 
A 1 43  GLY 43  49  49  GLY GLY L . n 
A 1 44  THR 44  50  50  THR THR L . n 
A 1 45  LYS 45  51  51  LYS LYS L . n 
A 1 46  LEU 46  52  52  LEU LEU L . n 
A 1 47  ALA 47  53  53  ALA ALA L . n 
A 1 48  THR 48  54  54  THR THR L . n 
A 1 49  ALA 49  55  55  ALA ALA L . n 
A 1 50  SER 50  56  56  SER SER L . n 
A 1 51  0AF 51  57  57  0AF 0AF L . n 
A 1 52  VAL 52  58  58  VAL VAL L . n 
A 1 53  ALA 53  59  59  ALA ALA L . n 
A 1 54  SER 54  60  60  SER SER L . n 
A 1 55  CYS 55  61  61  CYS CYS L . n 
A 1 56  TYR 56  62  62  TYR TYR L . n 
A 1 57  ASN 57  63  63  ASN ASN L . n 
A 1 58  PRO 58  64  64  PRO PRO L . n 
A 1 59  THR 59  65  65  THR THR L . n 
A 1 60  ASP 60  66  66  ASP ASP L . n 
A 1 61  GLY 61  67  67  GLY GLY L . n 
A 1 62  GLN 62  68  68  GLN GLN L . n 
A 1 63  SER 63  69  69  SER SER L . n 
A 1 64  TYR 64  70  70  TYR TYR L . n 
A 1 65  LEU 65  71  71  LEU LEU L . n 
A 1 66  ILE 66  72  72  ILE ILE L . n 
A 1 67  ALA 67  73  73  ALA ALA L . n 
A 1 68  TYR 68  74  74  TYR TYR L . n 
A 1 69  ARG 69  75  75  ARG ARG L . n 
A 1 70  ASP 70  76  76  ASP ASP L . n 
A 1 71  CYS 71  77  77  CYS CYS L . n 
A 1 72  CYS 72  78  78  CYS CYS L . n 
A 1 73  GLY 73  79  79  GLY GLY L . n 
A 1 74  TYR 74  80  80  TYR TYR L . n 
A 1 75  ASN 75  81  81  ASN ASN L . n 
A 1 76  VAL 76  82  82  VAL VAL L . n 
A 1 77  SER 77  83  83  SER SER L . n 
A 1 78  GLY 78  84  84  GLY GLY L . n 
A 1 79  ARG 79  85  85  ARG ARG L . n 
A 1 80  CYS 80  86  86  CYS CYS L . n 
A 1 81  PRO 81  87  87  PRO PRO L . n 
A 1 82  CYS 82  88  88  CYS CYS L . n 
A 1 83  LEU 83  89  89  LEU LEU L . n 
A 1 84  ASN 84  90  90  ASN ASN L . n 
A 1 85  THR 85  91  91  THR THR L . n 
A 1 86  GLU 86  92  92  GLU GLU L . n 
A 1 87  GLY 87  93  93  GLY GLY L . n 
A 1 88  GLU 88  94  94  GLU GLU L . n 
A 1 89  LEU 89  95  95  LEU LEU L . n 
A 1 90  PRO 90  96  96  PRO PRO L . n 
A 1 91  VAL 91  97  97  VAL VAL L . n 
A 1 92  TYR 92  98  98  TYR TYR L . n 
A 1 93  ARG 93  99  99  ARG ARG L . n 
A 1 94  PRO 94  100 100 PRO PRO L . n 
A 1 95  GLU 95  101 101 GLU GLU L . n 
A 1 96  PHE 96  102 102 PHE PHE L . n 
A 1 97  ALA 97  103 103 ALA ALA L . n 
A 1 98  ASN 98  104 104 ASN ASN L . n 
A 1 99  ASP 99  105 105 ASP ASP L . n 
A 1 100 ILE 100 106 106 ILE ILE L . n 
A 1 101 ILE 101 107 107 ILE ILE L . n 
A 1 102 TRP 102 108 108 TRP TRP L . n 
A 1 103 CYS 103 109 109 CYS CYS L . n 
A 1 104 PHE 104 110 110 PHE PHE L . n 
A 1 105 GLY 105 111 111 GLY GLY L . n 
A 1 106 ALA 106 112 112 ALA ALA L . n 
A 1 107 GLU 107 113 113 GLU GLU L . n 
A 1 108 ASP 108 114 114 ASP ASP L . n 
A 1 109 ASP 109 115 115 ASP ASP L . n 
A 1 110 ALA 110 116 116 ALA ALA L . n 
A 1 111 MET 111 117 117 MET MET L . n 
A 1 112 THR 112 118 118 THR THR L . n 
A 1 113 TYR 113 119 119 TYR TYR L . n 
A 1 114 HIS 114 120 120 HIS HIS L . n 
A 1 115 CYS 115 121 121 CYS CYS L . n 
A 1 116 THR 116 122 122 THR THR L . n 
A 1 117 ILE 117 123 123 ILE ILE L . n 
A 1 118 SER 118 124 124 SER SER L . n 
A 1 119 PRO 119 125 125 PRO PRO L . n 
A 1 120 ILE 120 126 126 ILE ILE L . n 
A 1 121 VAL 121 127 127 VAL VAL L . n 
A 1 122 GLY 122 128 128 GLY GLY L . n 
A 1 123 LYS 123 129 129 LYS LYS L . n 
A 1 124 ALA 124 130 130 ALA ALA L . n 
B 2 1   SER 1   1   1   SER SER H . n 
B 2 2   SER 2   2   2   SER SER H . n 
B 2 3   ALA 3   3   3   ALA ALA H . n 
B 2 4   SER 4   4   4   SER SER H . n 
B 2 5   ALA 5   5   5   ALA ALA H . n 
B 2 6   ALA 6   6   6   ALA ALA H . n 
B 2 7   ALA 7   7   7   ALA ALA H . n 
B 2 8   ALA 8   8   8   ALA ALA H . n 
B 2 9   ALA 9   9   9   ALA ALA H . n 
B 2 10  ALA 10  10  10  ALA ALA H . n 
B 2 11  ALA 11  11  11  ALA ALA H . n 
B 2 12  ALA 12  12  12  ALA ALA H . n 
B 2 13  ALA 13  13  13  ALA ALA H . n 
B 2 14  LEU 14  14  14  LEU LEU H . n 
B 2 15  ALA 15  15  15  ALA ALA H . n 
B 2 16  ALA 16  16  16  ALA ALA H . n 
B 2 17  GLY 17  17  17  GLY GLY H . n 
B 2 18  ALA 18  18  18  ALA ALA H . n 
B 2 19  ALA 19  19  19  ALA ALA H . n 
B 2 20  ASP 20  20  20  ASP ASP H . n 
B 2 21  GLY 21  21  21  GLY GLY H . n 
B 2 22  PRO 22  22  22  PRO PRO H . n 
B 2 23  THR 23  23  23  THR THR H . n 
B 2 24  ASN 24  24  24  ASN ASN H . n 
B 2 25  ASP 25  25  25  ASP ASP H . n 
B 2 26  GLU 26  26  26  GLU GLU H . n 
B 2 27  ALA 27  27  27  ALA ALA H . n 
B 2 28  PRO 28  28  28  PRO PRO H . n 
B 2 29  GLY 29  29  29  GLY GLY H . n 
B 2 30  ALA 30  30  30  ALA ALA H . n 
B 2 31  ASP 31  31  31  ASP ASP H . n 
B 2 32  GLY 32  32  32  GLY GLY H . n 
B 2 33  ARG 33  33  33  ARG ARG H . n 
B 2 34  ARG 34  34  34  ARG ARG H . n 
B 2 35  SER 35  35  35  SER SER H . n 
B 2 36  TYR 36  36  36  TYR TYR H . n 
B 2 37  ILE 37  37  37  ILE ILE H . n 
B 2 38  ASN 38  38  38  ASN ASN H . n 
B 2 39  LEU 39  39  39  LEU LEU H . n 
B 2 40  PRO 40  40  40  PRO PRO H . n 
B 2 41  ALA 41  41  41  ALA ALA H . n 
B 2 42  HIS 42  42  42  HIS HIS H . n 
B 2 43  HIS 43  43  43  HIS HIS H . n 
B 2 44  SER 44  44  44  SER SER H . n 
B 2 45  ALA 45  45  45  ALA ALA H . n 
B 2 46  ILE 46  46  46  ILE ILE H . n 
B 2 47  ILE 47  47  47  ILE ILE H . n 
B 2 48  GLN 48  48  48  GLN GLN H . n 
B 2 49  GLN 49  49  49  GLN GLN H . n 
B 2 50  TRP 50  50  50  TRP TRP H . n 
B 2 51  VAL 51  51  51  VAL VAL H . n 
B 2 52  LEU 52  52  52  LEU LEU H . n 
B 2 53  ASP 53  53  53  ASP ASP H . n 
B 2 54  ALA 54  54  54  ALA ALA H . n 
B 2 55  GLY 55  55  55  GLY GLY H . n 
B 2 56  SER 56  56  56  SER SER H . n 
B 2 57  GLY 57  57  57  GLY GLY H . n 
B 2 58  SER 58  58  58  SER SER H . n 
B 2 59  ILE 59  59  59  ILE ILE H . n 
B 2 60  LEU 60  60  60  LEU LEU H . n 
B 2 61  GLY 61  61  61  GLY GLY H . n 
B 2 62  HIS 62  62  62  HIS HIS H . n 
B 2 63  VAL 63  63  63  VAL VAL H . n 
B 2 64  ASN 64  64  64  ASN ASN H . n 
B 2 65  GLY 65  65  65  GLY GLY H . n 
B 2 66  GLY 66  66  66  GLY GLY H . n 
B 2 67  PHE 67  67  67  PHE PHE H . n 
B 2 68  LEU 68  68  68  LEU LEU H . n 
B 2 69  PRO 69  69  69  PRO PRO H . n 
B 2 70  ASN 70  70  70  ASN ASN H . n 
B 2 71  PRO 71  71  71  PRO PRO H . n 
B 2 72  VAL 72  72  72  VAL VAL H . n 
B 2 73  ALA 73  73  73  ALA ALA H . n 
B 2 74  ALA 74  74  74  ALA ALA H . n 
B 2 75  HIS 75  75  75  HIS HIS H . n 
B 2 76  SER 76  76  76  SER SER H . n 
B 2 77  GLY 77  77  77  GLY GLY H . n 
B 2 78  SER 78  78  78  SER SER H . n 
B 2 79  GLU 79  79  79  GLU GLU H . n 
B 2 80  PHE 80  80  80  PHE PHE H . n 
B 2 81  ALA 81  81  81  ALA ALA H . n 
B 2 82  LEU 82  82  82  LEU LEU H . n 
B 2 83  ALA 83  83  83  ALA ALA H . n 
B 2 84  SER 84  84  84  SER SER H . n 
B 2 85  THR 85  85  85  THR THR H . n 
B 2 86  SER 86  86  86  SER SER H . n 
B 2 87  PHE 87  87  87  PHE PHE H . n 
B 2 88  SER 88  88  88  SER SER H . n 
B 2 89  ARG 89  89  89  ARG ARG H . n 
B 2 90  ILE 90  90  90  ILE ILE H . n 
B 2 91  ALA 91  91  91  ALA ALA H . n 
B 2 92  LYS 92  92  92  LYS LYS H . n 
B 2 93  GLY 93  93  93  GLY GLY H . n 
B 2 94  LYS 94  94  94  LYS LYS H . n 
B 2 95  ARG 95  95  95  ARG ARG H . n 
B 2 96  THR 96  96  96  THR THR H . n 
B 2 97  ASP 97  97  97  ASP ASP H . n 
B 2 98  TYR 98  98  98  TYR TYR H . n 
B 2 99  VAL 99  99  99  VAL VAL H . n 
B 2 100 GLU 100 100 100 GLU GLU H . n 
B 2 101 VAL 101 101 101 VAL VAL H . n 
B 2 102 PHE 102 102 102 PHE PHE H . n 
B 2 103 ASP 103 103 103 ASP ASP H . n 
B 2 104 PRO 104 104 104 PRO PRO H . n 
B 2 105 VAL 105 105 105 VAL VAL H . n 
B 2 106 THR 106 106 106 THR THR H . n 
B 2 107 PHE 107 107 107 PHE PHE H . n 
B 2 108 LEU 108 108 108 LEU LEU H . n 
B 2 109 PRO 109 109 109 PRO PRO H . n 
B 2 110 ILE 110 110 110 ILE ILE H . n 
B 2 111 ALA 111 111 111 ALA ALA H . n 
B 2 112 ASP 112 112 112 ASP ASP H . n 
B 2 113 ILE 113 113 113 ILE ILE H . n 
B 2 114 GLU 114 114 114 GLU GLU H . n 
B 2 115 LEU 115 115 115 LEU LEU H . n 
B 2 116 PRO 116 116 116 PRO PRO H . n 
B 2 117 ASP 117 117 117 ASP ASP H . n 
B 2 118 ALA 118 118 118 ALA ALA H . n 
B 2 119 PRO 119 119 119 PRO PRO H . n 
B 2 120 ARG 120 120 120 ARG ARG H . n 
B 2 121 PHE 121 121 121 PHE PHE H . n 
B 2 122 ASP 122 122 122 ASP ASP H . n 
B 2 123 VAL 123 123 123 VAL VAL H . n 
B 2 124 GLY 124 124 124 GLY GLY H . n 
B 2 125 PRO 125 125 125 PRO PRO H . n 
B 2 126 TYR 126 126 126 TYR TYR H . n 
B 2 127 SER 127 127 127 SER SER H . n 
B 2 128 TRP 128 128 128 TRP TRP H . n 
B 2 129 MET 129 129 129 MET MET H . n 
B 2 130 ASN 130 130 130 ASN ASN H . n 
B 2 131 ALA 131 131 131 ALA ALA H . n 
B 2 132 ASN 132 132 132 ASN ASN H . n 
B 2 133 THR 133 133 133 THR THR H . n 
B 2 134 PRO 134 134 134 PRO PRO H . n 
B 2 135 ASN 135 135 135 ASN ASN H . n 
B 2 136 ASN 136 136 136 ASN ASN H . n 
B 2 137 ALA 137 137 137 ALA ALA H . n 
B 2 138 ASP 138 138 138 ASP ASP H . n 
B 2 139 LEU 139 139 139 LEU LEU H . n 
B 2 140 LEU 140 140 140 LEU LEU H . n 
B 2 141 PHE 141 141 141 PHE PHE H . n 
B 2 142 PHE 142 142 142 PHE PHE H . n 
B 2 143 GLN 143 143 143 GLN GLN H . n 
B 2 144 PHE 144 144 144 PHE PHE H . n 
B 2 145 ALA 145 145 145 ALA ALA H . n 
B 2 146 ALA 146 146 146 ALA ALA H . n 
B 2 147 GLY 147 147 147 GLY GLY H . n 
B 2 148 PRO 148 148 148 PRO PRO H . n 
B 2 149 ALA 149 149 149 ALA ALA H . n 
B 2 150 VAL 150 150 150 VAL VAL H . n 
B 2 151 GLY 151 151 151 GLY GLY H . n 
B 2 152 LEU 152 152 152 LEU LEU H . n 
B 2 153 VAL 153 153 153 VAL VAL H . n 
B 2 154 VAL 154 154 154 VAL VAL H . n 
B 2 155 GLN 155 155 155 GLN GLN H . n 
B 2 156 GLY 156 156 156 GLY GLY H . n 
B 2 157 GLY 157 157 157 GLY GLY H . n 
B 2 158 SER 158 158 158 SER SER H . n 
B 2 159 SER 159 159 159 SER SER H . n 
B 2 160 ASP 160 160 160 ASP ASP H . n 
B 2 161 ASP 161 161 161 ASP ASP H . n 
B 2 162 GLN 162 162 162 GLN GLN H . n 
B 2 163 LEU 163 163 163 LEU LEU H . n 
B 2 164 LEU 164 164 164 LEU LEU H . n 
B 2 165 SER 165 165 165 SER SER H . n 
B 2 166 SER 166 166 166 SER SER H . n 
B 2 167 PRO 167 167 167 PRO PRO H . n 
B 2 168 THR 168 168 168 THR THR H . n 
B 2 169 CYS 169 169 169 CYS CYS H . n 
B 2 170 TYR 170 170 170 TYR TYR H . n 
B 2 171 HIS 171 171 171 HIS HIS H . n 
B 2 172 ILE 172 172 172 ILE ILE H . n 
B 2 173 HIS 173 173 173 HIS HIS H . n 
B 2 174 PRO 174 174 174 PRO PRO H . n 
B 2 175 GLY 175 175 175 GLY GLY H . n 
B 2 176 ALA 176 176 176 ALA ALA H . n 
B 2 177 PRO 177 177 177 PRO PRO H . n 
B 2 178 SER 178 178 178 SER SER H . n 
B 2 179 THR 179 179 179 THR THR H . n 
B 2 180 PHE 180 180 180 PHE PHE H . n 
B 2 181 TYR 181 181 181 TYR TYR H . n 
B 2 182 LEU 182 182 182 LEU LEU H . n 
B 2 183 LEU 183 183 183 LEU LEU H . n 
B 2 184 CYS 184 184 184 CYS CYS H . n 
B 2 185 ALA 185 185 185 ALA ALA H . n 
B 2 186 GLN 186 186 186 GLN GLN H . n 
B 2 187 GLY 187 187 187 GLY GLY H . n 
B 2 188 GLY 188 188 188 GLY GLY H . n 
B 2 189 LEU 189 189 189 LEU LEU H . n 
B 2 190 ALA 190 190 190 ALA ALA H . n 
B 2 191 LYS 191 191 191 LYS LYS H . n 
B 2 192 THR 192 192 192 THR THR H . n 
B 2 193 ASP 193 193 193 ASP ASP H . n 
B 2 194 HIS 194 194 194 HIS HIS H . n 
B 2 195 ALA 195 195 195 ALA ALA H . n 
B 2 196 GLY 196 196 196 GLY GLY H . n 
B 2 197 GLY 197 197 197 GLY GLY H . n 
B 2 198 ALA 198 198 198 ALA ALA H . n 
B 2 199 ALA 199 199 199 ALA ALA H . n 
B 2 200 GLY 200 200 200 GLY GLY H . n 
B 2 201 ALA 201 201 201 ALA ALA H . n 
B 2 202 GLY 202 202 202 GLY GLY H . n 
B 2 203 LEU 203 203 203 LEU LEU H . n 
B 2 204 VAL 204 204 204 VAL VAL H . n 
B 2 205 GLY 205 205 205 GLY GLY H . n 
B 2 206 ALA 206 206 206 ALA ALA H . n 
B 2 207 MET 207 207 207 MET MET H . n 
B 2 208 LEU 208 208 208 LEU LEU H . n 
B 2 209 THR 209 209 209 THR THR H . n 
B 2 210 ALA 210 210 210 ALA ALA H . n 
B 2 211 ALA 211 211 211 ALA ALA H . n 
B 2 212 GLN 212 212 212 GLN GLN H . n 
B 2 213 ASN 213 213 213 ASN ASN H . n 
B 2 214 LEU 214 214 214 LEU LEU H . n 
B 2 215 LEU 215 215 215 LEU LEU H . n 
B 2 216 THR 216 216 216 THR THR H . n 
B 2 217 GLN 217 217 217 GLN GLN H . n 
B 2 218 PRO 218 218 218 PRO PRO H . n 
B 2 219 ALA 219 219 219 ALA ALA H . n 
B 2 220 GLN 220 220 220 GLN GLN H . n 
B 2 221 ALA 221 221 221 ALA ALA H . n 
B 2 222 ASN 222 222 222 ASN ASN H . n 
B 2 223 LYS 223 223 223 LYS LYS H . n 
B 2 224 SER 224 224 224 SER SER H . n 
B 2 225 GLY 225 225 225 GLY GLY H . n 
B 2 226 ARG 226 226 226 ARG ARG H . n 
B 2 227 ILE 227 227 227 ILE ILE H . n 
B 2 228 VAL 228 228 228 VAL VAL H . n 
B 2 229 TRP 229 229 229 TRP TRP H . n 
B 2 230 PRO 230 230 230 PRO PRO H . n 
B 2 231 VAL 231 231 231 VAL VAL H . n 
B 2 232 TYR 232 232 232 TYR TYR H . n 
B 2 233 SER 233 233 233 SER SER H . n 
B 2 234 GLY 234 234 234 GLY GLY H . n 
B 2 235 LYS 235 235 235 LYS LYS H . n 
B 2 236 ILE 236 236 236 ILE ILE H . n 
B 2 237 LEU 237 237 237 LEU LEU H . n 
B 2 238 GLN 238 238 238 GLN GLN H . n 
B 2 239 ALA 239 239 239 ALA ALA H . n 
B 2 240 ASP 240 240 240 ASP ASP H . n 
B 2 241 ILE 241 241 241 ILE ILE H . n 
B 2 242 SER 242 242 242 SER SER H . n 
B 2 243 ALA 243 243 243 ALA ALA H . n 
B 2 244 ALA 244 244 244 ALA ALA H . n 
B 2 245 GLY 245 245 245 GLY GLY H . n 
B 2 246 ALA 246 246 246 ALA ALA H . n 
B 2 247 THR 247 247 247 THR THR H . n 
B 2 248 ASN 248 248 248 ASN ASN H . n 
B 2 249 LYS 249 249 249 LYS LYS H . n 
B 2 250 ALA 250 250 250 ALA ALA H . n 
B 2 251 PRO 251 251 251 PRO PRO H . n 
B 2 252 ILE 252 252 252 ILE ILE H . n 
B 2 253 ASP 253 253 253 ASP ASP H . n 
B 2 254 ALA 254 254 254 ALA ALA H . n 
B 2 255 LEU 255 255 255 LEU LEU H . n 
B 2 256 SER 256 256 256 SER SER H . n 
B 2 257 GLY 257 257 257 GLY GLY H . n 
B 2 258 GLY 258 258 258 GLY GLY H . n 
B 2 259 ARG 259 259 259 ARG ARG H . n 
B 2 260 LYS 260 260 260 LYS LYS H . n 
B 2 261 ALA 261 261 261 ALA ALA H . n 
B 2 262 ASP 262 262 262 ASP ASP H . n 
B 2 263 THR 263 263 263 THR THR H . n 
B 2 264 TRP 264 264 264 TRP TRP H . n 
B 2 265 ARG 265 265 265 ARG ARG H . n 
B 2 266 PRO 266 266 266 PRO PRO H . n 
B 2 267 GLY 267 267 267 GLY GLY H . n 
B 2 268 GLY 268 268 268 GLY GLY H . n 
B 2 269 TRP 269 269 269 TRP TRP H . n 
B 2 270 GLN 270 270 270 GLN GLN H . n 
B 2 271 GLN 271 271 271 GLN GLN H . n 
B 2 272 VAL 272 272 272 VAL VAL H . n 
B 2 273 ALA 273 273 273 ALA ALA H . n 
B 2 274 TYR 274 274 274 TYR TYR H . n 
B 2 275 LEU 275 275 275 LEU LEU H . n 
B 2 276 LYS 276 276 276 LYS LYS H . n 
B 2 277 SER 277 277 277 SER SER H . n 
B 2 278 SER 278 278 278 SER SER H . n 
B 2 279 ASP 279 279 279 ASP ASP H . n 
B 2 280 GLY 280 280 280 GLY GLY H . n 
B 2 281 ILE 281 281 281 ILE ILE H . n 
B 2 282 TYR 282 282 282 TYR TYR H . n 
B 2 283 LEU 283 283 283 LEU LEU H . n 
B 2 284 LEU 284 284 284 LEU LEU H . n 
B 2 285 THR 285 285 285 THR THR H . n 
B 2 286 SER 286 286 286 SER SER H . n 
B 2 287 GLU 287 287 287 GLU GLU H . n 
B 2 288 GLN 288 288 288 GLN GLN H . n 
B 2 289 SER 289 289 289 SER SER H . n 
B 2 290 ALA 290 290 290 ALA ALA H . n 
B 2 291 TRP 291 291 291 TRP TRP H . n 
B 2 292 LYS 292 292 292 LYS LYS H . n 
B 2 293 LEU 293 293 293 LEU LEU H . n 
B 2 294 HIS 294 294 294 HIS HIS H . n 
B 2 295 ALA 295 295 295 ALA ALA H . n 
B 2 296 ALA 296 296 296 ALA ALA H . n 
B 2 297 ALA 297 297 297 ALA ALA H . n 
B 2 298 LYS 298 298 298 LYS LYS H . n 
B 2 299 GLU 299 299 299 GLU GLU H . n 
B 2 300 VAL 300 300 300 VAL VAL H . n 
B 2 301 THR 301 301 301 THR THR H . n 
B 2 302 SER 302 302 302 SER SER H . n 
B 2 303 VAL 303 303 303 VAL VAL H . n 
B 2 304 THR 304 304 304 THR THR H . n 
B 2 305 GLY 305 305 305 GLY GLY H . n 
B 2 306 LEU 306 306 306 LEU LEU H . n 
B 2 307 VAL 307 307 307 VAL VAL H . n 
B 2 308 GLY 308 308 308 GLY GLY H . n 
B 2 309 GLN 309 309 309 GLN GLN H . n 
B 2 310 THR 310 310 310 THR THR H . n 
B 2 311 SER 311 311 311 SER SER H . n 
B 2 312 SER 312 312 312 SER SER H . n 
B 2 313 GLN 313 313 313 GLN GLN H . n 
B 2 314 ILE 314 314 314 ILE ILE H . n 
B 2 315 SER 315 315 315 SER SER H . n 
B 2 316 LEU 316 316 316 LEU LEU H . n 
B 2 317 GLY 317 317 317 GLY GLY H . n 
B 2 318 HIS 318 318 318 HIS HIS H . n 
B 2 319 ASP 319 319 319 ASP ASP H . n 
B 2 320 VAL 320 320 320 VAL VAL H . n 
B 2 321 ASP 321 321 321 ASP ASP H . n 
B 2 322 ALA 322 322 322 ALA ALA H . n 
B 2 323 ILE 323 323 323 ILE ILE H . n 
B 2 324 SER 324 324 324 SER SER H . n 
B 2 325 VAL 325 325 325 VAL VAL H . n 
B 2 326 ALA 326 326 326 ALA ALA H . n 
B 2 327 GLN 327 327 327 GLN GLN H . n 
B 2 328 ASP 328 328 328 ASP ASP H . n 
B 2 329 GLY 329 329 329 GLY GLY H . n 
B 2 330 GLY 330 330 330 GLY GLY H . n 
B 2 331 PRO 331 331 331 PRO PRO H . n 
B 2 332 ASP 332 332 332 ASP ASP H . n 
B 2 333 LEU 333 333 333 LEU LEU H . n 
B 2 334 TYR 334 334 334 TYR TYR H . n 
B 2 335 ALA 335 335 335 ALA ALA H . n 
B 2 336 LEU 336 336 336 LEU LEU H . n 
B 2 337 SER 337 337 337 SER SER H . n 
B 2 338 ALA 338 338 338 ALA ALA H . n 
B 2 339 GLY 339 339 339 GLY GLY H . n 
B 2 340 THR 340 340 340 THR THR H . n 
B 2 341 GLU 341 341 341 GLU GLU H . n 
B 2 342 VAL 342 342 342 VAL VAL H . n 
B 2 343 LEU 343 343 343 LEU LEU H . n 
B 2 344 HIS 344 344 344 HIS HIS H . n 
B 2 345 ILE 345 345 345 ILE ILE H . n 
B 2 346 TYR 346 346 346 TYR TYR H . n 
B 2 347 ASP 347 347 347 ASP ASP H . n 
B 2 348 ALA 348 348 348 ALA ALA H . n 
B 2 349 GLY 349 349 349 GLY GLY H . n 
B 2 350 ALA 350 350 350 ALA ALA H . n 
B 2 351 GLY 351 351 351 GLY GLY H . n 
B 2 352 ASP 352 352 352 ASP ASP H . n 
B 2 353 GLN 353 353 353 GLN GLN H . n 
B 2 354 ASP 354 354 354 ASP ASP H . n 
B 2 355 GLN 355 355 355 GLN GLN H . n 
B 2 356 SER 356 356 356 SER SER H . n 
B 2 357 THR 357 357 357 THR THR H . n 
B 2 358 VAL 358 358 358 VAL VAL H . n 
B 2 359 GLU 359 359 359 GLU GLU H . n 
B 2 360 LEU 360 360 360 LEU LEU H . n 
B 2 361 GLY 361 361 361 GLY GLY H . n 
B 2 362 SER 362 362 362 SER SER H . n 
B 2 363 GLY 363 363 363 GLY GLY H . n 
B 2 364 PRO 364 364 364 PRO PRO H . n 
B 2 365 GLN 365 365 365 GLN GLN H . n 
B 2 366 VAL 366 366 366 VAL VAL H . n 
B 2 367 LEU 367 367 367 LEU LEU H . n 
B 2 368 SER 368 368 368 SER SER H . n 
B 2 369 VAL 369 369 369 VAL VAL H . n 
B 2 370 MET 370 370 370 MET MET H . n 
B 2 371 ASN 371 371 371 ASN ASN H . n 
B 2 372 GLU 372 372 372 GLU GLU H . n 
B 2 373 ALA 373 373 373 ALA ALA H . n 
# 
loop_
_pdbx_nonpoly_scheme.asym_id 
_pdbx_nonpoly_scheme.entity_id 
_pdbx_nonpoly_scheme.mon_id 
_pdbx_nonpoly_scheme.ndb_seq_num 
_pdbx_nonpoly_scheme.pdb_seq_num 
_pdbx_nonpoly_scheme.auth_seq_num 
_pdbx_nonpoly_scheme.pdb_mon_id 
_pdbx_nonpoly_scheme.auth_mon_id 
_pdbx_nonpoly_scheme.pdb_strand_id 
_pdbx_nonpoly_scheme.pdb_ins_code 
C 3 HDZ 1  132 132 HDZ HDZ L . 
D 4 HOH 1  133 133 HOH HOH L . 
D 4 HOH 2  134 134 HOH HOH L . 
D 4 HOH 3  135 135 HOH HOH L . 
D 4 HOH 4  136 136 HOH HOH L . 
D 4 HOH 5  137 137 HOH HOH L . 
D 4 HOH 6  138 138 HOH HOH L . 
D 4 HOH 7  139 139 HOH HOH L . 
D 4 HOH 8  140 140 HOH HOH L . 
D 4 HOH 9  141 141 HOH HOH L . 
D 4 HOH 10 142 142 HOH HOH L . 
D 4 HOH 11 143 143 HOH HOH L . 
D 4 HOH 12 144 144 HOH HOH L . 
D 4 HOH 13 145 145 HOH HOH L . 
D 4 HOH 14 146 146 HOH HOH L . 
D 4 HOH 15 147 147 HOH HOH L . 
D 4 HOH 16 148 148 HOH HOH L . 
D 4 HOH 17 149 149 HOH HOH L . 
D 4 HOH 18 150 150 HOH HOH L . 
D 4 HOH 19 151 151 HOH HOH L . 
D 4 HOH 20 152 152 HOH HOH L . 
D 4 HOH 21 153 153 HOH HOH L . 
D 4 HOH 22 154 154 HOH HOH L . 
D 4 HOH 23 155 155 HOH HOH L . 
D 4 HOH 24 156 156 HOH HOH L . 
D 4 HOH 25 157 157 HOH HOH L . 
D 4 HOH 26 158 158 HOH HOH L . 
D 4 HOH 27 159 159 HOH HOH L . 
D 4 HOH 28 160 160 HOH HOH L . 
D 4 HOH 29 161 161 HOH HOH L . 
D 4 HOH 30 162 162 HOH HOH L . 
D 4 HOH 31 163 163 HOH HOH L . 
D 4 HOH 32 164 164 HOH HOH L . 
D 4 HOH 33 165 165 HOH HOH L . 
D 4 HOH 34 166 166 HOH HOH L . 
D 4 HOH 35 167 167 HOH HOH L . 
D 4 HOH 36 168 168 HOH HOH L . 
D 4 HOH 37 169 169 HOH HOH L . 
D 4 HOH 38 170 170 HOH HOH L . 
D 4 HOH 39 171 171 HOH HOH L . 
D 4 HOH 40 172 172 HOH HOH L . 
D 4 HOH 41 173 173 HOH HOH L . 
D 4 HOH 42 174 174 HOH HOH L . 
D 4 HOH 43 175 175 HOH HOH L . 
D 4 HOH 44 176 176 HOH HOH L . 
D 4 HOH 45 177 177 HOH HOH L . 
D 4 HOH 46 178 178 HOH HOH L . 
D 4 HOH 47 179 179 HOH HOH L . 
D 4 HOH 48 180 180 HOH HOH L . 
D 4 HOH 49 181 181 HOH HOH L . 
D 4 HOH 50 182 182 HOH HOH L . 
D 4 HOH 51 183 183 HOH HOH L . 
D 4 HOH 52 184 184 HOH HOH L . 
D 4 HOH 53 185 185 HOH HOH L . 
D 4 HOH 54 186 186 HOH HOH L . 
D 4 HOH 55 187 187 HOH HOH L . 
D 4 HOH 56 188 188 HOH HOH L . 
D 4 HOH 57 189 189 HOH HOH L . 
D 4 HOH 58 190 190 HOH HOH L . 
D 4 HOH 59 191 191 HOH HOH L . 
D 4 HOH 60 192 192 HOH HOH L . 
D 4 HOH 61 193 193 HOH HOH L . 
D 4 HOH 62 194 194 HOH HOH L . 
D 4 HOH 63 195 195 HOH HOH L . 
D 4 HOH 64 196 196 HOH HOH L . 
D 4 HOH 65 197 197 HOH HOH L . 
D 4 HOH 66 198 198 HOH HOH L . 
D 4 HOH 67 199 199 HOH HOH L . 
D 4 HOH 68 200 200 HOH HOH L . 
D 4 HOH 69 201 201 HOH HOH L . 
D 4 HOH 70 202 202 HOH HOH L . 
D 4 HOH 71 203 203 HOH HOH L . 
D 4 HOH 72 204 204 HOH HOH L . 
D 4 HOH 73 205 205 HOH HOH L . 
D 4 HOH 74 206 206 HOH HOH L . 
D 4 HOH 75 207 207 HOH HOH L . 
D 4 HOH 76 208 208 HOH HOH L . 
D 4 HOH 77 209 209 HOH HOH L . 
D 4 HOH 78 210 210 HOH HOH L . 
D 4 HOH 79 211 211 HOH HOH L . 
D 4 HOH 80 212 212 HOH HOH L . 
D 4 HOH 81 213 213 HOH HOH L . 
D 4 HOH 82 214 214 HOH HOH L . 
D 4 HOH 83 215 215 HOH HOH L . 
D 4 HOH 84 216 216 HOH HOH L . 
D 4 HOH 85 217 217 HOH HOH L . 
# 
_software.name             TNT 
_software.classification   refinement 
_software.version          . 
_software.citation_id      ? 
_software.pdbx_ordinal     1 
# 
_cell.entry_id           1MAF 
_cell.length_a           129.784 
_cell.length_b           129.784 
_cell.length_c           104.334 
_cell.angle_alpha        90.00 
_cell.angle_beta         90.00 
_cell.angle_gamma        120.00 
_cell.Z_PDB              6 
_cell.pdbx_unique_axis   ? 
_cell.length_a_esd       ? 
_cell.length_b_esd       ? 
_cell.length_c_esd       ? 
_cell.angle_alpha_esd    ? 
_cell.angle_beta_esd     ? 
_cell.angle_gamma_esd    ? 
# 
_symmetry.entry_id                         1MAF 
_symmetry.space_group_name_H-M             'P 31 2 1' 
_symmetry.pdbx_full_space_group_name_H-M   ? 
_symmetry.cell_setting                     ? 
_symmetry.Int_Tables_number                152 
_symmetry.space_group_name_Hall            ? 
# 
_exptl.entry_id          1MAF 
_exptl.method            'X-RAY DIFFRACTION' 
_exptl.crystals_number   ? 
# 
_exptl_crystal.id                    1 
_exptl_crystal.density_meas          ? 
_exptl_crystal.density_Matthews      4.91 
_exptl_crystal.density_percent_sol   74.93 
_exptl_crystal.description           ? 
_exptl_crystal.F_000                 ? 
_exptl_crystal.preparation           ? 
# 
_exptl_crystal_grow.crystal_id      1 
_exptl_crystal_grow.method          ? 
_exptl_crystal_grow.temp            ? 
_exptl_crystal_grow.temp_details    ? 
_exptl_crystal_grow.pH              ? 
_exptl_crystal_grow.pdbx_pH_range   ? 
_exptl_crystal_grow.pdbx_details    
;CRYSTALLIZATION OF THE (2,2,2)-TRIFLUOROETHYLHYDRAZINE
INHIBITED ENZYME WAS DONE BY THE HANGING DROP METHOD WITH
BUFFER 0.1 M NA ACETATE AT PH 5.0.  THE PRECIPITANT WAS 42
PER CENT AMMONIUM SULFATE.
;
# 
_diffrn.id                     1 
_diffrn.ambient_temp           ? 
_diffrn.ambient_temp_details   ? 
_diffrn.crystal_id             1 
# 
_diffrn_radiation.diffrn_id                        1 
_diffrn_radiation.wavelength_id                    1 
_diffrn_radiation.monochromator                    ? 
_diffrn_radiation.pdbx_monochromatic_or_laue_m_l   ? 
_diffrn_radiation.pdbx_diffrn_protocol             ? 
_diffrn_radiation.pdbx_scattering_type             x-ray 
# 
_diffrn_radiation_wavelength.id           1 
_diffrn_radiation_wavelength.wavelength   . 
_diffrn_radiation_wavelength.wt           1.0 
# 
_refine.entry_id                                 1MAF 
_refine.ls_number_reflns_obs                     ? 
_refine.ls_number_reflns_all                     ? 
_refine.pdbx_ls_sigma_I                          ? 
_refine.pdbx_ls_sigma_F                          ? 
_refine.pdbx_data_cutoff_high_absF               ? 
_refine.pdbx_data_cutoff_low_absF                ? 
_refine.pdbx_data_cutoff_high_rms_absF           ? 
_refine.ls_d_res_low                             ? 
_refine.ls_d_res_high                            2.6 
_refine.ls_percent_reflns_obs                    ? 
_refine.ls_R_factor_obs                          0.188 
_refine.ls_R_factor_all                          ? 
_refine.ls_R_factor_R_work                       ? 
_refine.ls_R_factor_R_free                       ? 
_refine.ls_R_factor_R_free_error                 ? 
_refine.ls_R_factor_R_free_error_details         ? 
_refine.ls_percent_reflns_R_free                 ? 
_refine.ls_number_reflns_R_free                  ? 
_refine.ls_number_parameters                     ? 
_refine.ls_number_restraints                     ? 
_refine.occupancy_min                            ? 
_refine.occupancy_max                            ? 
_refine.B_iso_mean                               ? 
_refine.aniso_B[1][1]                            ? 
_refine.aniso_B[2][2]                            ? 
_refine.aniso_B[3][3]                            ? 
_refine.aniso_B[1][2]                            ? 
_refine.aniso_B[1][3]                            ? 
_refine.aniso_B[2][3]                            ? 
_refine.solvent_model_details                    ? 
_refine.solvent_model_param_ksol                 ? 
_refine.solvent_model_param_bsol                 ? 
_refine.pdbx_ls_cross_valid_method               ? 
_refine.details                                  
;ALTHOUGH CLEAR EXTRA DENSITY WAS OBSERVED IN THE ACTIVE
SITE, THERE WAS NOT SUFFICIENT DENSITY PRESENT TO
ACCOMMODATE THE COMPLETE INHIBITOR (FOR DETAILS SEE
ARTICLE SPECIFIED ON JRNL CARD).  TWO ATOMS OF THE
INHIBITOR, TENTATIVELY IDENTIFIED AS NITROGENS HAVE BEEN
INCLUDED IN THE MODEL.
;
_refine.pdbx_starting_model                      ? 
_refine.pdbx_method_to_determine_struct          ? 
_refine.pdbx_isotropic_thermal_model             ? 
_refine.pdbx_stereochemistry_target_values       ? 
_refine.pdbx_stereochem_target_val_spec_case     ? 
_refine.pdbx_R_Free_selection_details            ? 
_refine.pdbx_overall_ESU_R                       ? 
_refine.pdbx_overall_ESU_R_Free                  ? 
_refine.overall_SU_ML                            ? 
_refine.overall_SU_B                             ? 
_refine.ls_redundancy_reflns_obs                 ? 
_refine.pdbx_overall_phase_error                 ? 
_refine.B_iso_min                                ? 
_refine.B_iso_max                                ? 
_refine.correlation_coeff_Fo_to_Fc               ? 
_refine.correlation_coeff_Fo_to_Fc_free          ? 
_refine.pdbx_solvent_vdw_probe_radii             ? 
_refine.pdbx_solvent_ion_probe_radii             ? 
_refine.pdbx_solvent_shrinkage_radii             ? 
_refine.overall_SU_R_Cruickshank_DPI             ? 
_refine.overall_SU_R_free                        ? 
_refine.ls_wR_factor_R_free                      ? 
_refine.ls_wR_factor_R_work                      ? 
_refine.overall_FOM_free_R_set                   ? 
_refine.overall_FOM_work_R_set                   ? 
_refine.pdbx_refine_id                           'X-RAY DIFFRACTION' 
_refine.pdbx_diffrn_id                           1 
_refine.pdbx_TLS_residual_ADP_flag               ? 
_refine.pdbx_overall_SU_R_free_Cruickshank_DPI   ? 
_refine.pdbx_overall_SU_R_Blow_DPI               ? 
_refine.pdbx_overall_SU_R_free_Blow_DPI          ? 
# 
_refine_hist.pdbx_refine_id                   'X-RAY DIFFRACTION' 
_refine_hist.cycle_id                         LAST 
_refine_hist.pdbx_number_atoms_protein        1324 
_refine_hist.pdbx_number_atoms_nucleic_acid   0 
_refine_hist.pdbx_number_atoms_ligand         2 
_refine_hist.number_atoms_solvent             85 
_refine_hist.number_atoms_total               1411 
_refine_hist.d_res_high                       2.6 
_refine_hist.d_res_low                        . 
# 
loop_
_refine_ls_restr.type 
_refine_ls_restr.dev_ideal 
_refine_ls_restr.dev_ideal_target 
_refine_ls_restr.weight 
_refine_ls_restr.number 
_refine_ls_restr.pdbx_refine_id 
_refine_ls_restr.pdbx_restraint_function 
t_bond_d           0.015 ? ? ? 'X-RAY DIFFRACTION' ? 
t_angle_deg        2.9   ? ? ? 'X-RAY DIFFRACTION' ? 
t_dihedral_angle_d ?     ? ? ? 'X-RAY DIFFRACTION' ? 
t_incorr_chiral_ct ?     ? ? ? 'X-RAY DIFFRACTION' ? 
t_pseud_angle      ?     ? ? ? 'X-RAY DIFFRACTION' ? 
t_trig_c_planes    ?     ? ? ? 'X-RAY DIFFRACTION' ? 
t_gen_planes       ?     ? ? ? 'X-RAY DIFFRACTION' ? 
t_it               ?     ? ? ? 'X-RAY DIFFRACTION' ? 
t_nbd              ?     ? ? ? 'X-RAY DIFFRACTION' ? 
# 
_struct.entry_id                  1MAF 
_struct.title                     
;The Active Site Structure of Methylamine Dehydrogenase: Hydrazines Identify C6 as the Reactive Site of the Tryptophan Derived Quinone Cofactor
;
_struct.pdbx_model_details        ? 
_struct.pdbx_CASP_flag            ? 
_struct.pdbx_model_type_details   ? 
# 
_struct_keywords.entry_id        1MAF 
_struct_keywords.pdbx_keywords   'OXIDOREDUCTASE(CHNH2(D)-DEAMINATING)' 
_struct_keywords.text            'OXIDOREDUCTASE(CHNH2(D)-DEAMINATING)' 
# 
loop_
_struct_asym.id 
_struct_asym.pdbx_blank_PDB_chainid_flag 
_struct_asym.pdbx_modified 
_struct_asym.entity_id 
_struct_asym.details 
A N N 1 ? 
B N N 2 ? 
C N N 3 ? 
D N N 4 ? 
# 
loop_
_struct_ref.id 
_struct_ref.db_name 
_struct_ref.db_code 
_struct_ref.pdbx_db_accession 
_struct_ref.entity_id 
_struct_ref.pdbx_align_begin 
_struct_ref.pdbx_seq_one_letter_code 
_struct_ref.pdbx_db_isoform 
1 UNP DHML_PARVE P22641 1 64 ? ? 
2 UNP DHMH_PARVE P23006 2 59 ? ? 
# 
loop_
_struct_ref_seq.align_id 
_struct_ref_seq.ref_id 
_struct_ref_seq.pdbx_PDB_id_code 
_struct_ref_seq.pdbx_strand_id 
_struct_ref_seq.seq_align_beg 
_struct_ref_seq.pdbx_seq_align_beg_ins_code 
_struct_ref_seq.seq_align_end 
_struct_ref_seq.pdbx_seq_align_end_ins_code 
_struct_ref_seq.pdbx_db_accession 
_struct_ref_seq.db_align_beg 
_struct_ref_seq.pdbx_db_align_beg_ins_code 
_struct_ref_seq.db_align_end 
_struct_ref_seq.pdbx_db_align_end_ins_code 
_struct_ref_seq.pdbx_auth_seq_align_beg 
_struct_ref_seq.pdbx_auth_seq_align_end 
1 1 1MAF L 1 ? 124 ? P22641 64 ? 187 ? 7 130 
2 2 1MAF H 7 ? 348 ? P23006 59 ? 400 ? 7 348 
# 
_pdbx_struct_assembly.id                   1 
_pdbx_struct_assembly.details              author_defined_assembly 
_pdbx_struct_assembly.method_details       ? 
_pdbx_struct_assembly.oligomeric_details   tetrameric 
_pdbx_struct_assembly.oligomeric_count     4 
# 
_pdbx_struct_assembly_gen.assembly_id       1 
_pdbx_struct_assembly_gen.oper_expression   1,2 
_pdbx_struct_assembly_gen.asym_id_list      A,B,C,D 
# 
loop_
_pdbx_struct_oper_list.id 
_pdbx_struct_oper_list.type 
_pdbx_struct_oper_list.name 
_pdbx_struct_oper_list.symmetry_operation 
_pdbx_struct_oper_list.matrix[1][1] 
_pdbx_struct_oper_list.matrix[1][2] 
_pdbx_struct_oper_list.matrix[1][3] 
_pdbx_struct_oper_list.vector[1] 
_pdbx_struct_oper_list.matrix[2][1] 
_pdbx_struct_oper_list.matrix[2][2] 
_pdbx_struct_oper_list.matrix[2][3] 
_pdbx_struct_oper_list.vector[2] 
_pdbx_struct_oper_list.matrix[3][1] 
_pdbx_struct_oper_list.matrix[3][2] 
_pdbx_struct_oper_list.matrix[3][3] 
_pdbx_struct_oper_list.vector[3] 
1 'identity operation'         1_555 x,y,z    1.0000000000  0.0000000000 0.0000000000 0.0000000000  0.0000000000 1.0000000000  0.0000000000 0.0000000000   0.0000000000 0.0000000000 1.0000000000 0.0000000000 
2 'crystal symmetry operation' 4_557 y,x,-z+2 -0.9431269063 0.0597380106 0.3270214194 -3.6671195894 0.0597380106 -0.9372527557 0.3434947483 -36.7609912879 0.3270214194 0.3434947483 0.8803796619 7.3530013018 
# 
_struct_biol.id                    1 
_struct_biol.details               
;THE MOLECULE IS NORMALLY A TETRAMER.  THE CRYSTALLOGRAPHIC
ASYMMETRIC UNIT CONSISTS OF ONE-HALF OF THE TETRAMER,
NAMELY ONE LIGHT CHAIN *L* AND ONE HEAVY CHAIN *H*.  TO
GENERATE THE FULL MOLECULE, THE FOLLOWING CRYSTALLOGRAPHIC
TWO-FOLD OPERATION MUST BE APPLIED TO THE LIGHT AND HEAVY
CHAINS PRESENTED IN THIS ENTRY

        -0.5       0.866025   0.0            0.0
         0.866025  0.5        0.0            0.0
         0.0       0.0       -1.0          208.368
;
_struct_biol.pdbx_parent_biol_id   ? 
# 
loop_
_struct_conf.conf_type_id 
_struct_conf.id 
_struct_conf.pdbx_PDB_helix_id 
_struct_conf.beg_label_comp_id 
_struct_conf.beg_label_asym_id 
_struct_conf.beg_label_seq_id 
_struct_conf.pdbx_beg_PDB_ins_code 
_struct_conf.end_label_comp_id 
_struct_conf.end_label_asym_id 
_struct_conf.end_label_seq_id 
_struct_conf.pdbx_end_PDB_ins_code 
_struct_conf.beg_auth_comp_id 
_struct_conf.beg_auth_asym_id 
_struct_conf.beg_auth_seq_id 
_struct_conf.end_auth_comp_id 
_struct_conf.end_auth_asym_id 
_struct_conf.end_auth_seq_id 
_struct_conf.pdbx_PDB_helix_class 
_struct_conf.details 
_struct_conf.pdbx_PDB_helix_length 
HELX_P HELX_P1 1 TYR A 19  ? CYS A 23  ? TYR L 25  CYS L 29  5 ? 5 
HELX_P HELX_P2 2 CYS A 30  ? SER A 33  ? CYS L 36  SER L 39  5 ? 4 
HELX_P HELX_P3 3 ARG A 93  ? ALA A 97  ? ARG L 99  ALA L 103 5 ? 5 
HELX_P HELX_P4 4 ALA A 106 ? ALA A 110 ? ALA L 112 ALA L 116 5 ? 5 
# 
_struct_conf_type.id          HELX_P 
_struct_conf_type.criteria    ? 
_struct_conf_type.reference   ? 
# 
loop_
_struct_conn.id 
_struct_conn.conn_type_id 
_struct_conn.pdbx_leaving_atom_flag 
_struct_conn.pdbx_PDB_id 
_struct_conn.ptnr1_label_asym_id 
_struct_conn.ptnr1_label_comp_id 
_struct_conn.ptnr1_label_seq_id 
_struct_conn.ptnr1_label_atom_id 
_struct_conn.pdbx_ptnr1_label_alt_id 
_struct_conn.pdbx_ptnr1_PDB_ins_code 
_struct_conn.pdbx_ptnr1_standard_comp_id 
_struct_conn.ptnr1_symmetry 
_struct_conn.ptnr2_label_asym_id 
_struct_conn.ptnr2_label_comp_id 
_struct_conn.ptnr2_label_seq_id 
_struct_conn.ptnr2_label_atom_id 
_struct_conn.pdbx_ptnr2_label_alt_id 
_struct_conn.pdbx_ptnr2_PDB_ins_code 
_struct_conn.ptnr1_auth_asym_id 
_struct_conn.ptnr1_auth_comp_id 
_struct_conn.ptnr1_auth_seq_id 
_struct_conn.ptnr2_auth_asym_id 
_struct_conn.ptnr2_auth_comp_id 
_struct_conn.ptnr2_auth_seq_id 
_struct_conn.ptnr2_symmetry 
_struct_conn.pdbx_ptnr3_label_atom_id 
_struct_conn.pdbx_ptnr3_label_seq_id 
_struct_conn.pdbx_ptnr3_label_comp_id 
_struct_conn.pdbx_ptnr3_label_asym_id 
_struct_conn.pdbx_ptnr3_label_alt_id 
_struct_conn.pdbx_ptnr3_PDB_ins_code 
_struct_conn.details 
_struct_conn.pdbx_dist_value 
_struct_conn.pdbx_value_order 
_struct_conn.pdbx_role 
disulf1 disulf ?    ? A CYS 17 SG  ? ? ? 1_555 A CYS 82  SG  ? ? L CYS 23 L CYS 88  1_555 ? ? ? ? ? ? ? 2.045 ? ? 
disulf2 disulf ?    ? A CYS 23 SG  ? ? ? 1_555 A CYS 55  SG  ? ? L CYS 29 L CYS 61  1_555 ? ? ? ? ? ? ? 2.016 ? ? 
disulf3 disulf ?    ? A CYS 30 SG  ? ? ? 1_555 A CYS 115 SG  ? ? L CYS 36 L CYS 121 1_555 ? ? ? ? ? ? ? 1.989 ? ? 
disulf4 disulf ?    ? A CYS 32 SG  ? ? ? 1_555 A CYS 80  SG  ? ? L CYS 38 L CYS 86  1_555 ? ? ? ? ? ? ? 2.001 ? ? 
disulf5 disulf ?    ? A CYS 40 SG  ? ? ? 1_555 A CYS 71  SG  ? ? L CYS 46 L CYS 77  1_555 ? ? ? ? ? ? ? 2.022 ? ? 
disulf6 disulf ?    ? A CYS 72 SG  ? ? ? 1_555 A CYS 103 SG  ? ? L CYS 78 L CYS 109 1_555 ? ? ? ? ? ? ? 2.009 ? ? 
covale1 covale both ? A SER 50 C   ? ? ? 1_555 A 0AF 51  N   ? ? L SER 56 L 0AF 57  1_555 ? ? ? ? ? ? ? 1.314 ? ? 
covale2 covale both ? A 0AF 51 C   ? ? ? 1_555 A VAL 52  N   ? ? L 0AF 57 L VAL 58  1_555 ? ? ? ? ? ? ? 1.310 ? ? 
covale3 covale none ? A 0AF 51 CH2 ? ? ? 1_555 C HDZ .   N6A ? ? L 0AF 57 L HDZ 132 1_555 ? ? ? ? ? ? ? 1.355 ? ? 
# 
loop_
_struct_conn_type.id 
_struct_conn_type.criteria 
_struct_conn_type.reference 
disulf ? ? 
covale ? ? 
# 
_struct_mon_prot_cis.pdbx_id                1 
_struct_mon_prot_cis.label_comp_id          LYS 
_struct_mon_prot_cis.label_seq_id           123 
_struct_mon_prot_cis.label_asym_id          A 
_struct_mon_prot_cis.label_alt_id           . 
_struct_mon_prot_cis.pdbx_PDB_ins_code      ? 
_struct_mon_prot_cis.auth_comp_id           LYS 
_struct_mon_prot_cis.auth_seq_id            129 
_struct_mon_prot_cis.auth_asym_id           L 
_struct_mon_prot_cis.pdbx_label_comp_id_2   ALA 
_struct_mon_prot_cis.pdbx_label_seq_id_2    124 
_struct_mon_prot_cis.pdbx_label_asym_id_2   A 
_struct_mon_prot_cis.pdbx_PDB_ins_code_2    ? 
_struct_mon_prot_cis.pdbx_auth_comp_id_2    ALA 
_struct_mon_prot_cis.pdbx_auth_seq_id_2     130 
_struct_mon_prot_cis.pdbx_auth_asym_id_2    L 
_struct_mon_prot_cis.pdbx_PDB_model_num     1 
_struct_mon_prot_cis.pdbx_omega_angle       1.84 
# 
loop_
_struct_sheet.id 
_struct_sheet.type 
_struct_sheet.number_strands 
_struct_sheet.details 
A ? 2 ? 
B ? 3 ? 
C ? 2 ? 
# 
loop_
_struct_sheet_order.sheet_id 
_struct_sheet_order.range_id_1 
_struct_sheet_order.range_id_2 
_struct_sheet_order.offset 
_struct_sheet_order.sense 
A 1 2 ? anti-parallel 
B 1 2 ? anti-parallel 
B 2 3 ? anti-parallel 
C 1 2 ? anti-parallel 
# 
loop_
_struct_sheet_range.sheet_id 
_struct_sheet_range.id 
_struct_sheet_range.beg_label_comp_id 
_struct_sheet_range.beg_label_asym_id 
_struct_sheet_range.beg_label_seq_id 
_struct_sheet_range.pdbx_beg_PDB_ins_code 
_struct_sheet_range.end_label_comp_id 
_struct_sheet_range.end_label_asym_id 
_struct_sheet_range.end_label_seq_id 
_struct_sheet_range.pdbx_end_PDB_ins_code 
_struct_sheet_range.beg_auth_comp_id 
_struct_sheet_range.beg_auth_asym_id 
_struct_sheet_range.beg_auth_seq_id 
_struct_sheet_range.end_auth_comp_id 
_struct_sheet_range.end_auth_asym_id 
_struct_sheet_range.end_auth_seq_id 
A 1 ASP A 26  ? ASN A 28  ? ASP L 32  ASN L 34  
A 2 PRO A 81  ? LEU A 83  ? PRO L 87  LEU L 89  
B 1 LYS A 45  ? LEU A 46  ? LYS L 51  LEU L 52  
B 2 ASP A 70  ? CYS A 72  ? ASP L 76  CYS L 78  
B 3 TYR A 113 ? THR A 116 ? TYR L 119 THR L 122 
C 1 GLN A 62  ? TYR A 68  ? GLN L 68  TYR L 74  
C 2 ILE A 120 ? LYS A 123 ? ILE L 126 LYS L 129 
# 
loop_
_pdbx_struct_sheet_hbond.sheet_id 
_pdbx_struct_sheet_hbond.range_id_1 
_pdbx_struct_sheet_hbond.range_id_2 
_pdbx_struct_sheet_hbond.range_1_label_atom_id 
_pdbx_struct_sheet_hbond.range_1_label_comp_id 
_pdbx_struct_sheet_hbond.range_1_label_asym_id 
_pdbx_struct_sheet_hbond.range_1_label_seq_id 
_pdbx_struct_sheet_hbond.range_1_PDB_ins_code 
_pdbx_struct_sheet_hbond.range_1_auth_atom_id 
_pdbx_struct_sheet_hbond.range_1_auth_comp_id 
_pdbx_struct_sheet_hbond.range_1_auth_asym_id 
_pdbx_struct_sheet_hbond.range_1_auth_seq_id 
_pdbx_struct_sheet_hbond.range_2_label_atom_id 
_pdbx_struct_sheet_hbond.range_2_label_comp_id 
_pdbx_struct_sheet_hbond.range_2_label_asym_id 
_pdbx_struct_sheet_hbond.range_2_label_seq_id 
_pdbx_struct_sheet_hbond.range_2_PDB_ins_code 
_pdbx_struct_sheet_hbond.range_2_auth_atom_id 
_pdbx_struct_sheet_hbond.range_2_auth_comp_id 
_pdbx_struct_sheet_hbond.range_2_auth_asym_id 
_pdbx_struct_sheet_hbond.range_2_auth_seq_id 
A 1 2 N GLY A 27 ? N GLY L 33 O CYS A 82  ? O CYS L 88  
B 1 2 N LYS A 45 ? N LYS L 51 O CYS A 72  ? O CYS L 78  
B 2 3 N CYS A 71 ? N CYS L 77 O CYS A 115 ? O CYS L 121 
C 1 2 N LEU A 65 ? N LEU L 71 O GLY A 122 ? O GLY L 128 
# 
_struct_site.id                   AC1 
_struct_site.pdbx_evidence_code   Software 
_struct_site.pdbx_auth_asym_id    L 
_struct_site.pdbx_auth_comp_id    HDZ 
_struct_site.pdbx_auth_seq_id     132 
_struct_site.pdbx_auth_ins_code   ? 
_struct_site.pdbx_num_residues    5 
_struct_site.details              'BINDING SITE FOR RESIDUE HDZ L 132' 
# 
loop_
_struct_site_gen.id 
_struct_site_gen.site_id 
_struct_site_gen.pdbx_num_res 
_struct_site_gen.label_comp_id 
_struct_site_gen.label_asym_id 
_struct_site_gen.label_seq_id 
_struct_site_gen.pdbx_auth_ins_code 
_struct_site_gen.auth_comp_id 
_struct_site_gen.auth_asym_id 
_struct_site_gen.auth_seq_id 
_struct_site_gen.label_atom_id 
_struct_site_gen.label_alt_id 
_struct_site_gen.symmetry 
_struct_site_gen.details 
1 AC1 5 ASP A 26  ? ASP L 32  . ? 1_555 ? 
2 AC1 5 0AF A 51  ? 0AF L 57  . ? 1_555 ? 
3 AC1 5 ASP A 70  ? ASP L 76  . ? 1_555 ? 
4 AC1 5 TYR A 113 ? TYR L 119 . ? 1_555 ? 
5 AC1 5 THR A 116 ? THR L 122 . ? 1_555 ? 
# 
_pdbx_validate_close_contact.id               1 
_pdbx_validate_close_contact.PDB_model_num    1 
_pdbx_validate_close_contact.auth_atom_id_1   CE3 
_pdbx_validate_close_contact.auth_asym_id_1   L 
_pdbx_validate_close_contact.auth_comp_id_1   0AF 
_pdbx_validate_close_contact.auth_seq_id_1    57 
_pdbx_validate_close_contact.PDB_ins_code_1   ? 
_pdbx_validate_close_contact.label_alt_id_1   ? 
_pdbx_validate_close_contact.auth_atom_id_2   CD1 
_pdbx_validate_close_contact.auth_asym_id_2   L 
_pdbx_validate_close_contact.auth_comp_id_2   TRP 
_pdbx_validate_close_contact.auth_seq_id_2    108 
_pdbx_validate_close_contact.PDB_ins_code_2   ? 
_pdbx_validate_close_contact.label_alt_id_2   ? 
_pdbx_validate_close_contact.dist             1.47 
# 
_pdbx_validate_rmsd_bond.id                        1 
_pdbx_validate_rmsd_bond.PDB_model_num             1 
_pdbx_validate_rmsd_bond.auth_atom_id_1            CD 
_pdbx_validate_rmsd_bond.auth_asym_id_1            L 
_pdbx_validate_rmsd_bond.auth_comp_id_1            GLU 
_pdbx_validate_rmsd_bond.auth_seq_id_1             92 
_pdbx_validate_rmsd_bond.PDB_ins_code_1            ? 
_pdbx_validate_rmsd_bond.label_alt_id_1            ? 
_pdbx_validate_rmsd_bond.auth_atom_id_2            OE2 
_pdbx_validate_rmsd_bond.auth_asym_id_2            L 
_pdbx_validate_rmsd_bond.auth_comp_id_2            GLU 
_pdbx_validate_rmsd_bond.auth_seq_id_2             92 
_pdbx_validate_rmsd_bond.PDB_ins_code_2            ? 
_pdbx_validate_rmsd_bond.label_alt_id_2            ? 
_pdbx_validate_rmsd_bond.bond_value                1.339 
_pdbx_validate_rmsd_bond.bond_target_value         1.252 
_pdbx_validate_rmsd_bond.bond_deviation            0.087 
_pdbx_validate_rmsd_bond.bond_standard_deviation   0.011 
_pdbx_validate_rmsd_bond.linker_flag               N 
# 
loop_
_pdbx_validate_rmsd_angle.id 
_pdbx_validate_rmsd_angle.PDB_model_num 
_pdbx_validate_rmsd_angle.auth_atom_id_1 
_pdbx_validate_rmsd_angle.auth_asym_id_1 
_pdbx_validate_rmsd_angle.auth_comp_id_1 
_pdbx_validate_rmsd_angle.auth_seq_id_1 
_pdbx_validate_rmsd_angle.PDB_ins_code_1 
_pdbx_validate_rmsd_angle.label_alt_id_1 
_pdbx_validate_rmsd_angle.auth_atom_id_2 
_pdbx_validate_rmsd_angle.auth_asym_id_2 
_pdbx_validate_rmsd_angle.auth_comp_id_2 
_pdbx_validate_rmsd_angle.auth_seq_id_2 
_pdbx_validate_rmsd_angle.PDB_ins_code_2 
_pdbx_validate_rmsd_angle.label_alt_id_2 
_pdbx_validate_rmsd_angle.auth_atom_id_3 
_pdbx_validate_rmsd_angle.auth_asym_id_3 
_pdbx_validate_rmsd_angle.auth_comp_id_3 
_pdbx_validate_rmsd_angle.auth_seq_id_3 
_pdbx_validate_rmsd_angle.PDB_ins_code_3 
_pdbx_validate_rmsd_angle.label_alt_id_3 
_pdbx_validate_rmsd_angle.angle_value 
_pdbx_validate_rmsd_angle.angle_target_value 
_pdbx_validate_rmsd_angle.angle_deviation 
_pdbx_validate_rmsd_angle.angle_standard_deviation 
_pdbx_validate_rmsd_angle.linker_flag 
1 1 CB L ASP 17  ? ? CG L ASP 17  ? ? OD1 L ASP 17  ? ? 124.05 118.30 5.75  0.90 N 
2 1 CB L ASP 17  ? ? CG L ASP 17  ? ? OD2 L ASP 17  ? ? 112.05 118.30 -6.25 0.90 N 
3 1 CB L ASP 24  ? ? CG L ASP 24  ? ? OD1 L ASP 24  ? ? 124.94 118.30 6.64  0.90 N 
4 1 CB L ASP 24  ? ? CG L ASP 24  ? ? OD2 L ASP 24  ? ? 111.31 118.30 -6.99 0.90 N 
5 1 NE L ARG 75  ? ? CZ L ARG 75  ? ? NH1 L ARG 75  ? ? 123.76 120.30 3.46  0.50 N 
6 1 NE L ARG 75  ? ? CZ L ARG 75  ? ? NH2 L ARG 75  ? ? 116.83 120.30 -3.47 0.50 N 
7 1 CB L ASP 76  ? ? CG L ASP 76  ? ? OD1 L ASP 76  ? ? 112.33 118.30 -5.97 0.90 N 
8 1 NE L ARG 99  ? ? CZ L ARG 99  ? ? NH1 L ARG 99  ? ? 124.65 120.30 4.35  0.50 N 
9 1 N  L PRO 100 ? ? CA L PRO 100 ? ? CB  L PRO 100 ? ? 110.52 103.30 7.22  1.20 N 
# 
loop_
_pdbx_validate_torsion.id 
_pdbx_validate_torsion.PDB_model_num 
_pdbx_validate_torsion.auth_comp_id 
_pdbx_validate_torsion.auth_asym_id 
_pdbx_validate_torsion.auth_seq_id 
_pdbx_validate_torsion.PDB_ins_code 
_pdbx_validate_torsion.label_alt_id 
_pdbx_validate_torsion.phi 
_pdbx_validate_torsion.psi 
1 1 ASP L 8   ? ? 59.93   85.39 
2 1 SER L 39  ? ? -146.70 31.01 
3 1 CYS L 86  ? ? 50.51   70.14 
4 1 GLU L 92  ? ? -67.91  98.78 
5 1 ASP L 114 ? ? 54.51   9.46  
# 
_pdbx_struct_mod_residue.id               1 
_pdbx_struct_mod_residue.label_asym_id    A 
_pdbx_struct_mod_residue.label_comp_id    0AF 
_pdbx_struct_mod_residue.label_seq_id     51 
_pdbx_struct_mod_residue.auth_asym_id     L 
_pdbx_struct_mod_residue.auth_comp_id     0AF 
_pdbx_struct_mod_residue.auth_seq_id      57 
_pdbx_struct_mod_residue.PDB_ins_code     ? 
_pdbx_struct_mod_residue.parent_comp_id   TRP 
_pdbx_struct_mod_residue.details          7-HYDROXY-L-TRYPTOPHAN 
# 
_pdbx_entry_details.entry_id                 1MAF 
_pdbx_entry_details.compound_details         
;THE L SUBUNIT CONTAINS THE SIDE CHAIN DERIVED COFACTOR
TRYPTOPHYL TRYTOPHAN-QUINONE (MCINTYRE ET AL. SCIENCE 252,
1-7, REFERENCE 1) MADE UP OF TWO TRYPTOPHANS WHICH ARE AT
POSITIONS 57 AND 108.  THESE ARE COVALENTLY LINKED THROUGH
A TRP57:CE3-TRP108:CD1 BOND.  IN NATIVE MADH TRP57
CONTAINS AN ORTHO-QUINONE FUNCTION ATTACHED TO ATOMS CH2
AND CZ2.
;
_pdbx_entry_details.source_details           ? 
_pdbx_entry_details.nonpolymer_details       ? 
_pdbx_entry_details.sequence_details         
;FOR THE H-SUBUNIT THE SEQUENCE GIVEN IN THE SEQRES
RECORDS IS AN *X-RAY SEQUENCE*, WHICH WAS ESTABLISHED ON
THE BASIS OF THE ELECTRON DENSITY DUE TO THE LACK OF AN
AMINO ACID SEQUENCE.  ONLY CARBON ALPHA COORDINATES ARE
PROVIDED FOR THE H-SUBUNIT IN THIS ENTRY.  THE ASSIGNMENT
OF THE DISULFIDE BRIDGE IN THE H-SUBUNIT IS TENTATIVE.
REFINEMENT OF THE MADH MODEL HAS NOT YET BEEN COMPLETED.

SEQUENCE ADVISORY NOTICE:
     DIFFERENCE BETWEEN SWISS-PROT AND PDB SEQUENCE.

     SWISS-PROT ENTRY NAME: DMHL_PARDE

     SWISS-PROT RESIDUE      PDB SEQRES
       NAME   NUMBER         NAME  CHAIN  SEQ/INSERT CODE
       VAL     71            GLN           14
;
_pdbx_entry_details.has_ligand_of_interest   ? 
# 
loop_
_chem_comp_atom.comp_id 
_chem_comp_atom.atom_id 
_chem_comp_atom.type_symbol 
_chem_comp_atom.pdbx_aromatic_flag 
_chem_comp_atom.pdbx_stereo_config 
_chem_comp_atom.pdbx_ordinal 
0AF N    N N N 1   
0AF CA   C N S 2   
0AF C    C N N 3   
0AF O    O N N 4   
0AF CB   C N N 5   
0AF CG   C Y N 6   
0AF CD1  C Y N 7   
0AF CD2  C Y N 8   
0AF NE1  N Y N 9   
0AF CE2  C Y N 10  
0AF CE3  C Y N 11  
0AF CZ2  C Y N 12  
0AF O1   O N N 13  
0AF CZ3  C Y N 14  
0AF CH2  C Y N 15  
0AF OXT  O N N 16  
0AF H    H N N 17  
0AF H2   H N N 18  
0AF HA   H N N 19  
0AF HBC1 H N N 20  
0AF HBC2 H N N 21  
0AF HXT  H N N 22  
0AF HD1  H N N 23  
0AF HE1  H N N 24  
0AF HE3  H N N 25  
0AF HZ3  H N N 26  
0AF H1   H N N 27  
0AF HH2  H N N 28  
ALA N    N N N 29  
ALA CA   C N S 30  
ALA C    C N N 31  
ALA O    O N N 32  
ALA CB   C N N 33  
ALA OXT  O N N 34  
ALA H    H N N 35  
ALA H2   H N N 36  
ALA HA   H N N 37  
ALA HB1  H N N 38  
ALA HB2  H N N 39  
ALA HB3  H N N 40  
ALA HXT  H N N 41  
ARG N    N N N 42  
ARG CA   C N S 43  
ARG C    C N N 44  
ARG O    O N N 45  
ARG CB   C N N 46  
ARG CG   C N N 47  
ARG CD   C N N 48  
ARG NE   N N N 49  
ARG CZ   C N N 50  
ARG NH1  N N N 51  
ARG NH2  N N N 52  
ARG OXT  O N N 53  
ARG H    H N N 54  
ARG H2   H N N 55  
ARG HA   H N N 56  
ARG HB2  H N N 57  
ARG HB3  H N N 58  
ARG HG2  H N N 59  
ARG HG3  H N N 60  
ARG HD2  H N N 61  
ARG HD3  H N N 62  
ARG HE   H N N 63  
ARG HH11 H N N 64  
ARG HH12 H N N 65  
ARG HH21 H N N 66  
ARG HH22 H N N 67  
ARG HXT  H N N 68  
ASN N    N N N 69  
ASN CA   C N S 70  
ASN C    C N N 71  
ASN O    O N N 72  
ASN CB   C N N 73  
ASN CG   C N N 74  
ASN OD1  O N N 75  
ASN ND2  N N N 76  
ASN OXT  O N N 77  
ASN H    H N N 78  
ASN H2   H N N 79  
ASN HA   H N N 80  
ASN HB2  H N N 81  
ASN HB3  H N N 82  
ASN HD21 H N N 83  
ASN HD22 H N N 84  
ASN HXT  H N N 85  
ASP N    N N N 86  
ASP CA   C N S 87  
ASP C    C N N 88  
ASP O    O N N 89  
ASP CB   C N N 90  
ASP CG   C N N 91  
ASP OD1  O N N 92  
ASP OD2  O N N 93  
ASP OXT  O N N 94  
ASP H    H N N 95  
ASP H2   H N N 96  
ASP HA   H N N 97  
ASP HB2  H N N 98  
ASP HB3  H N N 99  
ASP HD2  H N N 100 
ASP HXT  H N N 101 
CYS N    N N N 102 
CYS CA   C N R 103 
CYS C    C N N 104 
CYS O    O N N 105 
CYS CB   C N N 106 
CYS SG   S N N 107 
CYS OXT  O N N 108 
CYS H    H N N 109 
CYS H2   H N N 110 
CYS HA   H N N 111 
CYS HB2  H N N 112 
CYS HB3  H N N 113 
CYS HG   H N N 114 
CYS HXT  H N N 115 
GLN N    N N N 116 
GLN CA   C N S 117 
GLN C    C N N 118 
GLN O    O N N 119 
GLN CB   C N N 120 
GLN CG   C N N 121 
GLN CD   C N N 122 
GLN OE1  O N N 123 
GLN NE2  N N N 124 
GLN OXT  O N N 125 
GLN H    H N N 126 
GLN H2   H N N 127 
GLN HA   H N N 128 
GLN HB2  H N N 129 
GLN HB3  H N N 130 
GLN HG2  H N N 131 
GLN HG3  H N N 132 
GLN HE21 H N N 133 
GLN HE22 H N N 134 
GLN HXT  H N N 135 
GLU N    N N N 136 
GLU CA   C N S 137 
GLU C    C N N 138 
GLU O    O N N 139 
GLU CB   C N N 140 
GLU CG   C N N 141 
GLU CD   C N N 142 
GLU OE1  O N N 143 
GLU OE2  O N N 144 
GLU OXT  O N N 145 
GLU H    H N N 146 
GLU H2   H N N 147 
GLU HA   H N N 148 
GLU HB2  H N N 149 
GLU HB3  H N N 150 
GLU HG2  H N N 151 
GLU HG3  H N N 152 
GLU HE2  H N N 153 
GLU HXT  H N N 154 
GLY N    N N N 155 
GLY CA   C N N 156 
GLY C    C N N 157 
GLY O    O N N 158 
GLY OXT  O N N 159 
GLY H    H N N 160 
GLY H2   H N N 161 
GLY HA2  H N N 162 
GLY HA3  H N N 163 
GLY HXT  H N N 164 
HDZ N6A  N N N 165 
HDZ N6B  N N N 166 
HIS N    N N N 167 
HIS CA   C N S 168 
HIS C    C N N 169 
HIS O    O N N 170 
HIS CB   C N N 171 
HIS CG   C Y N 172 
HIS ND1  N Y N 173 
HIS CD2  C Y N 174 
HIS CE1  C Y N 175 
HIS NE2  N Y N 176 
HIS OXT  O N N 177 
HIS H    H N N 178 
HIS H2   H N N 179 
HIS HA   H N N 180 
HIS HB2  H N N 181 
HIS HB3  H N N 182 
HIS HD1  H N N 183 
HIS HD2  H N N 184 
HIS HE1  H N N 185 
HIS HE2  H N N 186 
HIS HXT  H N N 187 
HOH O    O N N 188 
HOH H1   H N N 189 
HOH H2   H N N 190 
ILE N    N N N 191 
ILE CA   C N S 192 
ILE C    C N N 193 
ILE O    O N N 194 
ILE CB   C N S 195 
ILE CG1  C N N 196 
ILE CG2  C N N 197 
ILE CD1  C N N 198 
ILE OXT  O N N 199 
ILE H    H N N 200 
ILE H2   H N N 201 
ILE HA   H N N 202 
ILE HB   H N N 203 
ILE HG12 H N N 204 
ILE HG13 H N N 205 
ILE HG21 H N N 206 
ILE HG22 H N N 207 
ILE HG23 H N N 208 
ILE HD11 H N N 209 
ILE HD12 H N N 210 
ILE HD13 H N N 211 
ILE HXT  H N N 212 
LEU N    N N N 213 
LEU CA   C N S 214 
LEU C    C N N 215 
LEU O    O N N 216 
LEU CB   C N N 217 
LEU CG   C N N 218 
LEU CD1  C N N 219 
LEU CD2  C N N 220 
LEU OXT  O N N 221 
LEU H    H N N 222 
LEU H2   H N N 223 
LEU HA   H N N 224 
LEU HB2  H N N 225 
LEU HB3  H N N 226 
LEU HG   H N N 227 
LEU HD11 H N N 228 
LEU HD12 H N N 229 
LEU HD13 H N N 230 
LEU HD21 H N N 231 
LEU HD22 H N N 232 
LEU HD23 H N N 233 
LEU HXT  H N N 234 
LYS N    N N N 235 
LYS CA   C N S 236 
LYS C    C N N 237 
LYS O    O N N 238 
LYS CB   C N N 239 
LYS CG   C N N 240 
LYS CD   C N N 241 
LYS CE   C N N 242 
LYS NZ   N N N 243 
LYS OXT  O N N 244 
LYS H    H N N 245 
LYS H2   H N N 246 
LYS HA   H N N 247 
LYS HB2  H N N 248 
LYS HB3  H N N 249 
LYS HG2  H N N 250 
LYS HG3  H N N 251 
LYS HD2  H N N 252 
LYS HD3  H N N 253 
LYS HE2  H N N 254 
LYS HE3  H N N 255 
LYS HZ1  H N N 256 
LYS HZ2  H N N 257 
LYS HZ3  H N N 258 
LYS HXT  H N N 259 
MET N    N N N 260 
MET CA   C N S 261 
MET C    C N N 262 
MET O    O N N 263 
MET CB   C N N 264 
MET CG   C N N 265 
MET SD   S N N 266 
MET CE   C N N 267 
MET OXT  O N N 268 
MET H    H N N 269 
MET H2   H N N 270 
MET HA   H N N 271 
MET HB2  H N N 272 
MET HB3  H N N 273 
MET HG2  H N N 274 
MET HG3  H N N 275 
MET HE1  H N N 276 
MET HE2  H N N 277 
MET HE3  H N N 278 
MET HXT  H N N 279 
PHE N    N N N 280 
PHE CA   C N S 281 
PHE C    C N N 282 
PHE O    O N N 283 
PHE CB   C N N 284 
PHE CG   C Y N 285 
PHE CD1  C Y N 286 
PHE CD2  C Y N 287 
PHE CE1  C Y N 288 
PHE CE2  C Y N 289 
PHE CZ   C Y N 290 
PHE OXT  O N N 291 
PHE H    H N N 292 
PHE H2   H N N 293 
PHE HA   H N N 294 
PHE HB2  H N N 295 
PHE HB3  H N N 296 
PHE HD1  H N N 297 
PHE HD2  H N N 298 
PHE HE1  H N N 299 
PHE HE2  H N N 300 
PHE HZ   H N N 301 
PHE HXT  H N N 302 
PRO N    N N N 303 
PRO CA   C N S 304 
PRO C    C N N 305 
PRO O    O N N 306 
PRO CB   C N N 307 
PRO CG   C N N 308 
PRO CD   C N N 309 
PRO OXT  O N N 310 
PRO H    H N N 311 
PRO HA   H N N 312 
PRO HB2  H N N 313 
PRO HB3  H N N 314 
PRO HG2  H N N 315 
PRO HG3  H N N 316 
PRO HD2  H N N 317 
PRO HD3  H N N 318 
PRO HXT  H N N 319 
SER N    N N N 320 
SER CA   C N S 321 
SER C    C N N 322 
SER O    O N N 323 
SER CB   C N N 324 
SER OG   O N N 325 
SER OXT  O N N 326 
SER H    H N N 327 
SER H2   H N N 328 
SER HA   H N N 329 
SER HB2  H N N 330 
SER HB3  H N N 331 
SER HG   H N N 332 
SER HXT  H N N 333 
THR N    N N N 334 
THR CA   C N S 335 
THR C    C N N 336 
THR O    O N N 337 
THR CB   C N R 338 
THR OG1  O N N 339 
THR CG2  C N N 340 
THR OXT  O N N 341 
THR H    H N N 342 
THR H2   H N N 343 
THR HA   H N N 344 
THR HB   H N N 345 
THR HG1  H N N 346 
THR HG21 H N N 347 
THR HG22 H N N 348 
THR HG23 H N N 349 
THR HXT  H N N 350 
TRP N    N N N 351 
TRP CA   C N S 352 
TRP C    C N N 353 
TRP O    O N N 354 
TRP CB   C N N 355 
TRP CG   C Y N 356 
TRP CD1  C Y N 357 
TRP CD2  C Y N 358 
TRP NE1  N Y N 359 
TRP CE2  C Y N 360 
TRP CE3  C Y N 361 
TRP CZ2  C Y N 362 
TRP CZ3  C Y N 363 
TRP CH2  C Y N 364 
TRP OXT  O N N 365 
TRP H    H N N 366 
TRP H2   H N N 367 
TRP HA   H N N 368 
TRP HB2  H N N 369 
TRP HB3  H N N 370 
TRP HD1  H N N 371 
TRP HE1  H N N 372 
TRP HE3  H N N 373 
TRP HZ2  H N N 374 
TRP HZ3  H N N 375 
TRP HH2  H N N 376 
TRP HXT  H N N 377 
TYR N    N N N 378 
TYR CA   C N S 379 
TYR C    C N N 380 
TYR O    O N N 381 
TYR CB   C N N 382 
TYR CG   C Y N 383 
TYR CD1  C Y N 384 
TYR CD2  C Y N 385 
TYR CE1  C Y N 386 
TYR CE2  C Y N 387 
TYR CZ   C Y N 388 
TYR OH   O N N 389 
TYR OXT  O N N 390 
TYR H    H N N 391 
TYR H2   H N N 392 
TYR HA   H N N 393 
TYR HB2  H N N 394 
TYR HB3  H N N 395 
TYR HD1  H N N 396 
TYR HD2  H N N 397 
TYR HE1  H N N 398 
TYR HE2  H N N 399 
TYR HH   H N N 400 
TYR HXT  H N N 401 
VAL N    N N N 402 
VAL CA   C N S 403 
VAL C    C N N 404 
VAL O    O N N 405 
VAL CB   C N N 406 
VAL CG1  C N N 407 
VAL CG2  C N N 408 
VAL OXT  O N N 409 
VAL H    H N N 410 
VAL H2   H N N 411 
VAL HA   H N N 412 
VAL HB   H N N 413 
VAL HG11 H N N 414 
VAL HG12 H N N 415 
VAL HG13 H N N 416 
VAL HG21 H N N 417 
VAL HG22 H N N 418 
VAL HG23 H N N 419 
VAL HXT  H N N 420 
# 
loop_
_chem_comp_bond.comp_id 
_chem_comp_bond.atom_id_1 
_chem_comp_bond.atom_id_2 
_chem_comp_bond.value_order 
_chem_comp_bond.pdbx_aromatic_flag 
_chem_comp_bond.pdbx_stereo_config 
_chem_comp_bond.pdbx_ordinal 
0AF N   CA   sing N N 1   
0AF N   H    sing N N 2   
0AF N   H2   sing N N 3   
0AF CA  C    sing N N 4   
0AF CA  CB   sing N N 5   
0AF CA  HA   sing N N 6   
0AF C   O    doub N N 7   
0AF C   OXT  sing N N 8   
0AF CB  CG   sing N N 9   
0AF CB  HBC1 sing N N 10  
0AF CB  HBC2 sing N N 11  
0AF CG  CD1  doub Y N 12  
0AF CG  CD2  sing Y N 13  
0AF CD1 NE1  sing Y N 14  
0AF CD1 HD1  sing N N 15  
0AF CD2 CE2  doub Y N 16  
0AF CD2 CE3  sing Y N 17  
0AF NE1 CE2  sing Y N 18  
0AF NE1 HE1  sing N N 19  
0AF CE2 CZ2  sing Y N 20  
0AF CE3 CZ3  doub Y N 21  
0AF CE3 HE3  sing N N 22  
0AF CZ2 O1   sing N N 23  
0AF CZ2 CH2  doub Y N 24  
0AF O1  H1   sing N N 25  
0AF CZ3 CH2  sing Y N 26  
0AF CZ3 HZ3  sing N N 27  
0AF CH2 HH2  sing N N 28  
0AF OXT HXT  sing N N 29  
ALA N   CA   sing N N 30  
ALA N   H    sing N N 31  
ALA N   H2   sing N N 32  
ALA CA  C    sing N N 33  
ALA CA  CB   sing N N 34  
ALA CA  HA   sing N N 35  
ALA C   O    doub N N 36  
ALA C   OXT  sing N N 37  
ALA CB  HB1  sing N N 38  
ALA CB  HB2  sing N N 39  
ALA CB  HB3  sing N N 40  
ALA OXT HXT  sing N N 41  
ARG N   CA   sing N N 42  
ARG N   H    sing N N 43  
ARG N   H2   sing N N 44  
ARG CA  C    sing N N 45  
ARG CA  CB   sing N N 46  
ARG CA  HA   sing N N 47  
ARG C   O    doub N N 48  
ARG C   OXT  sing N N 49  
ARG CB  CG   sing N N 50  
ARG CB  HB2  sing N N 51  
ARG CB  HB3  sing N N 52  
ARG CG  CD   sing N N 53  
ARG CG  HG2  sing N N 54  
ARG CG  HG3  sing N N 55  
ARG CD  NE   sing N N 56  
ARG CD  HD2  sing N N 57  
ARG CD  HD3  sing N N 58  
ARG NE  CZ   sing N N 59  
ARG NE  HE   sing N N 60  
ARG CZ  NH1  sing N N 61  
ARG CZ  NH2  doub N N 62  
ARG NH1 HH11 sing N N 63  
ARG NH1 HH12 sing N N 64  
ARG NH2 HH21 sing N N 65  
ARG NH2 HH22 sing N N 66  
ARG OXT HXT  sing N N 67  
ASN N   CA   sing N N 68  
ASN N   H    sing N N 69  
ASN N   H2   sing N N 70  
ASN CA  C    sing N N 71  
ASN CA  CB   sing N N 72  
ASN CA  HA   sing N N 73  
ASN C   O    doub N N 74  
ASN C   OXT  sing N N 75  
ASN CB  CG   sing N N 76  
ASN CB  HB2  sing N N 77  
ASN CB  HB3  sing N N 78  
ASN CG  OD1  doub N N 79  
ASN CG  ND2  sing N N 80  
ASN ND2 HD21 sing N N 81  
ASN ND2 HD22 sing N N 82  
ASN OXT HXT  sing N N 83  
ASP N   CA   sing N N 84  
ASP N   H    sing N N 85  
ASP N   H2   sing N N 86  
ASP CA  C    sing N N 87  
ASP CA  CB   sing N N 88  
ASP CA  HA   sing N N 89  
ASP C   O    doub N N 90  
ASP C   OXT  sing N N 91  
ASP CB  CG   sing N N 92  
ASP CB  HB2  sing N N 93  
ASP CB  HB3  sing N N 94  
ASP CG  OD1  doub N N 95  
ASP CG  OD2  sing N N 96  
ASP OD2 HD2  sing N N 97  
ASP OXT HXT  sing N N 98  
CYS N   CA   sing N N 99  
CYS N   H    sing N N 100 
CYS N   H2   sing N N 101 
CYS CA  C    sing N N 102 
CYS CA  CB   sing N N 103 
CYS CA  HA   sing N N 104 
CYS C   O    doub N N 105 
CYS C   OXT  sing N N 106 
CYS CB  SG   sing N N 107 
CYS CB  HB2  sing N N 108 
CYS CB  HB3  sing N N 109 
CYS SG  HG   sing N N 110 
CYS OXT HXT  sing N N 111 
GLN N   CA   sing N N 112 
GLN N   H    sing N N 113 
GLN N   H2   sing N N 114 
GLN CA  C    sing N N 115 
GLN CA  CB   sing N N 116 
GLN CA  HA   sing N N 117 
GLN C   O    doub N N 118 
GLN C   OXT  sing N N 119 
GLN CB  CG   sing N N 120 
GLN CB  HB2  sing N N 121 
GLN CB  HB3  sing N N 122 
GLN CG  CD   sing N N 123 
GLN CG  HG2  sing N N 124 
GLN CG  HG3  sing N N 125 
GLN CD  OE1  doub N N 126 
GLN CD  NE2  sing N N 127 
GLN NE2 HE21 sing N N 128 
GLN NE2 HE22 sing N N 129 
GLN OXT HXT  sing N N 130 
GLU N   CA   sing N N 131 
GLU N   H    sing N N 132 
GLU N   H2   sing N N 133 
GLU CA  C    sing N N 134 
GLU CA  CB   sing N N 135 
GLU CA  HA   sing N N 136 
GLU C   O    doub N N 137 
GLU C   OXT  sing N N 138 
GLU CB  CG   sing N N 139 
GLU CB  HB2  sing N N 140 
GLU CB  HB3  sing N N 141 
GLU CG  CD   sing N N 142 
GLU CG  HG2  sing N N 143 
GLU CG  HG3  sing N N 144 
GLU CD  OE1  doub N N 145 
GLU CD  OE2  sing N N 146 
GLU OE2 HE2  sing N N 147 
GLU OXT HXT  sing N N 148 
GLY N   CA   sing N N 149 
GLY N   H    sing N N 150 
GLY N   H2   sing N N 151 
GLY CA  C    sing N N 152 
GLY CA  HA2  sing N N 153 
GLY CA  HA3  sing N N 154 
GLY C   O    doub N N 155 
GLY C   OXT  sing N N 156 
GLY OXT HXT  sing N N 157 
HDZ N6A N6B  trip N N 158 
HIS N   CA   sing N N 159 
HIS N   H    sing N N 160 
HIS N   H2   sing N N 161 
HIS CA  C    sing N N 162 
HIS CA  CB   sing N N 163 
HIS CA  HA   sing N N 164 
HIS C   O    doub N N 165 
HIS C   OXT  sing N N 166 
HIS CB  CG   sing N N 167 
HIS CB  HB2  sing N N 168 
HIS CB  HB3  sing N N 169 
HIS CG  ND1  sing Y N 170 
HIS CG  CD2  doub Y N 171 
HIS ND1 CE1  doub Y N 172 
HIS ND1 HD1  sing N N 173 
HIS CD2 NE2  sing Y N 174 
HIS CD2 HD2  sing N N 175 
HIS CE1 NE2  sing Y N 176 
HIS CE1 HE1  sing N N 177 
HIS NE2 HE2  sing N N 178 
HIS OXT HXT  sing N N 179 
HOH O   H1   sing N N 180 
HOH O   H2   sing N N 181 
ILE N   CA   sing N N 182 
ILE N   H    sing N N 183 
ILE N   H2   sing N N 184 
ILE CA  C    sing N N 185 
ILE CA  CB   sing N N 186 
ILE CA  HA   sing N N 187 
ILE C   O    doub N N 188 
ILE C   OXT  sing N N 189 
ILE CB  CG1  sing N N 190 
ILE CB  CG2  sing N N 191 
ILE CB  HB   sing N N 192 
ILE CG1 CD1  sing N N 193 
ILE CG1 HG12 sing N N 194 
ILE CG1 HG13 sing N N 195 
ILE CG2 HG21 sing N N 196 
ILE CG2 HG22 sing N N 197 
ILE CG2 HG23 sing N N 198 
ILE CD1 HD11 sing N N 199 
ILE CD1 HD12 sing N N 200 
ILE CD1 HD13 sing N N 201 
ILE OXT HXT  sing N N 202 
LEU N   CA   sing N N 203 
LEU N   H    sing N N 204 
LEU N   H2   sing N N 205 
LEU CA  C    sing N N 206 
LEU CA  CB   sing N N 207 
LEU CA  HA   sing N N 208 
LEU C   O    doub N N 209 
LEU C   OXT  sing N N 210 
LEU CB  CG   sing N N 211 
LEU CB  HB2  sing N N 212 
LEU CB  HB3  sing N N 213 
LEU CG  CD1  sing N N 214 
LEU CG  CD2  sing N N 215 
LEU CG  HG   sing N N 216 
LEU CD1 HD11 sing N N 217 
LEU CD1 HD12 sing N N 218 
LEU CD1 HD13 sing N N 219 
LEU CD2 HD21 sing N N 220 
LEU CD2 HD22 sing N N 221 
LEU CD2 HD23 sing N N 222 
LEU OXT HXT  sing N N 223 
LYS N   CA   sing N N 224 
LYS N   H    sing N N 225 
LYS N   H2   sing N N 226 
LYS CA  C    sing N N 227 
LYS CA  CB   sing N N 228 
LYS CA  HA   sing N N 229 
LYS C   O    doub N N 230 
LYS C   OXT  sing N N 231 
LYS CB  CG   sing N N 232 
LYS CB  HB2  sing N N 233 
LYS CB  HB3  sing N N 234 
LYS CG  CD   sing N N 235 
LYS CG  HG2  sing N N 236 
LYS CG  HG3  sing N N 237 
LYS CD  CE   sing N N 238 
LYS CD  HD2  sing N N 239 
LYS CD  HD3  sing N N 240 
LYS CE  NZ   sing N N 241 
LYS CE  HE2  sing N N 242 
LYS CE  HE3  sing N N 243 
LYS NZ  HZ1  sing N N 244 
LYS NZ  HZ2  sing N N 245 
LYS NZ  HZ3  sing N N 246 
LYS OXT HXT  sing N N 247 
MET N   CA   sing N N 248 
MET N   H    sing N N 249 
MET N   H2   sing N N 250 
MET CA  C    sing N N 251 
MET CA  CB   sing N N 252 
MET CA  HA   sing N N 253 
MET C   O    doub N N 254 
MET C   OXT  sing N N 255 
MET CB  CG   sing N N 256 
MET CB  HB2  sing N N 257 
MET CB  HB3  sing N N 258 
MET CG  SD   sing N N 259 
MET CG  HG2  sing N N 260 
MET CG  HG3  sing N N 261 
MET SD  CE   sing N N 262 
MET CE  HE1  sing N N 263 
MET CE  HE2  sing N N 264 
MET CE  HE3  sing N N 265 
MET OXT HXT  sing N N 266 
PHE N   CA   sing N N 267 
PHE N   H    sing N N 268 
PHE N   H2   sing N N 269 
PHE CA  C    sing N N 270 
PHE CA  CB   sing N N 271 
PHE CA  HA   sing N N 272 
PHE C   O    doub N N 273 
PHE C   OXT  sing N N 274 
PHE CB  CG   sing N N 275 
PHE CB  HB2  sing N N 276 
PHE CB  HB3  sing N N 277 
PHE CG  CD1  doub Y N 278 
PHE CG  CD2  sing Y N 279 
PHE CD1 CE1  sing Y N 280 
PHE CD1 HD1  sing N N 281 
PHE CD2 CE2  doub Y N 282 
PHE CD2 HD2  sing N N 283 
PHE CE1 CZ   doub Y N 284 
PHE CE1 HE1  sing N N 285 
PHE CE2 CZ   sing Y N 286 
PHE CE2 HE2  sing N N 287 
PHE CZ  HZ   sing N N 288 
PHE OXT HXT  sing N N 289 
PRO N   CA   sing N N 290 
PRO N   CD   sing N N 291 
PRO N   H    sing N N 292 
PRO CA  C    sing N N 293 
PRO CA  CB   sing N N 294 
PRO CA  HA   sing N N 295 
PRO C   O    doub N N 296 
PRO C   OXT  sing N N 297 
PRO CB  CG   sing N N 298 
PRO CB  HB2  sing N N 299 
PRO CB  HB3  sing N N 300 
PRO CG  CD   sing N N 301 
PRO CG  HG2  sing N N 302 
PRO CG  HG3  sing N N 303 
PRO CD  HD2  sing N N 304 
PRO CD  HD3  sing N N 305 
PRO OXT HXT  sing N N 306 
SER N   CA   sing N N 307 
SER N   H    sing N N 308 
SER N   H2   sing N N 309 
SER CA  C    sing N N 310 
SER CA  CB   sing N N 311 
SER CA  HA   sing N N 312 
SER C   O    doub N N 313 
SER C   OXT  sing N N 314 
SER CB  OG   sing N N 315 
SER CB  HB2  sing N N 316 
SER CB  HB3  sing N N 317 
SER OG  HG   sing N N 318 
SER OXT HXT  sing N N 319 
THR N   CA   sing N N 320 
THR N   H    sing N N 321 
THR N   H2   sing N N 322 
THR CA  C    sing N N 323 
THR CA  CB   sing N N 324 
THR CA  HA   sing N N 325 
THR C   O    doub N N 326 
THR C   OXT  sing N N 327 
THR CB  OG1  sing N N 328 
THR CB  CG2  sing N N 329 
THR CB  HB   sing N N 330 
THR OG1 HG1  sing N N 331 
THR CG2 HG21 sing N N 332 
THR CG2 HG22 sing N N 333 
THR CG2 HG23 sing N N 334 
THR OXT HXT  sing N N 335 
TRP N   CA   sing N N 336 
TRP N   H    sing N N 337 
TRP N   H2   sing N N 338 
TRP CA  C    sing N N 339 
TRP CA  CB   sing N N 340 
TRP CA  HA   sing N N 341 
TRP C   O    doub N N 342 
TRP C   OXT  sing N N 343 
TRP CB  CG   sing N N 344 
TRP CB  HB2  sing N N 345 
TRP CB  HB3  sing N N 346 
TRP CG  CD1  doub Y N 347 
TRP CG  CD2  sing Y N 348 
TRP CD1 NE1  sing Y N 349 
TRP CD1 HD1  sing N N 350 
TRP CD2 CE2  doub Y N 351 
TRP CD2 CE3  sing Y N 352 
TRP NE1 CE2  sing Y N 353 
TRP NE1 HE1  sing N N 354 
TRP CE2 CZ2  sing Y N 355 
TRP CE3 CZ3  doub Y N 356 
TRP CE3 HE3  sing N N 357 
TRP CZ2 CH2  doub Y N 358 
TRP CZ2 HZ2  sing N N 359 
TRP CZ3 CH2  sing Y N 360 
TRP CZ3 HZ3  sing N N 361 
TRP CH2 HH2  sing N N 362 
TRP OXT HXT  sing N N 363 
TYR N   CA   sing N N 364 
TYR N   H    sing N N 365 
TYR N   H2   sing N N 366 
TYR CA  C    sing N N 367 
TYR CA  CB   sing N N 368 
TYR CA  HA   sing N N 369 
TYR C   O    doub N N 370 
TYR C   OXT  sing N N 371 
TYR CB  CG   sing N N 372 
TYR CB  HB2  sing N N 373 
TYR CB  HB3  sing N N 374 
TYR CG  CD1  doub Y N 375 
TYR CG  CD2  sing Y N 376 
TYR CD1 CE1  sing Y N 377 
TYR CD1 HD1  sing N N 378 
TYR CD2 CE2  doub Y N 379 
TYR CD2 HD2  sing N N 380 
TYR CE1 CZ   doub Y N 381 
TYR CE1 HE1  sing N N 382 
TYR CE2 CZ   sing Y N 383 
TYR CE2 HE2  sing N N 384 
TYR CZ  OH   sing N N 385 
TYR OH  HH   sing N N 386 
TYR OXT HXT  sing N N 387 
VAL N   CA   sing N N 388 
VAL N   H    sing N N 389 
VAL N   H2   sing N N 390 
VAL CA  C    sing N N 391 
VAL CA  CB   sing N N 392 
VAL CA  HA   sing N N 393 
VAL C   O    doub N N 394 
VAL C   OXT  sing N N 395 
VAL CB  CG1  sing N N 396 
VAL CB  CG2  sing N N 397 
VAL CB  HB   sing N N 398 
VAL CG1 HG11 sing N N 399 
VAL CG1 HG12 sing N N 400 
VAL CG1 HG13 sing N N 401 
VAL CG2 HG21 sing N N 402 
VAL CG2 HG22 sing N N 403 
VAL CG2 HG23 sing N N 404 
VAL OXT HXT  sing N N 405 
# 
_pdbx_coordinate_model.asym_id   B 
_pdbx_coordinate_model.type      'CA ATOMS ONLY' 
# 
_atom_sites.entry_id                    1MAF 
_atom_sites.fract_transf_matrix[1][1]   -0.00016118 
_atom_sites.fract_transf_matrix[1][2]   -0.00562563 
_atom_sites.fract_transf_matrix[1][3]   -0.00689108 
_atom_sites.fract_transf_matrix[2][1]   -0.00243758 
_atom_sites.fract_transf_matrix[2][2]   0.00289630 
_atom_sites.fract_transf_matrix[2][3]   -0.00805148 
_atom_sites.fract_transf_matrix[3][1]   0.00912385 
_atom_sites.fract_transf_matrix[3][2]   0.00216721 
_atom_sites.fract_transf_matrix[3][3]   -0.00198264 
_atom_sites.fract_transf_vector[1]      0.451999 
_atom_sites.fract_transf_vector[2]      0.608700 
_atom_sites.fract_transf_vector[3]      1.063894 
# 
loop_
_atom_type.symbol 
C 
N 
O 
S 
# 
loop_
_atom_site.group_PDB 
_atom_site.id 
_atom_site.type_symbol 
_atom_site.label_atom_id 
_atom_site.label_alt_id 
_atom_site.label_comp_id 
_atom_site.label_asym_id 
_atom_site.label_entity_id 
_atom_site.label_seq_id 
_atom_site.pdbx_PDB_ins_code 
_atom_site.Cartn_x 
_atom_site.Cartn_y 
_atom_site.Cartn_z 
_atom_site.occupancy 
_atom_site.B_iso_or_equiv 
_atom_site.pdbx_formal_charge 
_atom_site.auth_seq_id 
_atom_site.auth_comp_id 
_atom_site.auth_asym_id 
_atom_site.auth_atom_id 
_atom_site.pdbx_PDB_model_num 
ATOM   1    N N   . VAL A 1 1   ? -14.266 -10.028 -16.639 1.00 73.27  ? 7   VAL L N   1 
ATOM   2    C CA  . VAL A 1 1   ? -14.084 -9.585  -18.026 1.00 73.00  ? 7   VAL L CA  1 
ATOM   3    C C   . VAL A 1 1   ? -14.003 -8.065  -18.167 1.00 67.59  ? 7   VAL L C   1 
ATOM   4    O O   . VAL A 1 1   ? -14.947 -7.289  -17.938 1.00 69.56  ? 7   VAL L O   1 
ATOM   5    C CB  . VAL A 1 1   ? -14.804 -10.398 -19.147 1.00 75.74  ? 7   VAL L CB  1 
ATOM   6    C CG1 . VAL A 1 1   ? -15.038 -11.843 -18.695 1.00 82.89  ? 7   VAL L CG1 1 
ATOM   7    C CG2 . VAL A 1 1   ? -16.103 -9.764  -19.704 1.00 83.16  ? 7   VAL L CG2 1 
ATOM   8    N N   . ASP A 1 2   ? -12.831 -7.628  -18.552 1.00 59.01  ? 8   ASP L N   1 
ATOM   9    C CA  . ASP A 1 2   ? -12.603 -6.218  -18.620 1.00 49.21  ? 8   ASP L CA  1 
ATOM   10   C C   . ASP A 1 2   ? -12.806 -5.636  -17.255 1.00 40.57  ? 8   ASP L C   1 
ATOM   11   O O   . ASP A 1 2   ? -13.895 -5.193  -16.855 1.00 41.21  ? 8   ASP L O   1 
ATOM   12   C CB  . ASP A 1 2   ? -13.297 -5.390  -19.671 1.00 48.56  ? 8   ASP L CB  1 
ATOM   13   C CG  . ASP A 1 2   ? -12.398 -4.203  -19.878 1.00 22.06  ? 8   ASP L CG  1 
ATOM   14   O OD1 . ASP A 1 2   ? -11.270 -4.293  -19.225 1.00 66.18  ? 8   ASP L OD1 1 
ATOM   15   O OD2 . ASP A 1 2   ? -12.691 -3.254  -20.570 1.00 70.18  ? 8   ASP L OD2 1 
ATOM   16   N N   . PRO A 1 3   ? -11.704 -5.726  -16.542 1.00 32.82  ? 9   PRO L N   1 
ATOM   17   C CA  . PRO A 1 3   ? -11.623 -5.257  -15.199 1.00 27.92  ? 9   PRO L CA  1 
ATOM   18   C C   . PRO A 1 3   ? -11.748 -3.730  -15.151 1.00 27.04  ? 9   PRO L C   1 
ATOM   19   O O   . PRO A 1 3   ? -11.967 -3.115  -14.105 1.00 29.76  ? 9   PRO L O   1 
ATOM   20   C CB  . PRO A 1 3   ? -10.254 -5.723  -14.719 1.00 24.82  ? 9   PRO L CB  1 
ATOM   21   C CG  . PRO A 1 3   ? -9.428  -6.108  -15.917 1.00 24.22  ? 9   PRO L CG  1 
ATOM   22   C CD  . PRO A 1 3   ? -10.415 -6.288  -17.047 1.00 27.76  ? 9   PRO L CD  1 
ATOM   23   N N   . ARG A 1 4   ? -11.618 -3.110  -16.308 1.00 21.18  ? 10  ARG L N   1 
ATOM   24   C CA  . ARG A 1 4   ? -11.731 -1.686  -16.324 1.00 16.06  ? 10  ARG L CA  1 
ATOM   25   C C   . ARG A 1 4   ? -13.062 -1.195  -16.891 1.00 22.55  ? 10  ARG L C   1 
ATOM   26   O O   . ARG A 1 4   ? -13.211 -0.027  -17.214 1.00 26.12  ? 10  ARG L O   1 
ATOM   27   C CB  . ARG A 1 4   ? -10.566 -1.135  -17.111 1.00 9.22   ? 10  ARG L CB  1 
ATOM   28   C CG  . ARG A 1 4   ? -9.284  -1.247  -16.296 1.00 17.82  ? 10  ARG L CG  1 
ATOM   29   C CD  . ARG A 1 4   ? -8.009  -1.125  -17.148 1.00 22.49  ? 10  ARG L CD  1 
ATOM   30   N NE  . ARG A 1 4   ? -7.850  -2.259  -18.055 1.00 24.86  ? 10  ARG L NE  1 
ATOM   31   C CZ  . ARG A 1 4   ? -7.197  -3.397  -17.782 1.00 25.35  ? 10  ARG L CZ  1 
ATOM   32   N NH1 . ARG A 1 4   ? -6.588  -3.619  -16.626 1.00 28.32  ? 10  ARG L NH1 1 
ATOM   33   N NH2 . ARG A 1 4   ? -7.134  -4.346  -18.694 1.00 22.45  ? 10  ARG L NH2 1 
ATOM   34   N N   . ALA A 1 5   ? -14.059 -2.067  -17.024 1.00 22.84  ? 11  ALA L N   1 
ATOM   35   C CA  . ALA A 1 5   ? -15.328 -1.650  -17.600 1.00 20.08  ? 11  ALA L CA  1 
ATOM   36   C C   . ALA A 1 5   ? -16.347 -1.122  -16.614 1.00 25.92  ? 11  ALA L C   1 
ATOM   37   O O   . ALA A 1 5   ? -16.269 -1.496  -15.463 1.00 29.85  ? 11  ALA L O   1 
ATOM   38   C CB  . ALA A 1 5   ? -15.929 -2.826  -18.336 1.00 16.45  ? 11  ALA L CB  1 
ATOM   39   N N   . LYS A 1 6   ? -17.309 -0.260  -17.055 1.00 26.21  ? 12  LYS L N   1 
ATOM   40   C CA  . LYS A 1 6   ? -18.303 0.210   -16.116 1.00 24.96  ? 12  LYS L CA  1 
ATOM   41   C C   . LYS A 1 6   ? -18.982 -0.965  -15.454 1.00 24.74  ? 12  LYS L C   1 
ATOM   42   O O   . LYS A 1 6   ? -19.197 -1.973  -16.082 1.00 25.97  ? 12  LYS L O   1 
ATOM   43   C CB  . LYS A 1 6   ? -19.370 1.229   -16.555 1.00 24.97  ? 12  LYS L CB  1 
ATOM   44   C CG  . LYS A 1 6   ? -20.043 1.876   -15.311 1.00 88.21  ? 12  LYS L CG  1 
ATOM   45   C CD  . LYS A 1 6   ? -19.214 2.934   -14.507 1.00 89.35  ? 12  LYS L CD  1 
ATOM   46   C CE  . LYS A 1 6   ? -18.629 2.589   -13.112 1.00 56.30  ? 12  LYS L CE  1 
ATOM   47   N NZ  . LYS A 1 6   ? -17.570 1.527   -13.033 1.00 30.37  ? 12  LYS L NZ  1 
ATOM   48   N N   . TRP A 1 7   ? -19.252 -0.787  -14.173 1.00 23.21  ? 13  TRP L N   1 
ATOM   49   C CA  . TRP A 1 7   ? -19.921 -1.692  -13.311 1.00 22.14  ? 13  TRP L CA  1 
ATOM   50   C C   . TRP A 1 7   ? -21.320 -1.818  -13.856 1.00 28.01  ? 13  TRP L C   1 
ATOM   51   O O   . TRP A 1 7   ? -21.874 -0.856  -14.351 1.00 33.83  ? 13  TRP L O   1 
ATOM   52   C CB  . TRP A 1 7   ? -19.958 -0.948  -11.991 1.00 17.39  ? 13  TRP L CB  1 
ATOM   53   C CG  . TRP A 1 7   ? -20.954 -1.461  -11.035 1.00 18.61  ? 13  TRP L CG  1 
ATOM   54   C CD1 . TRP A 1 7   ? -22.106 -0.858  -10.624 1.00 17.96  ? 13  TRP L CD1 1 
ATOM   55   C CD2 . TRP A 1 7   ? -20.836 -2.673  -10.307 1.00 19.26  ? 13  TRP L CD2 1 
ATOM   56   N NE1 . TRP A 1 7   ? -22.717 -1.631  -9.653  1.00 20.46  ? 13  TRP L NE1 1 
ATOM   57   C CE2 . TRP A 1 7   ? -21.938 -2.746  -9.430  1.00 19.53  ? 13  TRP L CE2 1 
ATOM   58   C CE3 . TRP A 1 7   ? -19.880 -3.647  -10.300 1.00 16.25  ? 13  TRP L CE3 1 
ATOM   59   C CZ2 . TRP A 1 7   ? -22.104 -3.794  -8.573  1.00 17.31  ? 13  TRP L CZ2 1 
ATOM   60   C CZ3 . TRP A 1 7   ? -20.051 -4.690  -9.446  1.00 15.04  ? 13  TRP L CZ3 1 
ATOM   61   C CH2 . TRP A 1 7   ? -21.167 -4.774  -8.623  1.00 16.55  ? 13  TRP L CH2 1 
ATOM   62   N N   . GLN A 1 8   ? -21.874 -3.003  -13.704 1.00 27.86  ? 14  GLN L N   1 
ATOM   63   C CA  . GLN A 1 8   ? -23.126 -3.519  -14.220 1.00 24.05  ? 14  GLN L CA  1 
ATOM   64   C C   . GLN A 1 8   ? -23.728 -4.536  -13.277 1.00 21.69  ? 14  GLN L C   1 
ATOM   65   O O   . GLN A 1 8   ? -23.549 -5.768  -13.346 1.00 22.95  ? 14  GLN L O   1 
ATOM   66   C CB  . GLN A 1 8   ? -22.738 -4.293  -15.488 1.00 23.92  ? 14  GLN L CB  1 
ATOM   67   C CG  . GLN A 1 8   ? -21.623 -5.405  -15.253 1.00 100.00 ? 14  GLN L CG  1 
ATOM   68   C CD  . GLN A 1 8   ? -20.633 -5.371  -14.039 1.00 95.28  ? 14  GLN L CD  1 
ATOM   69   O OE1 . GLN A 1 8   ? -20.791 -6.125  -13.063 1.00 90.04  ? 14  GLN L OE1 1 
ATOM   70   N NE2 . GLN A 1 8   ? -19.573 -4.536  -14.083 1.00 89.62  ? 14  GLN L NE2 1 
ATOM   71   N N   . PRO A 1 9   ? -24.481 -4.022  -12.370 1.00 16.57  ? 15  PRO L N   1 
ATOM   72   C CA  . PRO A 1 9   ? -25.054 -4.878  -11.407 1.00 18.85  ? 15  PRO L CA  1 
ATOM   73   C C   . PRO A 1 9   ? -26.106 -5.787  -11.956 1.00 21.22  ? 15  PRO L C   1 
ATOM   74   O O   . PRO A 1 9   ? -26.787 -5.445  -12.897 1.00 24.32  ? 15  PRO L O   1 
ATOM   75   C CB  . PRO A 1 9   ? -25.721 -3.923  -10.432 1.00 19.75  ? 15  PRO L CB  1 
ATOM   76   C CG  . PRO A 1 9   ? -26.074 -2.715  -11.265 1.00 15.53  ? 15  PRO L CG  1 
ATOM   77   C CD  . PRO A 1 9   ? -25.127 -2.704  -12.433 1.00 12.68  ? 15  PRO L CD  1 
ATOM   78   N N   . GLN A 1 10  ? -26.256 -6.906  -11.275 1.00 19.75  ? 16  GLN L N   1 
ATOM   79   C CA  . GLN A 1 10  ? -27.244 -7.910  -11.535 1.00 15.41  ? 16  GLN L CA  1 
ATOM   80   C C   . GLN A 1 10  ? -27.976 -8.112  -10.228 1.00 16.45  ? 16  GLN L C   1 
ATOM   81   O O   . GLN A 1 10  ? -27.603 -7.626  -9.189  1.00 16.04  ? 16  GLN L O   1 
ATOM   82   C CB  . GLN A 1 10  ? -26.679 -9.258  -12.107 1.00 9.96   ? 16  GLN L CB  1 
ATOM   83   C CG  . GLN A 1 10  ? -25.426 -9.772  -11.378 1.00 19.43  ? 16  GLN L CG  1 
ATOM   84   C CD  . GLN A 1 10  ? -25.726 -10.642 -10.182 1.00 25.71  ? 16  GLN L CD  1 
ATOM   85   O OE1 . GLN A 1 10  ? -26.897 -10.794 -9.758  1.00 12.69  ? 16  GLN L OE1 1 
ATOM   86   N NE2 . GLN A 1 10  ? -24.661 -11.247 -9.652  1.00 12.96  ? 16  GLN L NE2 1 
ATOM   87   N N   . ASP A 1 11  ? -29.069 -8.793  -10.249 1.00 19.52  ? 17  ASP L N   1 
ATOM   88   C CA  . ASP A 1 11  ? -29.757 -8.999  -9.016  1.00 19.86  ? 17  ASP L CA  1 
ATOM   89   C C   . ASP A 1 11  ? -30.213 -10.430 -9.021  1.00 25.94  ? 17  ASP L C   1 
ATOM   90   O O   . ASP A 1 11  ? -31.378 -10.697 -8.767  1.00 26.35  ? 17  ASP L O   1 
ATOM   91   C CB  . ASP A 1 11  ? -30.958 -8.078  -8.891  1.00 17.68  ? 17  ASP L CB  1 
ATOM   92   C CG  . ASP A 1 11  ? -31.745 -8.261  -7.619  1.00 15.77  ? 17  ASP L CG  1 
ATOM   93   O OD1 . ASP A 1 11  ? -31.282 -8.732  -6.588  1.00 33.77  ? 17  ASP L OD1 1 
ATOM   94   O OD2 . ASP A 1 11  ? -32.988 -7.871  -7.750  1.00 34.95  ? 17  ASP L OD2 1 
ATOM   95   N N   . ASN A 1 12  ? -29.296 -11.369 -9.333  1.00 31.31  ? 18  ASN L N   1 
ATOM   96   C CA  . ASN A 1 12  ? -29.697 -12.767 -9.342  1.00 32.45  ? 18  ASN L CA  1 
ATOM   97   C C   . ASN A 1 12  ? -28.770 -13.728 -8.704  1.00 28.55  ? 18  ASN L C   1 
ATOM   98   O O   . ASN A 1 12  ? -29.110 -14.875 -8.604  1.00 29.23  ? 18  ASN L O   1 
ATOM   99   C CB  . ASN A 1 12  ? -30.143 -13.329 -10.687 1.00 34.31  ? 18  ASN L CB  1 
ATOM   100  C CG  . ASN A 1 12  ? -29.156 -13.016 -11.761 1.00 44.84  ? 18  ASN L CG  1 
ATOM   101  O OD1 . ASN A 1 12  ? -28.017 -13.481 -11.685 1.00 50.33  ? 18  ASN L OD1 1 
ATOM   102  N ND2 . ASN A 1 12  ? -29.598 -12.242 -12.747 1.00 46.66  ? 18  ASN L ND2 1 
ATOM   103  N N   . ASP A 1 13  ? -27.627 -13.280 -8.274  1.00 25.34  ? 19  ASP L N   1 
ATOM   104  C CA  . ASP A 1 13  ? -26.719 -14.213 -7.665  1.00 19.83  ? 19  ASP L CA  1 
ATOM   105  C C   . ASP A 1 13  ? -25.873 -13.429 -6.719  1.00 16.19  ? 19  ASP L C   1 
ATOM   106  O O   . ASP A 1 13  ? -25.003 -12.664 -7.184  1.00 18.88  ? 19  ASP L O   1 
ATOM   107  C CB  . ASP A 1 13  ? -25.851 -14.785 -8.796  1.00 19.09  ? 19  ASP L CB  1 
ATOM   108  C CG  . ASP A 1 13  ? -24.885 -15.856 -8.361  1.00 9.43   ? 19  ASP L CG  1 
ATOM   109  O OD1 . ASP A 1 13  ? -24.864 -16.032 -7.071  1.00 34.61  ? 19  ASP L OD1 1 
ATOM   110  O OD2 . ASP A 1 13  ? -24.213 -16.498 -9.139  1.00 38.74  ? 19  ASP L OD2 1 
ATOM   111  N N   . ILE A 1 14  ? -26.190 -13.615 -5.431  1.00 12.12  ? 20  ILE L N   1 
ATOM   112  C CA  . ILE A 1 14  ? -25.506 -12.920 -4.363  1.00 15.98  ? 20  ILE L CA  1 
ATOM   113  C C   . ILE A 1 14  ? -24.075 -13.387 -4.139  1.00 20.40  ? 20  ILE L C   1 
ATOM   114  O O   . ILE A 1 14  ? -23.320 -12.750 -3.417  1.00 24.40  ? 20  ILE L O   1 
ATOM   115  C CB  . ILE A 1 14  ? -26.247 -12.965 -3.047  1.00 17.39  ? 20  ILE L CB  1 
ATOM   116  C CG1 . ILE A 1 14  ? -26.213 -14.377 -2.536  1.00 15.60  ? 20  ILE L CG1 1 
ATOM   117  C CG2 . ILE A 1 14  ? -27.701 -12.558 -3.208  1.00 15.15  ? 20  ILE L CG2 1 
ATOM   118  C CD1 . ILE A 1 14  ? -26.857 -14.419 -1.156  1.00 1.00   ? 20  ILE L CD1 1 
ATOM   119  N N   . GLN A 1 15  ? -23.647 -14.478 -4.753  1.00 20.09  ? 21  GLN L N   1 
ATOM   120  C CA  . GLN A 1 15  ? -22.268 -14.887 -4.536  1.00 16.46  ? 21  GLN L CA  1 
ATOM   121  C C   . GLN A 1 15  ? -21.353 -14.452 -5.653  1.00 16.35  ? 21  GLN L C   1 
ATOM   122  O O   . GLN A 1 15  ? -20.206 -14.837 -5.735  1.00 21.18  ? 21  GLN L O   1 
ATOM   123  C CB  . GLN A 1 15  ? -22.137 -16.375 -4.288  1.00 11.03  ? 21  GLN L CB  1 
ATOM   124  C CG  . GLN A 1 15  ? -23.007 -16.776 -3.110  1.00 20.11  ? 21  GLN L CG  1 
ATOM   125  C CD  . GLN A 1 15  ? -22.812 -18.218 -2.761  1.00 20.81  ? 21  GLN L CD  1 
ATOM   126  O OE1 . GLN A 1 15  ? -22.270 -18.991 -3.576  1.00 23.02  ? 21  GLN L OE1 1 
ATOM   127  N NE2 . GLN A 1 15  ? -23.292 -18.576 -1.576  1.00 24.44  ? 21  GLN L NE2 1 
ATOM   128  N N   . ALA A 1 16  ? -21.876 -13.623 -6.520  1.00 12.97  ? 22  ALA L N   1 
ATOM   129  C CA  . ALA A 1 16  ? -21.096 -13.108 -7.620  1.00 11.02  ? 22  ALA L CA  1 
ATOM   130  C C   . ALA A 1 16  ? -20.785 -11.643 -7.339  1.00 14.96  ? 22  ALA L C   1 
ATOM   131  O O   . ALA A 1 16  ? -21.589 -10.938 -6.732  1.00 20.98  ? 22  ALA L O   1 
ATOM   132  C CB  . ALA A 1 16  ? -21.968 -13.240 -8.858  1.00 12.69  ? 22  ALA L CB  1 
ATOM   133  N N   . CYS A 1 17  ? -19.633 -11.193 -7.787  1.00 14.05  ? 23  CYS L N   1 
ATOM   134  C CA  . CYS A 1 17  ? -19.160 -9.854  -7.569  1.00 17.36  ? 23  CYS L CA  1 
ATOM   135  C C   . CYS A 1 17  ? -19.904 -8.737  -8.291  1.00 20.39  ? 23  CYS L C   1 
ATOM   136  O O   . CYS A 1 17  ? -19.616 -7.553  -8.129  1.00 24.06  ? 23  CYS L O   1 
ATOM   137  C CB  . CYS A 1 17  ? -17.647 -9.741  -7.809  1.00 18.87  ? 23  CYS L CB  1 
ATOM   138  S SG  . CYS A 1 17  ? -16.579 -10.802 -6.784  1.00 20.15  ? 23  CYS L SG  1 
ATOM   139  N N   . ASP A 1 18  ? -20.880 -9.087  -9.092  1.00 18.41  ? 24  ASP L N   1 
ATOM   140  C CA  . ASP A 1 18  ? -21.607 -8.036  -9.779  1.00 15.74  ? 24  ASP L CA  1 
ATOM   141  C C   . ASP A 1 18  ? -23.015 -7.926  -9.256  1.00 18.83  ? 24  ASP L C   1 
ATOM   142  O O   . ASP A 1 18  ? -23.865 -7.277  -9.848  1.00 20.13  ? 24  ASP L O   1 
ATOM   143  C CB  . ASP A 1 18  ? -21.598 -8.135  -11.307 1.00 11.81  ? 24  ASP L CB  1 
ATOM   144  C CG  . ASP A 1 18  ? -22.038 -9.484  -11.829 1.00 32.03  ? 24  ASP L CG  1 
ATOM   145  O OD1 . ASP A 1 18  ? -22.459 -10.404 -11.134 1.00 20.43  ? 24  ASP L OD1 1 
ATOM   146  O OD2 . ASP A 1 18  ? -21.894 -9.562  -13.131 1.00 21.88  ? 24  ASP L OD2 1 
ATOM   147  N N   . TYR A 1 19  ? -23.243 -8.597  -8.124  1.00 18.63  ? 25  TYR L N   1 
ATOM   148  C CA  . TYR A 1 19  ? -24.523 -8.504  -7.477  1.00 17.13  ? 25  TYR L CA  1 
ATOM   149  C C   . TYR A 1 19  ? -24.682 -7.056  -7.045  1.00 21.76  ? 25  TYR L C   1 
ATOM   150  O O   . TYR A 1 19  ? -23.770 -6.466  -6.508  1.00 23.78  ? 25  TYR L O   1 
ATOM   151  C CB  . TYR A 1 19  ? -24.502 -9.349  -6.262  1.00 14.74  ? 25  TYR L CB  1 
ATOM   152  C CG  . TYR A 1 19  ? -25.772 -9.167  -5.514  1.00 20.16  ? 25  TYR L CG  1 
ATOM   153  C CD1 . TYR A 1 19  ? -26.995 -9.508  -6.082  1.00 20.52  ? 25  TYR L CD1 1 
ATOM   154  C CD2 . TYR A 1 19  ? -25.755 -8.743  -4.193  1.00 20.66  ? 25  TYR L CD2 1 
ATOM   155  C CE1 . TYR A 1 19  ? -28.179 -9.421  -5.353  1.00 19.50  ? 25  TYR L CE1 1 
ATOM   156  C CE2 . TYR A 1 19  ? -26.926 -8.662  -3.443  1.00 22.50  ? 25  TYR L CE2 1 
ATOM   157  C CZ  . TYR A 1 19  ? -28.144 -8.979  -4.034  1.00 22.26  ? 25  TYR L CZ  1 
ATOM   158  O OH  . TYR A 1 19  ? -29.288 -8.857  -3.295  1.00 25.70  ? 25  TYR L OH  1 
ATOM   159  N N   . TRP A 1 20  ? -25.798 -6.433  -7.343  1.00 24.90  ? 26  TRP L N   1 
ATOM   160  C CA  . TRP A 1 20  ? -26.031 -5.026  -7.093  1.00 19.72  ? 26  TRP L CA  1 
ATOM   161  C C   . TRP A 1 20  ? -25.590 -4.401  -5.765  1.00 20.85  ? 26  TRP L C   1 
ATOM   162  O O   . TRP A 1 20  ? -25.136 -3.292  -5.770  1.00 23.39  ? 26  TRP L O   1 
ATOM   163  C CB  . TRP A 1 20  ? -27.409 -4.609  -7.577  1.00 16.34  ? 26  TRP L CB  1 
ATOM   164  C CG  . TRP A 1 20  ? -28.468 -4.945  -6.607  1.00 15.59  ? 26  TRP L CG  1 
ATOM   165  C CD1 . TRP A 1 20  ? -29.190 -6.089  -6.496  1.00 19.80  ? 26  TRP L CD1 1 
ATOM   166  C CD2 . TRP A 1 20  ? -28.884 -4.107  -5.556  1.00 16.10  ? 26  TRP L CD2 1 
ATOM   167  N NE1 . TRP A 1 20  ? -30.041 -6.035  -5.384  1.00 16.88  ? 26  TRP L NE1 1 
ATOM   168  C CE2 . TRP A 1 20  ? -29.873 -4.800  -4.822  1.00 16.41  ? 26  TRP L CE2 1 
ATOM   169  C CE3 . TRP A 1 20  ? -28.481 -2.856  -5.161  1.00 15.82  ? 26  TRP L CE3 1 
ATOM   170  C CZ2 . TRP A 1 20  ? -30.470 -4.217  -3.721  1.00 16.65  ? 26  TRP L CZ2 1 
ATOM   171  C CZ3 . TRP A 1 20  ? -29.086 -2.293  -4.087  1.00 15.12  ? 26  TRP L CZ3 1 
ATOM   172  C CH2 . TRP A 1 20  ? -30.060 -2.964  -3.365  1.00 15.79  ? 26  TRP L CH2 1 
ATOM   173  N N   . ARG A 1 21  ? -25.685 -5.101  -4.633  1.00 19.62  ? 27  ARG L N   1 
ATOM   174  C CA  . ARG A 1 21  ? -25.316 -4.633  -3.299  1.00 12.59  ? 27  ARG L CA  1 
ATOM   175  C C   . ARG A 1 21  ? -23.848 -4.567  -2.980  1.00 16.15  ? 27  ARG L C   1 
ATOM   176  O O   . ARG A 1 21  ? -23.438 -3.848  -2.075  1.00 21.76  ? 27  ARG L O   1 
ATOM   177  C CB  . ARG A 1 21  ? -25.959 -5.496  -2.252  1.00 8.16   ? 27  ARG L CB  1 
ATOM   178  C CG  . ARG A 1 21  ? -27.473 -5.358  -2.239  1.00 1.00   ? 27  ARG L CG  1 
ATOM   179  C CD  . ARG A 1 21  ? -28.034 -5.885  -0.934  1.00 11.12  ? 27  ARG L CD  1 
ATOM   180  N NE  . ARG A 1 21  ? -29.441 -6.222  -1.079  1.00 14.56  ? 27  ARG L NE  1 
ATOM   181  C CZ  . ARG A 1 21  ? -30.164 -6.501  0.001   1.00 19.80  ? 27  ARG L CZ  1 
ATOM   182  N NH1 . ARG A 1 21  ? -29.618 -6.511  1.224   1.00 21.36  ? 27  ARG L NH1 1 
ATOM   183  N NH2 . ARG A 1 21  ? -31.446 -6.813  -0.141  1.00 20.08  ? 27  ARG L NH2 1 
ATOM   184  N N   . HIS A 1 22  ? -23.063 -5.322  -3.708  1.00 14.49  ? 28  HIS L N   1 
ATOM   185  C CA  . HIS A 1 22  ? -21.632 -5.362  -3.533  1.00 13.82  ? 28  HIS L CA  1 
ATOM   186  C C   . HIS A 1 22  ? -20.914 -4.266  -4.292  1.00 18.42  ? 28  HIS L C   1 
ATOM   187  O O   . HIS A 1 22  ? -19.713 -4.382  -4.490  1.00 20.15  ? 28  HIS L O   1 
ATOM   188  C CB  . HIS A 1 22  ? -21.089 -6.713  -4.044  1.00 10.15  ? 28  HIS L CB  1 
ATOM   189  C CG  . HIS A 1 22  ? -21.773 -7.886  -3.407  1.00 12.02  ? 28  HIS L CG  1 
ATOM   190  N ND1 . HIS A 1 22  ? -22.384 -7.778  -2.153  1.00 15.15  ? 28  HIS L ND1 1 
ATOM   191  C CD2 . HIS A 1 22  ? -21.947 -9.158  -3.852  1.00 10.02  ? 28  HIS L CD2 1 
ATOM   192  C CE1 . HIS A 1 22  ? -22.866 -8.980  -1.841  1.00 14.37  ? 28  HIS L CE1 1 
ATOM   193  N NE2 . HIS A 1 22  ? -22.632 -9.816  -2.850  1.00 14.00  ? 28  HIS L NE2 1 
ATOM   194  N N   . CYS A 1 23  ? -21.614 -3.227  -4.749  1.00 21.15  ? 29  CYS L N   1 
ATOM   195  C CA  . CYS A 1 23  ? -21.010 -2.155  -5.560  1.00 18.32  ? 29  CYS L CA  1 
ATOM   196  C C   . CYS A 1 23  ? -19.775 -1.529  -4.977  1.00 16.04  ? 29  CYS L C   1 
ATOM   197  O O   . CYS A 1 23  ? -18.952 -0.995  -5.714  1.00 16.14  ? 29  CYS L O   1 
ATOM   198  C CB  . CYS A 1 23  ? -22.006 -1.086  -6.047  1.00 17.85  ? 29  CYS L CB  1 
ATOM   199  S SG  . CYS A 1 23  ? -22.437 0.225   -4.863  1.00 16.38  ? 29  CYS L SG  1 
ATOM   200  N N   . SER A 1 24  ? -19.652 -1.592  -3.643  1.00 12.73  ? 30  SER L N   1 
ATOM   201  C CA  . SER A 1 24  ? -18.488 -1.066  -2.977  1.00 14.42  ? 30  SER L CA  1 
ATOM   202  C C   . SER A 1 24  ? -17.806 -2.039  -2.008  1.00 18.16  ? 30  SER L C   1 
ATOM   203  O O   . SER A 1 24  ? -17.086 -1.631  -1.100  1.00 18.74  ? 30  SER L O   1 
ATOM   204  C CB  . SER A 1 24  ? -18.632 0.346   -2.425  1.00 16.00  ? 30  SER L CB  1 
ATOM   205  O OG  . SER A 1 24  ? -17.368 0.974   -2.466  1.00 9.04   ? 30  SER L OG  1 
ATOM   206  N N   . ILE A 1 25  ? -17.998 -3.328  -2.242  1.00 18.21  ? 31  ILE L N   1 
ATOM   207  C CA  . ILE A 1 25  ? -17.397 -4.372  -1.449  1.00 14.74  ? 31  ILE L CA  1 
ATOM   208  C C   . ILE A 1 25  ? -15.909 -4.489  -1.709  1.00 15.30  ? 31  ILE L C   1 
ATOM   209  O O   . ILE A 1 25  ? -15.396 -4.295  -2.801  1.00 12.90  ? 31  ILE L O   1 
ATOM   210  C CB  . ILE A 1 25  ? -18.139 -5.711  -1.564  1.00 10.29  ? 31  ILE L CB  1 
ATOM   211  C CG1 . ILE A 1 25  ? -17.929 -6.537  -0.324  1.00 9.36   ? 31  ILE L CG1 1 
ATOM   212  C CG2 . ILE A 1 25  ? -17.693 -6.507  -2.755  1.00 5.66   ? 31  ILE L CG2 1 
ATOM   213  C CD1 . ILE A 1 25  ? -18.963 -7.630  -0.123  1.00 10.85  ? 31  ILE L CD1 1 
ATOM   214  N N   . ASP A 1 26  ? -15.187 -4.784  -0.646  1.00 17.10  ? 32  ASP L N   1 
ATOM   215  C CA  . ASP A 1 26  ? -13.765 -5.010  -0.704  1.00 12.49  ? 32  ASP L CA  1 
ATOM   216  C C   . ASP A 1 26  ? -13.490 -6.161  0.256   1.00 19.26  ? 32  ASP L C   1 
ATOM   217  O O   . ASP A 1 26  ? -13.748 -6.076  1.463   1.00 29.95  ? 32  ASP L O   1 
ATOM   218  C CB  . ASP A 1 26  ? -12.962 -3.776  -0.418  1.00 8.49   ? 32  ASP L CB  1 
ATOM   219  C CG  . ASP A 1 26  ? -11.524 -4.172  -0.309  1.00 29.44  ? 32  ASP L CG  1 
ATOM   220  O OD1 . ASP A 1 26  ? -11.097 -5.152  -0.838  1.00 19.82  ? 32  ASP L OD1 1 
ATOM   221  O OD2 . ASP A 1 26  ? -10.777 -3.331  0.360   1.00 20.03  ? 32  ASP L OD2 1 
ATOM   222  N N   . GLY A 1 27  ? -13.057 -7.310  -0.262  1.00 14.44  ? 33  GLY L N   1 
ATOM   223  C CA  . GLY A 1 27  ? -12.855 -8.479  0.577   1.00 9.61   ? 33  GLY L CA  1 
ATOM   224  C C   . GLY A 1 27  ? -13.590 -9.713  0.008   1.00 14.84  ? 33  GLY L C   1 
ATOM   225  O O   . GLY A 1 27  ? -13.413 -10.035 -1.160  1.00 17.41  ? 33  GLY L O   1 
ATOM   226  N N   . ASN A 1 28  ? -14.422 -10.393 0.837   1.00 10.85  ? 34  ASN L N   1 
ATOM   227  C CA  . ASN A 1 28  ? -15.073 -11.641 0.513   1.00 8.32   ? 34  ASN L CA  1 
ATOM   228  C C   . ASN A 1 28  ? -16.496 -11.623 0.959   1.00 9.13   ? 34  ASN L C   1 
ATOM   229  O O   . ASN A 1 28  ? -16.737 -11.102 2.004   1.00 12.69  ? 34  ASN L O   1 
ATOM   230  C CB  . ASN A 1 28  ? -14.351 -12.743 1.372   1.00 3.26   ? 34  ASN L CB  1 
ATOM   231  C CG  . ASN A 1 28  ? -12.894 -12.960 0.981   1.00 7.70   ? 34  ASN L CG  1 
ATOM   232  O OD1 . ASN A 1 28  ? -12.567 -14.002 0.379   1.00 22.28  ? 34  ASN L OD1 1 
ATOM   233  N ND2 . ASN A 1 28  ? -11.983 -12.038 1.300   1.00 15.08  ? 34  ASN L ND2 1 
ATOM   234  N N   . ILE A 1 29  ? -17.397 -12.262 0.225   1.00 9.15   ? 35  ILE L N   1 
ATOM   235  C CA  . ILE A 1 29  ? -18.812 -12.344 0.541   1.00 12.26  ? 35  ILE L CA  1 
ATOM   236  C C   . ILE A 1 29  ? -19.054 -13.310 1.701   1.00 16.15  ? 35  ILE L C   1 
ATOM   237  O O   . ILE A 1 29  ? -18.544 -14.421 1.685   1.00 21.30  ? 35  ILE L O   1 
ATOM   238  C CB  . ILE A 1 29  ? -19.561 -12.686 -0.762  1.00 13.70  ? 35  ILE L CB  1 
ATOM   239  C CG1 . ILE A 1 29  ? -19.196 -11.579 -1.768  1.00 6.73   ? 35  ILE L CG1 1 
ATOM   240  C CG2 . ILE A 1 29  ? -21.089 -12.704 -0.572  1.00 10.12  ? 35  ILE L CG2 1 
ATOM   241  C CD1 . ILE A 1 29  ? -19.494 -11.922 -3.218  1.00 7.31   ? 35  ILE L CD1 1 
ATOM   242  N N   . CYS A 1 30  ? -19.818 -12.902 2.727   1.00 14.45  ? 36  CYS L N   1 
ATOM   243  C CA  . CYS A 1 30  ? -20.042 -13.779 3.877   1.00 12.24  ? 36  CYS L CA  1 
ATOM   244  C C   . CYS A 1 30  ? -20.906 -14.946 3.538   1.00 15.86  ? 36  CYS L C   1 
ATOM   245  O O   . CYS A 1 30  ? -20.868 -15.989 4.219   1.00 18.15  ? 36  CYS L O   1 
ATOM   246  C CB  . CYS A 1 30  ? -20.625 -13.083 5.127   1.00 11.90  ? 36  CYS L CB  1 
ATOM   247  S SG  . CYS A 1 30  ? -19.466 -11.860 5.793   1.00 15.42  ? 36  CYS L SG  1 
ATOM   248  N N   . ASP A 1 31  ? -21.716 -14.751 2.496   1.00 15.13  ? 37  ASP L N   1 
ATOM   249  C CA  . ASP A 1 31  ? -22.590 -15.827 2.092   1.00 14.16  ? 37  ASP L CA  1 
ATOM   250  C C   . ASP A 1 31  ? -21.741 -17.043 1.696   1.00 19.06  ? 37  ASP L C   1 
ATOM   251  O O   . ASP A 1 31  ? -22.257 -18.122 1.621   1.00 22.27  ? 37  ASP L O   1 
ATOM   252  C CB  . ASP A 1 31  ? -23.572 -15.420 0.948   1.00 11.18  ? 37  ASP L CB  1 
ATOM   253  C CG  . ASP A 1 31  ? -24.690 -16.440 0.784   1.00 23.56  ? 37  ASP L CG  1 
ATOM   254  O OD1 . ASP A 1 31  ? -25.294 -16.876 1.724   1.00 24.99  ? 37  ASP L OD1 1 
ATOM   255  O OD2 . ASP A 1 31  ? -24.969 -16.842 -0.436  1.00 21.31  ? 37  ASP L OD2 1 
ATOM   256  N N   . CYS A 1 32  ? -20.434 -16.909 1.417   1.00 18.32  ? 38  CYS L N   1 
ATOM   257  C CA  . CYS A 1 32  ? -19.656 -18.060 1.010   1.00 13.79  ? 38  CYS L CA  1 
ATOM   258  C C   . CYS A 1 32  ? -18.901 -18.767 2.109   1.00 16.19  ? 38  CYS L C   1 
ATOM   259  O O   . CYS A 1 32  ? -18.097 -19.622 1.832   1.00 17.88  ? 38  CYS L O   1 
ATOM   260  C CB  . CYS A 1 32  ? -18.679 -17.718 -0.099  1.00 12.04  ? 38  CYS L CB  1 
ATOM   261  S SG  . CYS A 1 32  ? -19.501 -16.860 -1.432  1.00 15.69  ? 38  CYS L SG  1 
ATOM   262  N N   . SER A 1 33  ? -19.128 -18.452 3.356   1.00 16.08  ? 39  SER L N   1 
ATOM   263  C CA  . SER A 1 33  ? -18.375 -19.126 4.364   1.00 13.83  ? 39  SER L CA  1 
ATOM   264  C C   . SER A 1 33  ? -19.187 -19.316 5.616   1.00 14.05  ? 39  SER L C   1 
ATOM   265  O O   . SER A 1 33  ? -18.629 -19.297 6.721   1.00 13.48  ? 39  SER L O   1 
ATOM   266  C CB  . SER A 1 33  ? -17.052 -18.407 4.660   1.00 14.07  ? 39  SER L CB  1 
ATOM   267  O OG  . SER A 1 33  ? -17.295 -17.079 5.145   1.00 19.93  ? 39  SER L OG  1 
ATOM   268  N N   . GLY A 1 34  ? -20.505 -19.462 5.437   1.00 10.73  ? 40  GLY L N   1 
ATOM   269  C CA  . GLY A 1 34  ? -21.368 -19.727 6.565   1.00 9.98   ? 40  GLY L CA  1 
ATOM   270  C C   . GLY A 1 34  ? -22.251 -18.602 7.042   1.00 16.79  ? 40  GLY L C   1 
ATOM   271  O O   . GLY A 1 34  ? -23.073 -18.772 7.975   1.00 20.95  ? 40  GLY L O   1 
ATOM   272  N N   . GLY A 1 35  ? -22.087 -17.450 6.430   1.00 16.86  ? 41  GLY L N   1 
ATOM   273  C CA  . GLY A 1 35  ? -22.887 -16.316 6.838   1.00 17.01  ? 41  GLY L CA  1 
ATOM   274  C C   . GLY A 1 35  ? -24.071 -16.146 5.938   1.00 18.61  ? 41  GLY L C   1 
ATOM   275  O O   . GLY A 1 35  ? -24.668 -17.103 5.468   1.00 24.82  ? 41  GLY L O   1 
ATOM   276  N N   . SER A 1 36  ? -24.424 -14.918 5.663   1.00 17.31  ? 42  SER L N   1 
ATOM   277  C CA  . SER A 1 36  ? -25.542 -14.686 4.757   1.00 14.27  ? 42  SER L CA  1 
ATOM   278  C C   . SER A 1 36  ? -25.331 -13.355 4.077   1.00 16.08  ? 42  SER L C   1 
ATOM   279  O O   . SER A 1 36  ? -24.288 -12.712 4.257   1.00 19.77  ? 42  SER L O   1 
ATOM   280  C CB  . SER A 1 36  ? -26.913 -14.849 5.408   1.00 9.90   ? 42  SER L CB  1 
ATOM   281  O OG  . SER A 1 36  ? -27.125 -13.918 6.459   1.00 48.22  ? 42  SER L OG  1 
ATOM   282  N N   . LEU A 1 37  ? -26.270 -12.903 3.278   1.00 17.74  ? 43  LEU L N   1 
ATOM   283  C CA  . LEU A 1 37  ? -26.002 -11.624 2.628   1.00 17.74  ? 43  LEU L CA  1 
ATOM   284  C C   . LEU A 1 37  ? -25.904 -10.524 3.668   1.00 19.32  ? 43  LEU L C   1 
ATOM   285  O O   . LEU A 1 37  ? -25.169 -9.558  3.468   1.00 24.56  ? 43  LEU L O   1 
ATOM   286  C CB  . LEU A 1 37  ? -27.039 -11.330 1.517   1.00 16.61  ? 43  LEU L CB  1 
ATOM   287  C CG  . LEU A 1 37  ? -26.949 -9.996  0.805   1.00 11.76  ? 43  LEU L CG  1 
ATOM   288  C CD1 . LEU A 1 37  ? -25.978 -10.028 -0.377  1.00 11.03  ? 43  LEU L CD1 1 
ATOM   289  C CD2 . LEU A 1 37  ? -28.327 -9.683  0.248   1.00 12.93  ? 43  LEU L CD2 1 
ATOM   290  N N   . THR A 1 38  ? -26.617 -10.708 4.793   1.00 16.82  ? 44  THR L N   1 
ATOM   291  C CA  . THR A 1 38  ? -26.699 -9.730  5.901   1.00 15.25  ? 44  THR L CA  1 
ATOM   292  C C   . THR A 1 38  ? -26.325 -10.207 7.316   1.00 17.78  ? 44  THR L C   1 
ATOM   293  O O   . THR A 1 38  ? -26.350 -9.396  8.254   1.00 24.99  ? 44  THR L O   1 
ATOM   294  C CB  . THR A 1 38  ? -28.057 -8.970  5.920   1.00 14.13  ? 44  THR L CB  1 
ATOM   295  O OG1 . THR A 1 38  ? -29.081 -9.882  6.221   1.00 22.17  ? 44  THR L OG1 1 
ATOM   296  C CG2 . THR A 1 38  ? -28.468 -8.393  4.564   1.00 16.50  ? 44  THR L CG2 1 
ATOM   297  N N   . ASN A 1 39  ? -25.960 -11.489 7.508   1.00 15.56  ? 45  ASN L N   1 
ATOM   298  C CA  . ASN A 1 39  ? -25.576 -11.989 8.842   1.00 12.89  ? 45  ASN L CA  1 
ATOM   299  C C   . ASN A 1 39  ? -24.201 -12.544 8.815   1.00 16.14  ? 45  ASN L C   1 
ATOM   300  O O   . ASN A 1 39  ? -23.777 -12.981 7.749   1.00 18.72  ? 45  ASN L O   1 
ATOM   301  C CB  . ASN A 1 39  ? -26.435 -13.178 9.101   1.00 9.57   ? 45  ASN L CB  1 
ATOM   302  C CG  . ASN A 1 39  ? -27.845 -12.688 9.279   1.00 20.55  ? 45  ASN L CG  1 
ATOM   303  O OD1 . ASN A 1 39  ? -28.059 -11.641 9.909   1.00 25.39  ? 45  ASN L OD1 1 
ATOM   304  N ND2 . ASN A 1 39  ? -28.776 -13.401 8.674   1.00 21.89  ? 45  ASN L ND2 1 
ATOM   305  N N   . CYS A 1 40  ? -23.528 -12.557 9.954   1.00 14.47  ? 46  CYS L N   1 
ATOM   306  C CA  . CYS A 1 40  ? -22.176 -13.116 9.986   1.00 12.85  ? 46  CYS L CA  1 
ATOM   307  C C   . CYS A 1 40  ? -22.222 -14.610 10.213  1.00 15.55  ? 46  CYS L C   1 
ATOM   308  O O   . CYS A 1 40  ? -23.202 -15.099 10.751  1.00 16.05  ? 46  CYS L O   1 
ATOM   309  C CB  . CYS A 1 40  ? -21.296 -12.555 11.101  1.00 12.56  ? 46  CYS L CB  1 
ATOM   310  S SG  . CYS A 1 40  ? -21.013 -10.802 10.926  1.00 16.51  ? 46  CYS L SG  1 
ATOM   311  N N   . PRO A 1 41  ? -21.142 -15.308 9.837   1.00 15.32  ? 47  PRO L N   1 
ATOM   312  C CA  . PRO A 1 41  ? -21.058 -16.731 9.998   1.00 11.65  ? 47  PRO L CA  1 
ATOM   313  C C   . PRO A 1 41  ? -20.854 -17.054 11.442  1.00 16.45  ? 47  PRO L C   1 
ATOM   314  O O   . PRO A 1 41  ? -20.376 -16.215 12.215  1.00 20.06  ? 47  PRO L O   1 
ATOM   315  C CB  . PRO A 1 41  ? -19.804 -17.173 9.239   1.00 7.38   ? 47  PRO L CB  1 
ATOM   316  C CG  . PRO A 1 41  ? -19.200 -15.964 8.568   1.00 8.35   ? 47  PRO L CG  1 
ATOM   317  C CD  . PRO A 1 41  ? -20.075 -14.796 8.920   1.00 14.28  ? 47  PRO L CD  1 
ATOM   318  N N   . PRO A 1 42  ? -21.145 -18.288 11.808  1.00 14.47  ? 48  PRO L N   1 
ATOM   319  C CA  . PRO A 1 42  ? -20.943 -18.676 13.191  1.00 10.95  ? 48  PRO L CA  1 
ATOM   320  C C   . PRO A 1 42  ? -19.504 -18.451 13.694  1.00 17.51  ? 48  PRO L C   1 
ATOM   321  O O   . PRO A 1 42  ? -18.534 -18.710 12.975  1.00 23.32  ? 48  PRO L O   1 
ATOM   322  C CB  . PRO A 1 42  ? -21.338 -20.160 13.263  1.00 9.30   ? 48  PRO L CB  1 
ATOM   323  C CG  . PRO A 1 42  ? -21.846 -20.575 11.892  1.00 10.81  ? 48  PRO L CG  1 
ATOM   324  C CD  . PRO A 1 42  ? -21.838 -19.338 10.992  1.00 12.21  ? 48  PRO L CD  1 
ATOM   325  N N   . GLY A 1 43  ? -19.316 -17.991 14.941  1.00 16.28  ? 49  GLY L N   1 
ATOM   326  C CA  . GLY A 1 43  ? -17.961 -17.813 15.437  1.00 16.72  ? 49  GLY L CA  1 
ATOM   327  C C   . GLY A 1 43  ? -17.329 -16.429 15.286  1.00 21.95  ? 49  GLY L C   1 
ATOM   328  O O   . GLY A 1 43  ? -16.441 -16.087 16.082  1.00 26.18  ? 49  GLY L O   1 
ATOM   329  N N   . THR A 1 44  ? -17.747 -15.662 14.266  1.00 19.78  ? 50  THR L N   1 
ATOM   330  C CA  . THR A 1 44  ? -17.200 -14.344 14.022  1.00 16.62  ? 50  THR L CA  1 
ATOM   331  C C   . THR A 1 44  ? -17.907 -13.266 14.813  1.00 17.27  ? 50  THR L C   1 
ATOM   332  O O   . THR A 1 44  ? -18.925 -13.518 15.424  1.00 17.76  ? 50  THR L O   1 
ATOM   333  C CB  . THR A 1 44  ? -17.322 -13.982 12.564  1.00 15.72  ? 50  THR L CB  1 
ATOM   334  O OG1 . THR A 1 44  ? -18.686 -14.061 12.239  1.00 10.99  ? 50  THR L OG1 1 
ATOM   335  C CG2 . THR A 1 44  ? -16.510 -14.964 11.749  1.00 6.45   ? 50  THR L CG2 1 
ATOM   336  N N   . LYS A 1 45  ? -17.350 -12.061 14.788  1.00 14.68  ? 51  LYS L N   1 
ATOM   337  C CA  . LYS A 1 45  ? -17.862 -10.918 15.521  1.00 11.28  ? 51  LYS L CA  1 
ATOM   338  C C   . LYS A 1 45  ? -18.358 -9.846  14.551  1.00 13.84  ? 51  LYS L C   1 
ATOM   339  O O   . LYS A 1 45  ? -17.631 -9.506  13.647  1.00 19.03  ? 51  LYS L O   1 
ATOM   340  C CB  . LYS A 1 45  ? -16.673 -10.364 16.287  1.00 10.21  ? 51  LYS L CB  1 
ATOM   341  C CG  . LYS A 1 45  ? -16.187 -11.361 17.292  1.00 10.35  ? 51  LYS L CG  1 
ATOM   342  C CD  . LYS A 1 45  ? -17.361 -12.236 17.685  1.00 22.17  ? 51  LYS L CD  1 
ATOM   343  C CE  . LYS A 1 45  ? -17.322 -12.748 19.114  1.00 44.15  ? 51  LYS L CE  1 
ATOM   344  N NZ  . LYS A 1 45  ? -16.433 -13.889 19.304  1.00 36.44  ? 51  LYS L NZ  1 
ATOM   345  N N   . LEU A 1 46  ? -19.580 -9.347  14.719  1.00 12.74  ? 52  LEU L N   1 
ATOM   346  C CA  . LEU A 1 46  ? -20.161 -8.328  13.885  1.00 16.29  ? 52  LEU L CA  1 
ATOM   347  C C   . LEU A 1 46  ? -19.631 -6.946  14.285  1.00 20.67  ? 52  LEU L C   1 
ATOM   348  O O   . LEU A 1 46  ? -19.711 -6.524  15.429  1.00 26.38  ? 52  LEU L O   1 
ATOM   349  C CB  . LEU A 1 46  ? -21.676 -8.328  14.159  1.00 14.08  ? 52  LEU L CB  1 
ATOM   350  C CG  . LEU A 1 46  ? -22.594 -8.135  12.972  1.00 22.43  ? 52  LEU L CG  1 
ATOM   351  C CD1 . LEU A 1 46  ? -23.937 -7.664  13.452  1.00 7.65   ? 52  LEU L CD1 1 
ATOM   352  C CD2 . LEU A 1 46  ? -22.038 -7.292  11.855  1.00 8.80   ? 52  LEU L CD2 1 
ATOM   353  N N   . ALA A 1 47  ? -19.114 -6.203  13.353  1.00 17.14  ? 53  ALA L N   1 
ATOM   354  C CA  . ALA A 1 47  ? -18.605 -4.886  13.679  1.00 13.21  ? 53  ALA L CA  1 
ATOM   355  C C   . ALA A 1 47  ? -19.741 -3.912  13.805  1.00 16.25  ? 53  ALA L C   1 
ATOM   356  O O   . ALA A 1 47  ? -20.825 -4.118  13.274  1.00 17.94  ? 53  ALA L O   1 
ATOM   357  C CB  . ALA A 1 47  ? -17.730 -4.354  12.549  1.00 10.52  ? 53  ALA L CB  1 
ATOM   358  N N   . THR A 1 48  ? -19.472 -2.803  14.463  1.00 17.71  ? 54  THR L N   1 
ATOM   359  C CA  . THR A 1 48  ? -20.494 -1.792  14.565  1.00 17.45  ? 54  THR L CA  1 
ATOM   360  C C   . THR A 1 48  ? -20.200 -0.844  13.439  1.00 22.22  ? 54  THR L C   1 
ATOM   361  O O   . THR A 1 48  ? -21.145 -0.211  12.961  1.00 26.76  ? 54  THR L O   1 
ATOM   362  C CB  . THR A 1 48  ? -20.356 -0.915  15.810  1.00 18.55  ? 54  THR L CB  1 
ATOM   363  O OG1 . THR A 1 48  ? -18.979 -0.637  15.998  1.00 23.58  ? 54  THR L OG1 1 
ATOM   364  C CG2 . THR A 1 48  ? -20.958 -1.553  17.042  1.00 18.31  ? 54  THR L CG2 1 
ATOM   365  N N   . ALA A 1 49  ? -18.882 -0.744  13.068  1.00 17.77  ? 55  ALA L N   1 
ATOM   366  C CA  . ALA A 1 49  ? -18.411 0.150   11.992  1.00 13.58  ? 55  ALA L CA  1 
ATOM   367  C C   . ALA A 1 49  ? -18.676 -0.333  10.572  1.00 19.24  ? 55  ALA L C   1 
ATOM   368  O O   . ALA A 1 49  ? -19.022 -1.495  10.341  1.00 25.73  ? 55  ALA L O   1 
ATOM   369  C CB  . ALA A 1 49  ? -16.955 0.503   12.132  1.00 10.41  ? 55  ALA L CB  1 
ATOM   370  N N   . SER A 1 50  ? -18.493 0.583   9.610   1.00 18.92  ? 56  SER L N   1 
ATOM   371  C CA  . SER A 1 50  ? -18.707 0.239   8.204   1.00 21.56  ? 56  SER L CA  1 
ATOM   372  C C   . SER A 1 50  ? -18.346 1.314   7.190   1.00 21.46  ? 56  SER L C   1 
ATOM   373  O O   . SER A 1 50  ? -18.055 2.456   7.508   1.00 26.60  ? 56  SER L O   1 
ATOM   374  C CB  . SER A 1 50  ? -20.149 -0.118  7.979   1.00 23.93  ? 56  SER L CB  1 
ATOM   375  O OG  . SER A 1 50  ? -20.905 1.073   7.999   1.00 19.87  ? 56  SER L OG  1 
HETATM 376  N N   . 0AF A 1 51  ? -18.359 0.967   5.923   1.00 17.63  ? 57  0AF L N   1 
HETATM 377  C CA  . 0AF A 1 51  ? -18.128 1.996   4.939   1.00 13.92  ? 57  0AF L CA  1 
HETATM 378  C C   . 0AF A 1 51  ? -19.408 1.952   4.174   1.00 14.55  ? 57  0AF L C   1 
HETATM 379  O O   . 0AF A 1 51  ? -20.073 0.922   4.195   1.00 15.04  ? 57  0AF L O   1 
HETATM 380  C CB  . 0AF A 1 51  ? -16.832 1.934   4.113   1.00 13.02  ? 57  0AF L CB  1 
HETATM 381  C CG  . 0AF A 1 51  ? -16.630 0.623   3.469   1.00 16.36  ? 57  0AF L CG  1 
HETATM 382  C CD1 . 0AF A 1 51  ? -17.134 0.311   2.257   1.00 14.31  ? 57  0AF L CD1 1 
HETATM 383  C CD2 . 0AF A 1 51  ? -15.902 -0.548  3.955   1.00 17.31  ? 57  0AF L CD2 1 
HETATM 384  N NE1 . 0AF A 1 51  ? -16.784 -0.958  1.912   1.00 14.29  ? 57  0AF L NE1 1 
HETATM 385  C CE2 . 0AF A 1 51  ? -16.041 -1.511  2.932   1.00 16.75  ? 57  0AF L CE2 1 
HETATM 386  C CE3 . 0AF A 1 51  ? -15.175 -0.918  5.123   1.00 14.97  ? 57  0AF L CE3 1 
HETATM 387  C CZ2 . 0AF A 1 51  ? -15.476 -2.768  3.033   1.00 17.67  ? 57  0AF L CZ2 1 
HETATM 388  O O1  . 0AF A 1 51  ? -15.638 -3.537  2.126   1.00 15.95  ? 57  0AF L O1  1 
HETATM 389  C CZ3 . 0AF A 1 51  ? -14.581 -2.177  5.193   1.00 18.21  ? 57  0AF L CZ3 1 
HETATM 390  C CH2 . 0AF A 1 51  ? -14.740 -3.115  4.169   1.00 21.66  ? 57  0AF L CH2 1 
ATOM   391  N N   . VAL A 1 52  ? -19.831 3.051   3.599   1.00 13.87  ? 58  VAL L N   1 
ATOM   392  C CA  . VAL A 1 52  ? -21.100 2.967   2.938   1.00 13.47  ? 58  VAL L CA  1 
ATOM   393  C C   . VAL A 1 52  ? -20.913 3.228   1.493   1.00 12.18  ? 58  VAL L C   1 
ATOM   394  O O   . VAL A 1 52  ? -19.888 3.702   1.051   1.00 12.46  ? 58  VAL L O   1 
ATOM   395  C CB  . VAL A 1 52  ? -22.093 4.046   3.412   1.00 17.88  ? 58  VAL L CB  1 
ATOM   396  C CG1 . VAL A 1 52  ? -22.477 3.940   4.878   1.00 13.59  ? 58  VAL L CG1 1 
ATOM   397  C CG2 . VAL A 1 52  ? -21.540 5.437   3.152   1.00 13.69  ? 58  VAL L CG2 1 
ATOM   398  N N   . ALA A 1 53  ? -21.960 2.921   0.760   1.00 14.39  ? 59  ALA L N   1 
ATOM   399  C CA  . ALA A 1 53  ? -22.025 3.183   -0.666  1.00 12.87  ? 59  ALA L CA  1 
ATOM   400  C C   . ALA A 1 53  ? -23.471 3.235   -1.108  1.00 12.99  ? 59  ALA L C   1 
ATOM   401  O O   . ALA A 1 53  ? -24.403 2.678   -0.494  1.00 14.67  ? 59  ALA L O   1 
ATOM   402  C CB  . ALA A 1 53  ? -21.170 2.316   -1.552  1.00 11.53  ? 59  ALA L CB  1 
ATOM   403  N N   . SER A 1 54  ? -23.699 3.971   -2.159  1.00 11.88  ? 60  SER L N   1 
ATOM   404  C CA  . SER A 1 54  ? -25.071 3.991   -2.606  1.00 16.44  ? 60  SER L CA  1 
ATOM   405  C C   . SER A 1 54  ? -25.033 3.249   -3.916  1.00 17.40  ? 60  SER L C   1 
ATOM   406  O O   . SER A 1 54  ? -24.273 3.605   -4.811  1.00 21.29  ? 60  SER L O   1 
ATOM   407  C CB  . SER A 1 54  ? -25.668 5.390   -2.616  1.00 18.07  ? 60  SER L CB  1 
ATOM   408  O OG  . SER A 1 54  ? -25.912 5.793   -3.929  1.00 50.66  ? 60  SER L OG  1 
ATOM   409  N N   . CYS A 1 55  ? -25.716 2.120   -3.930  1.00 17.02  ? 61  CYS L N   1 
ATOM   410  C CA  . CYS A 1 55  ? -25.722 1.204   -5.057  1.00 16.65  ? 61  CYS L CA  1 
ATOM   411  C C   . CYS A 1 55  ? -27.084 1.074   -5.736  1.00 19.65  ? 61  CYS L C   1 
ATOM   412  O O   . CYS A 1 55  ? -28.131 0.928   -5.096  1.00 18.85  ? 61  CYS L O   1 
ATOM   413  C CB  . CYS A 1 55  ? -25.409 -0.232  -4.550  1.00 19.41  ? 61  CYS L CB  1 
ATOM   414  S SG  . CYS A 1 55  ? -23.879 -0.498  -3.655  1.00 18.29  ? 61  CYS L SG  1 
ATOM   415  N N   . TYR A 1 56  ? -27.038 1.028   -7.053  1.00 21.26  ? 62  TYR L N   1 
ATOM   416  C CA  . TYR A 1 56  ? -28.203 0.907   -7.873  1.00 23.89  ? 62  TYR L CA  1 
ATOM   417  C C   . TYR A 1 56  ? -28.832 -0.493  -7.953  1.00 24.90  ? 62  TYR L C   1 
ATOM   418  O O   . TYR A 1 56  ? -28.162 -1.458  -8.317  1.00 29.04  ? 62  TYR L O   1 
ATOM   419  C CB  . TYR A 1 56  ? -27.793 1.370   -9.273  1.00 26.46  ? 62  TYR L CB  1 
ATOM   420  C CG  . TYR A 1 56  ? -28.980 1.373   -10.163 1.00 40.99  ? 62  TYR L CG  1 
ATOM   421  C CD1 . TYR A 1 56  ? -30.068 2.193   -9.876  1.00 41.50  ? 62  TYR L CD1 1 
ATOM   422  C CD2 . TYR A 1 56  ? -29.034 0.496   -11.234 1.00 41.63  ? 62  TYR L CD2 1 
ATOM   423  C CE1 . TYR A 1 56  ? -31.189 2.208   -10.692 1.00 43.74  ? 62  TYR L CE1 1 
ATOM   424  C CE2 . TYR A 1 56  ? -30.159 0.493   -12.059 1.00 44.99  ? 62  TYR L CE2 1 
ATOM   425  C CZ  . TYR A 1 56  ? -31.223 1.344   -11.784 1.00 45.33  ? 62  TYR L CZ  1 
ATOM   426  O OH  . TYR A 1 56  ? -32.321 1.290   -12.563 1.00 46.80  ? 62  TYR L OH  1 
ATOM   427  N N   . ASN A 1 57  ? -30.127 -0.578  -7.657  1.00 18.60  ? 63  ASN L N   1 
ATOM   428  C CA  . ASN A 1 57  ? -30.876 -1.813  -7.715  1.00 16.63  ? 63  ASN L CA  1 
ATOM   429  C C   . ASN A 1 57  ? -31.542 -1.813  -9.051  1.00 23.09  ? 63  ASN L C   1 
ATOM   430  O O   . ASN A 1 57  ? -32.539 -1.180  -9.278  1.00 25.99  ? 63  ASN L O   1 
ATOM   431  C CB  . ASN A 1 57  ? -31.942 -1.916  -6.615  1.00 13.64  ? 63  ASN L CB  1 
ATOM   432  C CG  . ASN A 1 57  ? -32.578 -3.269  -6.714  1.00 35.70  ? 63  ASN L CG  1 
ATOM   433  O OD1 . ASN A 1 57  ? -32.264 -3.929  -7.705  1.00 18.32  ? 63  ASN L OD1 1 
ATOM   434  N ND2 . ASN A 1 57  ? -33.458 -3.685  -5.756  1.00 20.53  ? 63  ASN L ND2 1 
ATOM   435  N N   . PRO A 1 58  ? -30.934 -2.531  -9.933  1.00 26.89  ? 64  PRO L N   1 
ATOM   436  C CA  . PRO A 1 58  ? -31.372 -2.661  -11.286 1.00 27.51  ? 64  PRO L CA  1 
ATOM   437  C C   . PRO A 1 58  ? -32.780 -3.173  -11.386 1.00 28.63  ? 64  PRO L C   1 
ATOM   438  O O   . PRO A 1 58  ? -33.469 -2.978  -12.370 1.00 34.72  ? 64  PRO L O   1 
ATOM   439  C CB  . PRO A 1 58  ? -30.486 -3.735  -11.871 1.00 25.11  ? 64  PRO L CB  1 
ATOM   440  C CG  . PRO A 1 58  ? -29.966 -4.547  -10.709 1.00 23.85  ? 64  PRO L CG  1 
ATOM   441  C CD  . PRO A 1 58  ? -30.034 -3.624  -9.514  1.00 26.92  ? 64  PRO L CD  1 
ATOM   442  N N   . THR A 1 59  ? -33.210 -3.847  -10.367 1.00 21.88  ? 65  THR L N   1 
ATOM   443  C CA  . THR A 1 59  ? -34.527 -4.396  -10.420 1.00 22.28  ? 65  THR L CA  1 
ATOM   444  C C   . THR A 1 59  ? -35.639 -3.399  -10.189 1.00 30.08  ? 65  THR L C   1 
ATOM   445  O O   . THR A 1 59  ? -36.683 -3.453  -10.807 1.00 37.13  ? 65  THR L O   1 
ATOM   446  C CB  . THR A 1 59  ? -34.613 -5.501  -9.385  1.00 23.65  ? 65  THR L CB  1 
ATOM   447  O OG1 . THR A 1 59  ? -34.142 -6.700  -9.983  1.00 25.57  ? 65  THR L OG1 1 
ATOM   448  C CG2 . THR A 1 59  ? -36.050 -5.589  -8.895  1.00 19.24  ? 65  THR L CG2 1 
ATOM   449  N N   . ASP A 1 60  ? -35.457 -2.523  -9.245  1.00 29.50  ? 66  ASP L N   1 
ATOM   450  C CA  . ASP A 1 60  ? -36.453 -1.541  -8.977  1.00 25.91  ? 66  ASP L CA  1 
ATOM   451  C C   . ASP A 1 60  ? -36.021 -0.175  -9.476  1.00 27.47  ? 66  ASP L C   1 
ATOM   452  O O   . ASP A 1 60  ? -36.723 0.810   -9.368  1.00 29.52  ? 66  ASP L O   1 
ATOM   453  C CB  . ASP A 1 60  ? -36.996 -1.548  -7.536  1.00 23.21  ? 66  ASP L CB  1 
ATOM   454  C CG  . ASP A 1 60  ? -36.009 -1.200  -6.466  1.00 31.59  ? 66  ASP L CG  1 
ATOM   455  O OD1 . ASP A 1 60  ? -34.895 -0.682  -6.929  1.00 26.33  ? 66  ASP L OD1 1 
ATOM   456  O OD2 . ASP A 1 60  ? -36.270 -1.352  -5.293  1.00 23.10  ? 66  ASP L OD2 1 
ATOM   457  N N   . GLY A 1 61  ? -34.884 -0.079  -10.113 1.00 29.50  ? 67  GLY L N   1 
ATOM   458  C CA  . GLY A 1 61  ? -34.499 1.230   -10.606 1.00 29.16  ? 67  GLY L CA  1 
ATOM   459  C C   . GLY A 1 61  ? -34.126 2.200   -9.472  1.00 31.42  ? 67  GLY L C   1 
ATOM   460  O O   . GLY A 1 61  ? -33.876 3.385   -9.710  1.00 33.94  ? 67  GLY L O   1 
ATOM   461  N N   . GLN A 1 62  ? -34.057 1.703   -8.231  1.00 29.67  ? 68  GLN L N   1 
ATOM   462  C CA  . GLN A 1 62  ? -33.655 2.555   -7.110  1.00 31.28  ? 68  GLN L CA  1 
ATOM   463  C C   . GLN A 1 62  ? -32.241 2.269   -6.604  1.00 34.52  ? 68  GLN L C   1 
ATOM   464  O O   . GLN A 1 62  ? -31.625 1.252   -6.976  1.00 37.86  ? 68  GLN L O   1 
ATOM   465  C CB  . GLN A 1 62  ? -34.512 2.405   -5.857  1.00 27.57  ? 68  GLN L CB  1 
ATOM   466  C CG  . GLN A 1 62  ? -36.005 2.289   -6.138  1.00 57.69  ? 68  GLN L CG  1 
ATOM   467  C CD  . GLN A 1 62  ? -36.794 2.866   -4.973  1.00 100.00 ? 68  GLN L CD  1 
ATOM   468  O OE1 . GLN A 1 62  ? -36.266 3.748   -4.242  1.00 100.00 ? 68  GLN L OE1 1 
ATOM   469  N NE2 . GLN A 1 62  ? -38.020 2.347   -4.766  1.00 100.00 ? 68  GLN L NE2 1 
ATOM   470  N N   . SER A 1 63  ? -31.821 3.178   -5.699  1.00 29.68  ? 69  SER L N   1 
ATOM   471  C CA  . SER A 1 63  ? -30.533 3.196   -5.068  1.00 26.71  ? 69  SER L CA  1 
ATOM   472  C C   . SER A 1 63  ? -30.694 3.180   -3.607  1.00 26.32  ? 69  SER L C   1 
ATOM   473  O O   . SER A 1 63  ? -31.499 3.928   -3.085  1.00 28.73  ? 69  SER L O   1 
ATOM   474  C CB  . SER A 1 63  ? -29.701 4.421   -5.370  1.00 26.41  ? 69  SER L CB  1 
ATOM   475  O OG  . SER A 1 63  ? -29.161 4.497   -6.703  1.00 30.59  ? 69  SER L OG  1 
ATOM   476  N N   . TYR A 1 64  ? -29.922 2.298   -2.991  1.00 22.36  ? 70  TYR L N   1 
ATOM   477  C CA  . TYR A 1 64  ? -29.950 2.185   -1.577  1.00 21.18  ? 70  TYR L CA  1 
ATOM   478  C C   . TYR A 1 64  ? -28.560 2.378   -1.037  1.00 24.23  ? 70  TYR L C   1 
ATOM   479  O O   . TYR A 1 64  ? -27.520 2.236   -1.697  1.00 27.33  ? 70  TYR L O   1 
ATOM   480  C CB  . TYR A 1 64  ? -30.571 0.897   -1.060  1.00 21.96  ? 70  TYR L CB  1 
ATOM   481  C CG  . TYR A 1 64  ? -31.869 0.588   -1.728  1.00 24.87  ? 70  TYR L CG  1 
ATOM   482  C CD1 . TYR A 1 64  ? -31.950 0.320   -3.096  1.00 24.25  ? 70  TYR L CD1 1 
ATOM   483  C CD2 . TYR A 1 64  ? -33.028 0.536   -0.955  1.00 23.19  ? 70  TYR L CD2 1 
ATOM   484  C CE1 . TYR A 1 64  ? -33.166 -0.005  -3.705  1.00 24.14  ? 70  TYR L CE1 1 
ATOM   485  C CE2 . TYR A 1 64  ? -34.253 0.237   -1.550  1.00 21.96  ? 70  TYR L CE2 1 
ATOM   486  C CZ  . TYR A 1 64  ? -34.321 -0.039  -2.920  1.00 23.87  ? 70  TYR L CZ  1 
ATOM   487  O OH  . TYR A 1 64  ? -35.545 -0.314  -3.473  1.00 25.50  ? 70  TYR L OH  1 
ATOM   488  N N   . LEU A 1 65  ? -28.575 2.745   0.193   1.00 23.07  ? 71  LEU L N   1 
ATOM   489  C CA  . LEU A 1 65  ? -27.377 2.998   0.929   1.00 25.80  ? 71  LEU L CA  1 
ATOM   490  C C   . LEU A 1 65  ? -27.035 1.683   1.610   1.00 26.42  ? 71  LEU L C   1 
ATOM   491  O O   . LEU A 1 65  ? -27.813 1.192   2.475   1.00 25.22  ? 71  LEU L O   1 
ATOM   492  C CB  . LEU A 1 65  ? -27.802 4.069   1.950   1.00 26.20  ? 71  LEU L CB  1 
ATOM   493  C CG  . LEU A 1 65  ? -26.823 5.070   2.509   1.00 21.63  ? 71  LEU L CG  1 
ATOM   494  C CD1 . LEU A 1 65  ? -26.374 4.557   3.856   1.00 28.18  ? 71  LEU L CD1 1 
ATOM   495  C CD2 . LEU A 1 65  ? -25.649 5.364   1.592   1.00 26.93  ? 71  LEU L CD2 1 
ATOM   496  N N   . ILE A 1 66  ? -25.888 1.132   1.167   1.00 25.31  ? 72  ILE L N   1 
ATOM   497  C CA  . ILE A 1 66  ? -25.295 -0.102  1.667   1.00 22.02  ? 72  ILE L CA  1 
ATOM   498  C C   . ILE A 1 66  ? -24.251 0.149   2.790   1.00 20.39  ? 72  ILE L C   1 
ATOM   499  O O   . ILE A 1 66  ? -23.318 0.960   2.651   1.00 20.21  ? 72  ILE L O   1 
ATOM   500  C CB  . ILE A 1 66  ? -24.767 -1.017  0.544   1.00 22.50  ? 72  ILE L CB  1 
ATOM   501  C CG1 . ILE A 1 66  ? -25.696 -0.991  -0.670  1.00 10.74  ? 72  ILE L CG1 1 
ATOM   502  C CG2 . ILE A 1 66  ? -24.679 -2.464  1.050   1.00 7.75   ? 72  ILE L CG2 1 
ATOM   503  C CD1 . ILE A 1 66  ? -27.025 -1.672  -0.331  1.00 7.61   ? 72  ILE L CD1 1 
ATOM   504  N N   . ALA A 1 67  ? -24.399 -0.533  3.943   1.00 18.14  ? 73  ALA L N   1 
ATOM   505  C CA  . ALA A 1 67  ? -23.434 -0.406  5.023   1.00 13.57  ? 73  ALA L CA  1 
ATOM   506  C C   . ALA A 1 67  ? -22.637 -1.682  5.124   1.00 16.02  ? 73  ALA L C   1 
ATOM   507  O O   . ALA A 1 67  ? -23.108 -2.726  5.599   1.00 13.91  ? 73  ALA L O   1 
ATOM   508  C CB  . ALA A 1 67  ? -24.058 -0.144  6.358   1.00 11.52  ? 73  ALA L CB  1 
ATOM   509  N N   . TYR A 1 68  ? -21.426 -1.566  4.636   1.00 15.84  ? 74  TYR L N   1 
ATOM   510  C CA  . TYR A 1 68  ? -20.539 -2.670  4.647   1.00 14.86  ? 74  TYR L CA  1 
ATOM   511  C C   . TYR A 1 68  ? -19.898 -2.885  5.985   1.00 16.01  ? 74  TYR L C   1 
ATOM   512  O O   . TYR A 1 68  ? -18.812 -2.386  6.255   1.00 15.77  ? 74  TYR L O   1 
ATOM   513  C CB  . TYR A 1 68  ? -19.442 -2.506  3.583   1.00 13.96  ? 74  TYR L CB  1 
ATOM   514  C CG  . TYR A 1 68  ? -20.003 -2.450  2.194   1.00 12.16  ? 74  TYR L CG  1 
ATOM   515  C CD1 . TYR A 1 68  ? -20.518 -3.584  1.566   1.00 12.72  ? 74  TYR L CD1 1 
ATOM   516  C CD2 . TYR A 1 68  ? -20.040 -1.245  1.492   1.00 14.24  ? 74  TYR L CD2 1 
ATOM   517  C CE1 . TYR A 1 68  ? -21.096 -3.529  0.289   1.00 13.42  ? 74  TYR L CE1 1 
ATOM   518  C CE2 . TYR A 1 68  ? -20.557 -1.178  0.189   1.00 14.37  ? 74  TYR L CE2 1 
ATOM   519  C CZ  . TYR A 1 68  ? -21.109 -2.316  -0.409  1.00 13.72  ? 74  TYR L CZ  1 
ATOM   520  O OH  . TYR A 1 68  ? -21.593 -2.249  -1.682  1.00 14.06  ? 74  TYR L OH  1 
ATOM   521  N N   . ARG A 1 69  ? -20.531 -3.712  6.783   1.00 16.53  ? 75  ARG L N   1 
ATOM   522  C CA  . ARG A 1 69  ? -20.011 -4.107  8.061   1.00 14.80  ? 75  ARG L CA  1 
ATOM   523  C C   . ARG A 1 69  ? -19.224 -5.385  7.884   1.00 17.24  ? 75  ARG L C   1 
ATOM   524  O O   . ARG A 1 69  ? -19.662 -6.307  7.199   1.00 20.79  ? 75  ARG L O   1 
ATOM   525  C CB  . ARG A 1 69  ? -21.184 -4.461  8.945   1.00 16.09  ? 75  ARG L CB  1 
ATOM   526  C CG  . ARG A 1 69  ? -22.034 -3.234  9.331   1.00 11.58  ? 75  ARG L CG  1 
ATOM   527  C CD  . ARG A 1 69  ? -22.302 -3.272  10.806  1.00 22.63  ? 75  ARG L CD  1 
ATOM   528  N NE  . ARG A 1 69  ? -23.697 -3.491  11.051  1.00 25.58  ? 75  ARG L NE  1 
ATOM   529  C CZ  . ARG A 1 69  ? -24.197 -3.759  12.244  1.00 27.99  ? 75  ARG L CZ  1 
ATOM   530  N NH1 . ARG A 1 69  ? -23.461 -3.854  13.354  1.00 25.34  ? 75  ARG L NH1 1 
ATOM   531  N NH2 . ARG A 1 69  ? -25.505 -3.918  12.318  1.00 30.58  ? 75  ARG L NH2 1 
ATOM   532  N N   . ASP A 1 70  ? -18.089 -5.488  8.541   1.00 14.07  ? 76  ASP L N   1 
ATOM   533  C CA  . ASP A 1 70  ? -17.301 -6.687  8.447   1.00 11.44  ? 76  ASP L CA  1 
ATOM   534  C C   . ASP A 1 70  ? -17.563 -7.665  9.597   1.00 16.77  ? 76  ASP L C   1 
ATOM   535  O O   . ASP A 1 70  ? -17.930 -7.216  10.662  1.00 19.24  ? 76  ASP L O   1 
ATOM   536  C CB  . ASP A 1 70  ? -15.839 -6.251  8.554   1.00 8.24   ? 76  ASP L CB  1 
ATOM   537  C CG  . ASP A 1 70  ? -15.321 -5.595  7.310   1.00 15.97  ? 76  ASP L CG  1 
ATOM   538  O OD1 . ASP A 1 70  ? -16.184 -5.644  6.324   1.00 8.52   ? 76  ASP L OD1 1 
ATOM   539  O OD2 . ASP A 1 70  ? -14.197 -5.112  7.226   1.00 4.78   ? 76  ASP L OD2 1 
ATOM   540  N N   . CYS A 1 71  ? -17.386 -8.987  9.376   1.00 16.07  ? 77  CYS L N   1 
ATOM   541  C CA  . CYS A 1 71  ? -17.526 -10.012 10.389  1.00 12.60  ? 77  CYS L CA  1 
ATOM   542  C C   . CYS A 1 71  ? -16.092 -10.321 10.704  1.00 13.66  ? 77  CYS L C   1 
ATOM   543  O O   . CYS A 1 71  ? -15.311 -10.575 9.766   1.00 16.45  ? 77  CYS L O   1 
ATOM   544  C CB  . CYS A 1 71  ? -18.257 -11.251 9.871   1.00 14.77  ? 77  CYS L CB  1 
ATOM   545  S SG  . CYS A 1 71  ? -19.859 -10.738 9.267   1.00 15.50  ? 77  CYS L SG  1 
ATOM   546  N N   . CYS A 1 72  ? -15.724 -10.238 11.975  1.00 12.28  ? 78  CYS L N   1 
ATOM   547  C CA  . CYS A 1 72  ? -14.326 -10.373 12.271  1.00 10.57  ? 78  CYS L CA  1 
ATOM   548  C C   . CYS A 1 72  ? -13.947 -11.314 13.347  1.00 11.27  ? 78  CYS L C   1 
ATOM   549  O O   . CYS A 1 72  ? -14.771 -11.866 14.023  1.00 19.40  ? 78  CYS L O   1 
ATOM   550  C CB  . CYS A 1 72  ? -13.788 -8.993  12.717  1.00 12.60  ? 78  CYS L CB  1 
ATOM   551  S SG  . CYS A 1 72  ? -14.575 -7.592  11.890  1.00 15.89  ? 78  CYS L SG  1 
ATOM   552  N N   . GLY A 1 73  ? -12.648 -11.395 13.527  1.00 8.14   ? 79  GLY L N   1 
ATOM   553  C CA  . GLY A 1 73  ? -12.082 -12.222 14.530  1.00 11.16  ? 79  GLY L CA  1 
ATOM   554  C C   . GLY A 1 73  ? -11.720 -13.546 13.918  1.00 15.29  ? 79  GLY L C   1 
ATOM   555  O O   . GLY A 1 73  ? -11.714 -14.560 14.567  1.00 15.00  ? 79  GLY L O   1 
ATOM   556  N N   . TYR A 1 74  ? -11.453 -13.554 12.640  1.00 18.23  ? 80  TYR L N   1 
ATOM   557  C CA  . TYR A 1 74  ? -11.152 -14.788 11.991  1.00 16.33  ? 80  TYR L CA  1 
ATOM   558  C C   . TYR A 1 74  ? -10.232 -14.437 10.879  1.00 18.93  ? 80  TYR L C   1 
ATOM   559  O O   . TYR A 1 74  ? -10.157 -13.282 10.496  1.00 23.25  ? 80  TYR L O   1 
ATOM   560  C CB  . TYR A 1 74  ? -12.414 -15.410 11.356  1.00 12.87  ? 80  TYR L CB  1 
ATOM   561  C CG  . TYR A 1 74  ? -13.074 -16.662 11.953  1.00 18.95  ? 80  TYR L CG  1 
ATOM   562  C CD1 . TYR A 1 74  ? -13.601 -16.614 13.238  1.00 25.06  ? 80  TYR L CD1 1 
ATOM   563  C CD2 . TYR A 1 74  ? -13.282 -17.849 11.247  1.00 18.46  ? 80  TYR L CD2 1 
ATOM   564  C CE1 . TYR A 1 74  ? -14.244 -17.697 13.845  1.00 25.96  ? 80  TYR L CE1 1 
ATOM   565  C CE2 . TYR A 1 74  ? -13.958 -18.936 11.806  1.00 21.28  ? 80  TYR L CE2 1 
ATOM   566  C CZ  . TYR A 1 74  ? -14.437 -18.864 13.116  1.00 25.37  ? 80  TYR L CZ  1 
ATOM   567  O OH  . TYR A 1 74  ? -15.086 -19.888 13.736  1.00 27.57  ? 80  TYR L OH  1 
ATOM   568  N N   . ASN A 1 75  ? -9.548  -15.431 10.348  1.00 16.11  ? 81  ASN L N   1 
ATOM   569  C CA  . ASN A 1 75  ? -8.699  -15.148 9.229   1.00 13.54  ? 81  ASN L CA  1 
ATOM   570  C C   . ASN A 1 75  ? -9.579  -15.087 7.965   1.00 13.26  ? 81  ASN L C   1 
ATOM   571  O O   . ASN A 1 75  ? -10.718 -15.635 7.940   1.00 8.15   ? 81  ASN L O   1 
ATOM   572  C CB  . ASN A 1 75  ? -7.620  -16.209 9.230   1.00 11.77  ? 81  ASN L CB  1 
ATOM   573  C CG  . ASN A 1 75  ? -6.633  -16.154 8.090   1.00 8.46   ? 81  ASN L CG  1 
ATOM   574  O OD1 . ASN A 1 75  ? -6.066  -17.200 7.721   1.00 12.42  ? 81  ASN L OD1 1 
ATOM   575  N ND2 . ASN A 1 75  ? -6.254  -14.967 7.691   1.00 12.14  ? 81  ASN L ND2 1 
ATOM   576  N N   . VAL A 1 76  ? -9.084  -14.376 6.932   1.00 12.30  ? 82  VAL L N   1 
ATOM   577  C CA  . VAL A 1 76  ? -9.855  -14.198 5.700   1.00 10.16  ? 82  VAL L CA  1 
ATOM   578  C C   . VAL A 1 76  ? -10.486 -15.490 5.171   1.00 11.62  ? 82  VAL L C   1 
ATOM   579  O O   . VAL A 1 76  ? -9.871  -16.550 5.211   1.00 12.61  ? 82  VAL L O   1 
ATOM   580  C CB  . VAL A 1 76  ? -9.161  -13.256 4.735   1.00 9.18   ? 82  VAL L CB  1 
ATOM   581  C CG1 . VAL A 1 76  ? -7.955  -13.941 4.145   1.00 1.34   ? 82  VAL L CG1 1 
ATOM   582  C CG2 . VAL A 1 76  ? -10.064 -12.776 3.604   1.00 3.89   ? 82  VAL L CG2 1 
ATOM   583  N N   . SER A 1 77  ? -11.744 -15.488 4.741   1.00 12.17  ? 83  SER L N   1 
ATOM   584  C CA  . SER A 1 77  ? -12.335 -16.776 4.328   1.00 10.48  ? 83  SER L CA  1 
ATOM   585  C C   . SER A 1 77  ? -11.663 -17.413 3.146   1.00 11.91  ? 83  SER L C   1 
ATOM   586  O O   . SER A 1 77  ? -11.526 -18.629 3.036   1.00 12.79  ? 83  SER L O   1 
ATOM   587  C CB  . SER A 1 77  ? -13.812 -16.699 4.031   1.00 7.62   ? 83  SER L CB  1 
ATOM   588  O OG  . SER A 1 77  ? -13.976 -15.982 2.818   1.00 13.47  ? 83  SER L OG  1 
ATOM   589  N N   . GLY A 1 78  ? -11.286 -16.574 2.217   1.00 11.30  ? 84  GLY L N   1 
ATOM   590  C CA  . GLY A 1 78  ? -10.676 -17.040 1.012   1.00 7.81   ? 84  GLY L CA  1 
ATOM   591  C C   . GLY A 1 78  ? -11.669 -17.428 -0.086  1.00 10.56  ? 84  GLY L C   1 
ATOM   592  O O   . GLY A 1 78  ? -11.270 -17.764 -1.181  1.00 15.24  ? 84  GLY L O   1 
ATOM   593  N N   . ARG A 1 79  ? -12.953 -17.385 0.189   1.00 8.22   ? 85  ARG L N   1 
ATOM   594  C CA  . ARG A 1 79  ? -13.945 -17.762 -0.772  1.00 5.67   ? 85  ARG L CA  1 
ATOM   595  C C   . ARG A 1 79  ? -14.615 -16.511 -1.235  1.00 11.34  ? 85  ARG L C   1 
ATOM   596  O O   . ARG A 1 79  ? -14.797 -15.607 -0.438  1.00 15.28  ? 85  ARG L O   1 
ATOM   597  C CB  . ARG A 1 79  ? -14.961 -18.625 0.002   1.00 3.48   ? 85  ARG L CB  1 
ATOM   598  C CG  . ARG A 1 79  ? -14.216 -19.842 0.551   1.00 8.16   ? 85  ARG L CG  1 
ATOM   599  C CD  . ARG A 1 79  ? -15.057 -21.049 0.841   1.00 10.53  ? 85  ARG L CD  1 
ATOM   600  N NE  . ARG A 1 79  ? -15.409 -21.670 -0.414  1.00 17.95  ? 85  ARG L NE  1 
ATOM   601  C CZ  . ARG A 1 79  ? -16.618 -21.574 -0.985  1.00 21.88  ? 85  ARG L CZ  1 
ATOM   602  N NH1 . ARG A 1 79  ? -17.615 -20.878 -0.450  1.00 23.56  ? 85  ARG L NH1 1 
ATOM   603  N NH2 . ARG A 1 79  ? -16.836 -22.183 -2.149  1.00 22.44  ? 85  ARG L NH2 1 
ATOM   604  N N   . CYS A 1 80  ? -14.965 -16.483 -2.505  1.00 12.19  ? 86  CYS L N   1 
ATOM   605  C CA  . CYS A 1 80  ? -15.698 -15.396 -3.114  1.00 12.78  ? 86  CYS L CA  1 
ATOM   606  C C   . CYS A 1 80  ? -15.124 -14.041 -2.852  1.00 15.83  ? 86  CYS L C   1 
ATOM   607  O O   . CYS A 1 80  ? -15.721 -13.264 -2.157  1.00 17.81  ? 86  CYS L O   1 
ATOM   608  C CB  . CYS A 1 80  ? -17.124 -15.329 -2.557  1.00 13.29  ? 86  CYS L CB  1 
ATOM   609  S SG  . CYS A 1 80  ? -18.128 -16.804 -2.887  1.00 14.46  ? 86  CYS L SG  1 
ATOM   610  N N   . PRO A 1 81  ? -14.007 -13.745 -3.419  1.00 14.46  ? 87  PRO L N   1 
ATOM   611  C CA  . PRO A 1 81  ? -13.369 -12.475 -3.223  1.00 16.16  ? 87  PRO L CA  1 
ATOM   612  C C   . PRO A 1 81  ? -13.812 -11.488 -4.272  1.00 22.40  ? 87  PRO L C   1 
ATOM   613  O O   . PRO A 1 81  ? -13.932 -11.885 -5.421  1.00 29.49  ? 87  PRO L O   1 
ATOM   614  C CB  . PRO A 1 81  ? -11.894 -12.731 -3.519  1.00 10.58  ? 87  PRO L CB  1 
ATOM   615  C CG  . PRO A 1 81  ? -11.838 -14.074 -4.212  1.00 10.77  ? 87  PRO L CG  1 
ATOM   616  C CD  . PRO A 1 81  ? -13.052 -14.841 -3.669  1.00 11.77  ? 87  PRO L CD  1 
ATOM   617  N N   . CYS A 1 82  ? -13.994 -10.218 -3.858  1.00 18.80  ? 88  CYS L N   1 
ATOM   618  C CA  . CYS A 1 82  ? -14.389 -9.129  -4.702  1.00 14.52  ? 88  CYS L CA  1 
ATOM   619  C C   . CYS A 1 82  ? -13.700 -7.877  -4.296  1.00 15.46  ? 88  CYS L C   1 
ATOM   620  O O   . CYS A 1 82  ? -13.242 -7.761  -3.178  1.00 19.85  ? 88  CYS L O   1 
ATOM   621  C CB  . CYS A 1 82  ? -15.896 -8.825  -4.579  1.00 14.47  ? 88  CYS L CB  1 
ATOM   622  S SG  . CYS A 1 82  ? -16.926 -10.275 -4.839  1.00 23.59  ? 88  CYS L SG  1 
ATOM   623  N N   . LEU A 1 83  ? -13.671 -6.930  -5.223  1.00 12.93  ? 89  LEU L N   1 
ATOM   624  C CA  . LEU A 1 83  ? -13.161 -5.593  -4.965  1.00 14.52  ? 89  LEU L CA  1 
ATOM   625  C C   . LEU A 1 83  ? -13.909 -4.737  -5.946  1.00 17.84  ? 89  LEU L C   1 
ATOM   626  O O   . LEU A 1 83  ? -13.600 -4.770  -7.099  1.00 21.81  ? 89  LEU L O   1 
ATOM   627  C CB  . LEU A 1 83  ? -11.640 -5.361  -5.125  1.00 9.50   ? 89  LEU L CB  1 
ATOM   628  C CG  . LEU A 1 83  ? -10.978 -4.246  -4.326  1.00 19.04  ? 89  LEU L CG  1 
ATOM   629  C CD1 . LEU A 1 83  ? -9.874  -3.632  -5.142  1.00 7.24   ? 89  LEU L CD1 1 
ATOM   630  C CD2 . LEU A 1 83  ? -11.897 -3.175  -3.800  1.00 7.18   ? 89  LEU L CD2 1 
ATOM   631  N N   . ASN A 1 84  ? -14.923 -4.024  -5.474  1.00 19.90  ? 90  ASN L N   1 
ATOM   632  C CA  . ASN A 1 84  ? -15.727 -3.095  -6.248  1.00 16.96  ? 90  ASN L CA  1 
ATOM   633  C C   . ASN A 1 84  ? -15.512 -1.745  -5.592  1.00 16.34  ? 90  ASN L C   1 
ATOM   634  O O   . ASN A 1 84  ? -15.350 -1.660  -4.351  1.00 16.96  ? 90  ASN L O   1 
ATOM   635  C CB  . ASN A 1 84  ? -17.213 -3.500  -6.210  1.00 17.67  ? 90  ASN L CB  1 
ATOM   636  C CG  . ASN A 1 84  ? -17.475 -4.846  -6.896  1.00 14.73  ? 90  ASN L CG  1 
ATOM   637  O OD1 . ASN A 1 84  ? -17.038 -5.059  -8.049  1.00 17.99  ? 90  ASN L OD1 1 
ATOM   638  N ND2 . ASN A 1 84  ? -18.246 -5.729  -6.236  1.00 16.62  ? 90  ASN L ND2 1 
ATOM   639  N N   . THR A 1 85  ? -15.480 -0.692  -6.400  1.00 15.55  ? 91  THR L N   1 
ATOM   640  C CA  . THR A 1 85  ? -15.257 0.646   -5.868  1.00 12.21  ? 91  THR L CA  1 
ATOM   641  C C   . THR A 1 85  ? -16.192 1.721   -6.431  1.00 14.22  ? 91  THR L C   1 
ATOM   642  O O   . THR A 1 85  ? -15.791 2.848   -6.828  1.00 12.90  ? 91  THR L O   1 
ATOM   643  C CB  . THR A 1 85  ? -13.757 0.971   -6.043  1.00 15.96  ? 91  THR L CB  1 
ATOM   644  O OG1 . THR A 1 85  ? -13.324 0.948   -7.375  1.00 19.84  ? 91  THR L OG1 1 
ATOM   645  C CG2 . THR A 1 85  ? -12.921 -0.060  -5.289  1.00 19.98  ? 91  THR L CG2 1 
ATOM   646  N N   . GLU A 1 86  ? -17.490 1.389   -6.471  1.00 15.67  ? 92  GLU L N   1 
ATOM   647  C CA  . GLU A 1 86  ? -18.452 2.348   -6.993  1.00 16.52  ? 92  GLU L CA  1 
ATOM   648  C C   . GLU A 1 86  ? -18.601 3.544   -6.104  1.00 21.15  ? 92  GLU L C   1 
ATOM   649  O O   . GLU A 1 86  ? -19.272 3.494   -5.083  1.00 25.46  ? 92  GLU L O   1 
ATOM   650  C CB  . GLU A 1 86  ? -19.800 1.722   -7.331  1.00 14.61  ? 92  GLU L CB  1 
ATOM   651  C CG  . GLU A 1 86  ? -19.622 0.838   -8.578  1.00 18.44  ? 92  GLU L CG  1 
ATOM   652  C CD  . GLU A 1 86  ? -19.263 1.583   -9.834  1.00 29.85  ? 92  GLU L CD  1 
ATOM   653  O OE1 . GLU A 1 86  ? -19.971 2.499   -10.257 1.00 30.43  ? 92  GLU L OE1 1 
ATOM   654  O OE2 . GLU A 1 86  ? -18.161 1.120   -10.437 1.00 27.20  ? 92  GLU L OE2 1 
ATOM   655  N N   . GLY A 1 87  ? -17.921 4.604   -6.470  1.00 22.55  ? 93  GLY L N   1 
ATOM   656  C CA  . GLY A 1 87  ? -18.001 5.823   -5.683  1.00 24.26  ? 93  GLY L CA  1 
ATOM   657  C C   . GLY A 1 87  ? -17.092 5.879   -4.447  1.00 22.39  ? 93  GLY L C   1 
ATOM   658  O O   . GLY A 1 87  ? -17.333 6.638   -3.504  1.00 24.68  ? 93  GLY L O   1 
ATOM   659  N N   . GLU A 1 88  ? -16.015 5.114   -4.492  1.00 14.73  ? 94  GLU L N   1 
ATOM   660  C CA  . GLU A 1 88  ? -15.149 5.034   -3.356  1.00 13.80  ? 94  GLU L CA  1 
ATOM   661  C C   . GLU A 1 88  ? -14.224 6.208   -3.388  1.00 19.99  ? 94  GLU L C   1 
ATOM   662  O O   . GLU A 1 88  ? -13.682 6.499   -4.472  1.00 24.00  ? 94  GLU L O   1 
ATOM   663  C CB  . GLU A 1 88  ? -14.484 3.626   -3.388  1.00 12.79  ? 94  GLU L CB  1 
ATOM   664  C CG  . GLU A 1 88  ? -13.659 3.166   -2.180  1.00 6.33   ? 94  GLU L CG  1 
ATOM   665  C CD  . GLU A 1 88  ? -12.176 3.436   -2.328  1.00 11.99  ? 94  GLU L CD  1 
ATOM   666  O OE1 . GLU A 1 88  ? -11.669 3.938   -3.319  1.00 21.50  ? 94  GLU L OE1 1 
ATOM   667  O OE2 . GLU A 1 88  ? -11.477 2.957   -1.345  1.00 24.70  ? 94  GLU L OE2 1 
ATOM   668  N N   . LEU A 1 89  ? -14.087 6.873   -2.209  1.00 19.55  ? 95  LEU L N   1 
ATOM   669  C CA  . LEU A 1 89  ? -13.224 8.063   -2.041  1.00 16.06  ? 95  LEU L CA  1 
ATOM   670  C C   . LEU A 1 89  ? -11.938 7.748   -1.283  1.00 17.51  ? 95  LEU L C   1 
ATOM   671  O O   . LEU A 1 89  ? -11.803 6.688   -0.655  1.00 19.97  ? 95  LEU L O   1 
ATOM   672  C CB  . LEU A 1 89  ? -13.995 9.186   -1.348  1.00 14.27  ? 95  LEU L CB  1 
ATOM   673  C CG  . LEU A 1 89  ? -15.361 9.321   -2.001  1.00 18.27  ? 95  LEU L CG  1 
ATOM   674  C CD1 . LEU A 1 89  ? -16.178 10.281  -1.202  1.00 5.47   ? 95  LEU L CD1 1 
ATOM   675  C CD2 . LEU A 1 89  ? -15.202 9.879   -3.409  1.00 5.23   ? 95  LEU L CD2 1 
ATOM   676  N N   . PRO A 1 90  ? -10.995 8.662   -1.339  1.00 12.27  ? 96  PRO L N   1 
ATOM   677  C CA  . PRO A 1 90  ? -9.702  8.475   -0.693  1.00 6.40   ? 96  PRO L CA  1 
ATOM   678  C C   . PRO A 1 90  ? -9.812  8.255   0.797   1.00 12.70  ? 96  PRO L C   1 
ATOM   679  O O   . PRO A 1 90  ? -10.896 8.441   1.340   1.00 16.78  ? 96  PRO L O   1 
ATOM   680  C CB  . PRO A 1 90  ? -8.875  9.648   -1.127  1.00 8.25   ? 96  PRO L CB  1 
ATOM   681  C CG  . PRO A 1 90  ? -9.546  10.129  -2.417  1.00 8.05   ? 96  PRO L CG  1 
ATOM   682  C CD  . PRO A 1 90  ? -11.015 9.855   -2.218  1.00 10.17  ? 96  PRO L CD  1 
ATOM   683  N N   . VAL A 1 91  ? -8.726  7.778   1.446   1.00 15.85  ? 97  VAL L N   1 
ATOM   684  C CA  . VAL A 1 91  ? -8.736  7.440   2.884   1.00 11.48  ? 97  VAL L CA  1 
ATOM   685  C C   . VAL A 1 91  ? -9.121  8.562   3.775   1.00 16.29  ? 97  VAL L C   1 
ATOM   686  O O   . VAL A 1 91  ? -9.570  8.321   4.893   1.00 14.89  ? 97  VAL L O   1 
ATOM   687  C CB  . VAL A 1 91  ? -7.424  6.893   3.390   1.00 8.40   ? 97  VAL L CB  1 
ATOM   688  C CG1 . VAL A 1 91  ? -6.398  7.996   3.556   1.00 12.98  ? 97  VAL L CG1 1 
ATOM   689  C CG2 . VAL A 1 91  ? -7.658  6.156   4.696   1.00 15.48  ? 97  VAL L CG2 1 
ATOM   690  N N   . TYR A 1 92  ? -8.939  9.787   3.266   1.00 20.72  ? 98  TYR L N   1 
ATOM   691  C CA  . TYR A 1 92  ? -9.257  11.005  4.004   1.00 19.25  ? 98  TYR L CA  1 
ATOM   692  C C   . TYR A 1 92  ? -10.726 11.382  4.085   1.00 23.40  ? 98  TYR L C   1 
ATOM   693  O O   . TYR A 1 92  ? -11.057 12.371  4.713   1.00 29.87  ? 98  TYR L O   1 
ATOM   694  C CB  . TYR A 1 92  ? -8.244  12.147  3.824   1.00 13.82  ? 98  TYR L CB  1 
ATOM   695  C CG  . TYR A 1 92  ? -8.414  12.669  2.434   1.00 16.32  ? 98  TYR L CG  1 
ATOM   696  C CD1 . TYR A 1 92  ? -9.540  13.423  2.138   1.00 17.47  ? 98  TYR L CD1 1 
ATOM   697  C CD2 . TYR A 1 92  ? -7.575  12.319  1.382   1.00 15.04  ? 98  TYR L CD2 1 
ATOM   698  C CE1 . TYR A 1 92  ? -9.752  13.943  0.862   1.00 13.71  ? 98  TYR L CE1 1 
ATOM   699  C CE2 . TYR A 1 92  ? -7.810  12.776  0.083   1.00 11.95  ? 98  TYR L CE2 1 
ATOM   700  C CZ  . TYR A 1 92  ? -8.882  13.629  -0.180  1.00 12.15  ? 98  TYR L CZ  1 
ATOM   701  O OH  . TYR A 1 92  ? -9.122  14.159  -1.440  1.00 14.49  ? 98  TYR L OH  1 
ATOM   702  N N   . ARG A 1 93  ? -11.573 10.498  3.556   1.00 21.18  ? 99  ARG L N   1 
ATOM   703  C CA  . ARG A 1 93  ? -13.043 10.493  3.510   1.00 20.32  ? 99  ARG L CA  1 
ATOM   704  C C   . ARG A 1 93  ? -13.526 9.089   3.851   1.00 18.94  ? 99  ARG L C   1 
ATOM   705  O O   . ARG A 1 93  ? -14.142 8.430   2.998   1.00 18.35  ? 99  ARG L O   1 
ATOM   706  C CB  . ARG A 1 93  ? -13.448 10.788  2.067   1.00 23.58  ? 99  ARG L CB  1 
ATOM   707  C CG  . ARG A 1 93  ? -13.275 12.279  1.757   1.00 13.73  ? 99  ARG L CG  1 
ATOM   708  C CD  . ARG A 1 93  ? -14.409 13.108  2.377   1.00 77.82  ? 99  ARG L CD  1 
ATOM   709  N NE  . ARG A 1 93  ? -15.501 13.386  1.432   1.00 79.25  ? 99  ARG L NE  1 
ATOM   710  C CZ  . ARG A 1 93  ? -15.337 13.967  0.197   1.00 80.19  ? 99  ARG L CZ  1 
ATOM   711  N NH1 . ARG A 1 93  ? -14.144 14.399  -0.305  1.00 79.92  ? 99  ARG L NH1 1 
ATOM   712  N NH2 . ARG A 1 93  ? -16.425 14.139  -0.571  1.00 79.32  ? 99  ARG L NH2 1 
ATOM   713  N N   . PRO A 1 94  ? -13.174 8.598   5.063   1.00 20.47  ? 100 PRO L N   1 
ATOM   714  C CA  . PRO A 1 94  ? -13.389 7.217   5.489   1.00 23.55  ? 100 PRO L CA  1 
ATOM   715  C C   . PRO A 1 94  ? -14.725 6.590   5.294   1.00 28.82  ? 100 PRO L C   1 
ATOM   716  O O   . PRO A 1 94  ? -14.780 5.403   4.977   1.00 32.52  ? 100 PRO L O   1 
ATOM   717  C CB  . PRO A 1 94  ? -12.889 7.014   6.908   1.00 20.34  ? 100 PRO L CB  1 
ATOM   718  C CG  . PRO A 1 94  ? -12.641 8.411   7.419   1.00 17.50  ? 100 PRO L CG  1 
ATOM   719  C CD  . PRO A 1 94  ? -12.616 9.354   6.216   1.00 17.48  ? 100 PRO L CD  1 
ATOM   720  N N   . GLU A 1 95  ? -15.747 7.383   5.528   1.00 25.46  ? 101 GLU L N   1 
ATOM   721  C CA  . GLU A 1 95  ? -17.093 6.912   5.396   1.00 19.87  ? 101 GLU L CA  1 
ATOM   722  C C   . GLU A 1 95  ? -17.264 6.169   4.082   1.00 12.85  ? 101 GLU L C   1 
ATOM   723  O O   . GLU A 1 95  ? -18.140 5.329   3.949   1.00 14.47  ? 101 GLU L O   1 
ATOM   724  C CB  . GLU A 1 95  ? -18.080 8.112   5.401   1.00 20.57  ? 101 GLU L CB  1 
ATOM   725  C CG  . GLU A 1 95  ? -19.494 7.727   5.854   1.00 34.86  ? 101 GLU L CG  1 
ATOM   726  C CD  . GLU A 1 95  ? -20.692 8.426   5.245   1.00 57.54  ? 101 GLU L CD  1 
ATOM   727  O OE1 . GLU A 1 95  ? -20.535 9.714   5.057   1.00 68.79  ? 101 GLU L OE1 1 
ATOM   728  O OE2 . GLU A 1 95  ? -21.766 7.853   5.060   1.00 70.82  ? 101 GLU L OE2 1 
ATOM   729  N N   . PHE A 1 96  ? -16.438 6.504   3.090   1.00 5.55   ? 102 PHE L N   1 
ATOM   730  C CA  . PHE A 1 96  ? -16.612 5.883   1.793   1.00 6.77   ? 102 PHE L CA  1 
ATOM   731  C C   . PHE A 1 96  ? -15.367 5.235   1.312   1.00 12.54  ? 102 PHE L C   1 
ATOM   732  O O   . PHE A 1 96  ? -15.251 5.024   0.108   1.00 15.99  ? 102 PHE L O   1 
ATOM   733  C CB  . PHE A 1 96  ? -16.907 6.997   0.783   1.00 9.66   ? 102 PHE L CB  1 
ATOM   734  C CG  . PHE A 1 96  ? -18.151 7.771   1.097   1.00 23.39  ? 102 PHE L CG  1 
ATOM   735  C CD1 . PHE A 1 96  ? -19.401 7.222   0.791   1.00 22.53  ? 102 PHE L CD1 1 
ATOM   736  C CD2 . PHE A 1 96  ? -18.067 9.042   1.651   1.00 23.48  ? 102 PHE L CD2 1 
ATOM   737  C CE1 . PHE A 1 96  ? -20.572 7.916   1.081   1.00 21.58  ? 102 PHE L CE1 1 
ATOM   738  C CE2 . PHE A 1 96  ? -19.223 9.756   1.957   1.00 21.11  ? 102 PHE L CE2 1 
ATOM   739  C CZ  . PHE A 1 96  ? -20.461 9.183   1.672   1.00 19.63  ? 102 PHE L CZ  1 
ATOM   740  N N   . ALA A 1 97  ? -14.438 4.987   2.238   1.00 11.41  ? 103 ALA L N   1 
ATOM   741  C CA  . ALA A 1 97  ? -13.157 4.374   1.939   1.00 8.34   ? 103 ALA L CA  1 
ATOM   742  C C   . ALA A 1 97  ? -13.227 2.905   2.272   1.00 10.23  ? 103 ALA L C   1 
ATOM   743  O O   . ALA A 1 97  ? -13.640 2.564   3.362   1.00 11.27  ? 103 ALA L O   1 
ATOM   744  C CB  . ALA A 1 97  ? -12.118 5.049   2.770   1.00 7.89   ? 103 ALA L CB  1 
ATOM   745  N N   . ASN A 1 98  ? -12.860 2.059   1.301   1.00 12.18  ? 104 ASN L N   1 
ATOM   746  C CA  . ASN A 1 98  ? -12.939 0.622   1.444   1.00 13.66  ? 104 ASN L CA  1 
ATOM   747  C C   . ASN A 1 98  ? -11.684 -0.212  1.632   1.00 16.42  ? 104 ASN L C   1 
ATOM   748  O O   . ASN A 1 98  ? -11.791 -1.457  1.569   1.00 20.71  ? 104 ASN L O   1 
ATOM   749  C CB  . ASN A 1 98  ? -13.985 -0.071  0.527   1.00 11.46  ? 104 ASN L CB  1 
ATOM   750  C CG  . ASN A 1 98  ? -13.421 -0.326  -0.845  1.00 11.62  ? 104 ASN L CG  1 
ATOM   751  O OD1 . ASN A 1 98  ? -12.185 -0.151  -1.099  1.00 11.90  ? 104 ASN L OD1 1 
ATOM   752  N ND2 . ASN A 1 98  ? -14.340 -0.692  -1.746  1.00 10.26  ? 104 ASN L ND2 1 
ATOM   753  N N   . ASP A 1 99  ? -10.525 0.437   1.902   1.00 12.08  ? 105 ASP L N   1 
ATOM   754  C CA  . ASP A 1 99  ? -9.293  -0.310  2.165   1.00 11.54  ? 105 ASP L CA  1 
ATOM   755  C C   . ASP A 1 99  ? -9.095  -0.431  3.685   1.00 15.66  ? 105 ASP L C   1 
ATOM   756  O O   . ASP A 1 99  ? -8.197  -1.130  4.166   1.00 16.77  ? 105 ASP L O   1 
ATOM   757  C CB  . ASP A 1 99  ? -8.045  0.395   1.611   1.00 9.60   ? 105 ASP L CB  1 
ATOM   758  C CG  . ASP A 1 99  ? -7.955  0.537   0.129   1.00 7.01   ? 105 ASP L CG  1 
ATOM   759  O OD1 . ASP A 1 99  ? -8.561  -0.403  -0.546  1.00 22.43  ? 105 ASP L OD1 1 
ATOM   760  O OD2 . ASP A 1 99  ? -7.324  1.447   -0.382  1.00 26.12  ? 105 ASP L OD2 1 
ATOM   761  N N   . ILE A 1 100 ? -9.928  0.310   4.426   1.00 16.36  ? 106 ILE L N   1 
ATOM   762  C CA  . ILE A 1 100 ? -9.912  0.351   5.867   1.00 15.46  ? 106 ILE L CA  1 
ATOM   763  C C   . ILE A 1 100 ? -10.557 -0.897  6.482   1.00 18.01  ? 106 ILE L C   1 
ATOM   764  O O   . ILE A 1 100 ? -11.548 -1.401  5.952   1.00 17.33  ? 106 ILE L O   1 
ATOM   765  C CB  . ILE A 1 100 ? -10.556 1.618   6.421   1.00 12.84  ? 106 ILE L CB  1 
ATOM   766  C CG1 . ILE A 1 100 ? -9.863  2.921   5.978   1.00 6.78   ? 106 ILE L CG1 1 
ATOM   767  C CG2 . ILE A 1 100 ? -10.535 1.546   7.945   1.00 6.80   ? 106 ILE L CG2 1 
ATOM   768  C CD1 . ILE A 1 100 ? -10.738 4.131   6.329   1.00 12.35  ? 106 ILE L CD1 1 
ATOM   769  N N   . ILE A 1 101 ? -10.004 -1.432  7.600   1.00 20.13  ? 107 ILE L N   1 
ATOM   770  C CA  . ILE A 1 101 ? -10.587 -2.614  8.215   1.00 13.54  ? 107 ILE L CA  1 
ATOM   771  C C   . ILE A 1 101 ? -11.690 -2.153  9.147   1.00 13.45  ? 107 ILE L C   1 
ATOM   772  O O   . ILE A 1 101 ? -11.447 -1.639  10.227  1.00 16.59  ? 107 ILE L O   1 
ATOM   773  C CB  . ILE A 1 101 ? -9.591  -3.631  8.815   1.00 11.93  ? 107 ILE L CB  1 
ATOM   774  C CG1 . ILE A 1 101 ? -8.627  -4.228  7.790   1.00 6.18   ? 107 ILE L CG1 1 
ATOM   775  C CG2 . ILE A 1 101 ? -10.397 -4.779  9.476   1.00 6.04   ? 107 ILE L CG2 1 
ATOM   776  C CD1 . ILE A 1 101 ? -9.260  -4.715  6.524   1.00 14.91  ? 107 ILE L CD1 1 
ATOM   777  N N   . TRP A 1 102 ? -12.911 -2.335  8.684   1.00 10.70  ? 108 TRP L N   1 
ATOM   778  C CA  . TRP A 1 102 ? -14.120 -1.904  9.376   1.00 5.46   ? 108 TRP L CA  1 
ATOM   779  C C   . TRP A 1 102 ? -14.654 -2.871  10.368  1.00 9.17   ? 108 TRP L C   1 
ATOM   780  O O   . TRP A 1 102 ? -15.855 -3.178  10.326  1.00 10.82  ? 108 TRP L O   1 
ATOM   781  C CB  . TRP A 1 102 ? -15.250 -1.405  8.420   1.00 4.41   ? 108 TRP L CB  1 
ATOM   782  C CG  . TRP A 1 102 ? -14.899 -0.155  7.604   1.00 10.00  ? 108 TRP L CG  1 
ATOM   783  C CD1 . TRP A 1 102 ? -14.912 0.028   6.223   1.00 13.66  ? 108 TRP L CD1 1 
ATOM   784  C CD2 . TRP A 1 102 ? -14.492 1.141   8.156   1.00 10.99  ? 108 TRP L CD2 1 
ATOM   785  N NE1 . TRP A 1 102 ? -14.517 1.324   5.915   1.00 13.63  ? 108 TRP L NE1 1 
ATOM   786  C CE2 . TRP A 1 102 ? -14.261 2.033   7.067   1.00 13.09  ? 108 TRP L CE2 1 
ATOM   787  C CE3 . TRP A 1 102 ? -14.314 1.627   9.457   1.00 9.63   ? 108 TRP L CE3 1 
ATOM   788  C CZ2 . TRP A 1 102 ? -13.873 3.375   7.263   1.00 12.79  ? 108 TRP L CZ2 1 
ATOM   789  C CZ3 . TRP A 1 102 ? -13.939 2.932   9.656   1.00 10.74  ? 108 TRP L CZ3 1 
ATOM   790  C CH2 . TRP A 1 102 ? -13.718 3.798   8.570   1.00 14.08  ? 108 TRP L CH2 1 
ATOM   791  N N   . CYS A 1 103 ? -13.778 -3.229  11.300  1.00 14.18  ? 109 CYS L N   1 
ATOM   792  C CA  . CYS A 1 103 ? -14.100 -4.165  12.386  1.00 16.10  ? 109 CYS L CA  1 
ATOM   793  C C   . CYS A 1 103 ? -14.376 -3.518  13.733  1.00 17.91  ? 109 CYS L C   1 
ATOM   794  O O   . CYS A 1 103 ? -14.769 -4.181  14.677  1.00 20.66  ? 109 CYS L O   1 
ATOM   795  C CB  . CYS A 1 103 ? -12.999 -5.205  12.557  1.00 16.26  ? 109 CYS L CB  1 
ATOM   796  S SG  . CYS A 1 103 ? -13.093 -6.412  11.223  1.00 13.49  ? 109 CYS L SG  1 
ATOM   797  N N   . PHE A 1 104 ? -14.189 -2.212  13.803  1.00 15.43  ? 110 PHE L N   1 
ATOM   798  C CA  . PHE A 1 104 ? -14.418 -1.436  14.998  1.00 10.68  ? 110 PHE L CA  1 
ATOM   799  C C   . PHE A 1 104 ? -15.747 -1.769  15.600  1.00 12.83  ? 110 PHE L C   1 
ATOM   800  O O   . PHE A 1 104 ? -16.796 -1.792  14.942  1.00 14.85  ? 110 PHE L O   1 
ATOM   801  C CB  . PHE A 1 104 ? -14.371 0.045   14.682  1.00 5.26   ? 110 PHE L CB  1 
ATOM   802  C CG  . PHE A 1 104 ? -13.052 0.535   14.097  1.00 4.71   ? 110 PHE L CG  1 
ATOM   803  C CD1 . PHE A 1 104 ? -11.891 0.613   14.861  1.00 5.03   ? 110 PHE L CD1 1 
ATOM   804  C CD2 . PHE A 1 104 ? -12.957 0.932   12.765  1.00 4.49   ? 110 PHE L CD2 1 
ATOM   805  C CE1 . PHE A 1 104 ? -10.685 1.099   14.344  1.00 6.64   ? 110 PHE L CE1 1 
ATOM   806  C CE2 . PHE A 1 104 ? -11.771 1.422   12.226  1.00 1.00   ? 110 PHE L CE2 1 
ATOM   807  C CZ  . PHE A 1 104 ? -10.623 1.483   13.002  1.00 4.30   ? 110 PHE L CZ  1 
ATOM   808  N N   . GLY A 1 105 ? -15.729 -2.056  16.872  1.00 12.54  ? 111 GLY L N   1 
ATOM   809  C CA  . GLY A 1 105 ? -17.037 -2.392  17.431  1.00 17.70  ? 111 GLY L CA  1 
ATOM   810  C C   . GLY A 1 105 ? -17.333 -3.886  17.610  1.00 23.24  ? 111 GLY L C   1 
ATOM   811  O O   . GLY A 1 105 ? -18.201 -4.267  18.373  1.00 29.29  ? 111 GLY L O   1 
ATOM   812  N N   . ALA A 1 106 ? -16.635 -4.761  16.923  1.00 20.61  ? 112 ALA L N   1 
ATOM   813  C CA  . ALA A 1 106 ? -16.900 -6.170  17.097  1.00 17.64  ? 112 ALA L CA  1 
ATOM   814  C C   . ALA A 1 106 ? -16.600 -6.550  18.536  1.00 20.18  ? 112 ALA L C   1 
ATOM   815  O O   . ALA A 1 106 ? -15.729 -5.981  19.173  1.00 22.35  ? 112 ALA L O   1 
ATOM   816  C CB  . ALA A 1 106 ? -16.006 -6.962  16.134  1.00 16.23  ? 112 ALA L CB  1 
ATOM   817  N N   . GLU A 1 107 ? -17.310 -7.527  19.073  1.00 21.28  ? 113 GLU L N   1 
ATOM   818  C CA  . GLU A 1 107 ? -17.064 -7.922  20.444  1.00 20.71  ? 113 GLU L CA  1 
ATOM   819  C C   . GLU A 1 107 ? -15.690 -8.466  20.581  1.00 21.17  ? 113 GLU L C   1 
ATOM   820  O O   . GLU A 1 107 ? -15.013 -8.797  19.633  1.00 20.87  ? 113 GLU L O   1 
ATOM   821  C CB  . GLU A 1 107 ? -17.855 -9.159  20.809  1.00 23.60  ? 113 GLU L CB  1 
ATOM   822  C CG  . GLU A 1 107 ? -19.134 -9.003  21.616  1.00 68.40  ? 113 GLU L CG  1 
ATOM   823  C CD  . GLU A 1 107 ? -20.008 -10.216 21.430  1.00 80.50  ? 113 GLU L CD  1 
ATOM   824  O OE1 . GLU A 1 107 ? -20.098 -10.605 20.176  1.00 100.00 ? 113 GLU L OE1 1 
ATOM   825  O OE2 . GLU A 1 107 ? -20.573 -10.775 22.351  1.00 100.00 ? 113 GLU L OE2 1 
ATOM   826  N N   . ASP A 1 108 ? -15.330 -8.623  21.813  1.00 25.59  ? 114 ASP L N   1 
ATOM   827  C CA  . ASP A 1 108 ? -14.067 -9.200  22.129  1.00 29.03  ? 114 ASP L CA  1 
ATOM   828  C C   . ASP A 1 108 ? -12.888 -8.506  21.476  1.00 27.47  ? 114 ASP L C   1 
ATOM   829  O O   . ASP A 1 108 ? -11.772 -9.003  21.502  1.00 26.12  ? 114 ASP L O   1 
ATOM   830  C CB  . ASP A 1 108 ? -14.153 -10.701 21.745  1.00 33.16  ? 114 ASP L CB  1 
ATOM   831  C CG  . ASP A 1 108 ? -14.786 -11.588 22.796  1.00 59.77  ? 114 ASP L CG  1 
ATOM   832  O OD1 . ASP A 1 108 ? -14.542 -11.466 23.982  1.00 72.39  ? 114 ASP L OD1 1 
ATOM   833  O OD2 . ASP A 1 108 ? -15.595 -12.502 22.316  1.00 69.34  ? 114 ASP L OD2 1 
ATOM   834  N N   . ASP A 1 109 ? -13.117 -7.364  20.865  1.00 31.38  ? 115 ASP L N   1 
ATOM   835  C CA  . ASP A 1 109 ? -12.020 -6.652  20.203  1.00 33.13  ? 115 ASP L CA  1 
ATOM   836  C C   . ASP A 1 109 ? -11.503 -7.264  18.920  1.00 29.55  ? 115 ASP L C   1 
ATOM   837  O O   . ASP A 1 109 ? -10.370 -7.038  18.548  1.00 30.10  ? 115 ASP L O   1 
ATOM   838  C CB  . ASP A 1 109 ? -10.819 -6.436  21.116  1.00 34.78  ? 115 ASP L CB  1 
ATOM   839  C CG  . ASP A 1 109 ? -11.142 -5.485  22.234  1.00 95.03  ? 115 ASP L CG  1 
ATOM   840  O OD1 . ASP A 1 109 ? -12.151 -4.649  21.975  1.00 76.30  ? 115 ASP L OD1 1 
ATOM   841  O OD2 . ASP A 1 109 ? -10.525 -5.533  23.287  1.00 76.65  ? 115 ASP L OD2 1 
ATOM   842  N N   . ALA A 1 110 ? -12.335 -8.048  18.276  1.00 25.31  ? 116 ALA L N   1 
ATOM   843  C CA  . ALA A 1 110 ? -11.984 -8.666  17.050  1.00 19.43  ? 116 ALA L CA  1 
ATOM   844  C C   . ALA A 1 110 ? -11.711 -7.558  16.037  1.00 17.77  ? 116 ALA L C   1 
ATOM   845  O O   . ALA A 1 110 ? -12.579 -6.720  15.837  1.00 21.79  ? 116 ALA L O   1 
ATOM   846  C CB  . ALA A 1 110 ? -13.201 -9.521  16.679  1.00 19.81  ? 116 ALA L CB  1 
ATOM   847  N N   . MET A 1 111 ? -10.522 -7.569  15.412  1.00 14.00  ? 117 MET L N   1 
ATOM   848  C CA  . MET A 1 111 ? -10.068 -6.641  14.384  1.00 14.53  ? 117 MET L CA  1 
ATOM   849  C C   . MET A 1 111 ? -9.492  -7.330  13.146  1.00 10.60  ? 117 MET L C   1 
ATOM   850  O O   . MET A 1 111 ? -8.972  -6.643  12.266  1.00 9.65   ? 117 MET L O   1 
ATOM   851  C CB  . MET A 1 111 ? -9.006  -5.649  14.873  1.00 19.83  ? 117 MET L CB  1 
ATOM   852  C CG  . MET A 1 111 ? -9.551  -4.553  15.771  1.00 19.82  ? 117 MET L CG  1 
ATOM   853  S SD  . MET A 1 111 ? -10.763 -3.496  14.959  1.00 18.52  ? 117 MET L SD  1 
ATOM   854  C CE  . MET A 1 111 ? -9.751  -2.814  13.645  1.00 10.40  ? 117 MET L CE  1 
ATOM   855  N N   . THR A 1 112 ? -9.535  -8.675  13.095  1.00 8.77   ? 118 THR L N   1 
ATOM   856  C CA  . THR A 1 112 ? -9.040  -9.437  11.941  1.00 6.14   ? 118 THR L CA  1 
ATOM   857  C C   . THR A 1 112 ? -10.200 -9.550  10.966  1.00 6.73   ? 118 THR L C   1 
ATOM   858  O O   . THR A 1 112 ? -11.310 -9.681  11.386  1.00 7.72   ? 118 THR L O   1 
ATOM   859  C CB  . THR A 1 112 ? -8.602  -10.853 12.278  1.00 4.68   ? 118 THR L CB  1 
ATOM   860  O OG1 . THR A 1 112 ? -9.483  -11.374 13.252  1.00 10.87  ? 118 THR L OG1 1 
ATOM   861  C CG2 . THR A 1 112 ? -7.210  -10.841 12.785  1.00 5.05   ? 118 THR L CG2 1 
ATOM   862  N N   . TYR A 1 113 ? -9.929  -9.485  9.679   1.00 9.06   ? 119 TYR L N   1 
ATOM   863  C CA  . TYR A 1 113 ? -10.919 -9.486  8.634   1.00 8.69   ? 119 TYR L CA  1 
ATOM   864  C C   . TYR A 1 113 ? -11.294 -10.886 8.127   1.00 11.10  ? 119 TYR L C   1 
ATOM   865  O O   . TYR A 1 113 ? -10.446 -11.648 7.718   1.00 14.43  ? 119 TYR L O   1 
ATOM   866  C CB  . TYR A 1 113 ? -10.374 -8.596  7.492   1.00 5.97   ? 119 TYR L CB  1 
ATOM   867  C CG  . TYR A 1 113 ? -11.361 -8.675  6.371   1.00 11.69  ? 119 TYR L CG  1 
ATOM   868  C CD1 . TYR A 1 113 ? -12.567 -7.981  6.461   1.00 10.83  ? 119 TYR L CD1 1 
ATOM   869  C CD2 . TYR A 1 113 ? -11.162 -9.513  5.280   1.00 10.85  ? 119 TYR L CD2 1 
ATOM   870  C CE1 . TYR A 1 113 ? -13.518 -8.064  5.457   1.00 11.39  ? 119 TYR L CE1 1 
ATOM   871  C CE2 . TYR A 1 113 ? -12.101 -9.607  4.252   1.00 9.45   ? 119 TYR L CE2 1 
ATOM   872  C CZ  . TYR A 1 113 ? -13.272 -8.874  4.356   1.00 13.34  ? 119 TYR L CZ  1 
ATOM   873  O OH  . TYR A 1 113 ? -14.214 -8.962  3.395   1.00 20.87  ? 119 TYR L OH  1 
ATOM   874  N N   . HIS A 1 114 ? -12.572 -11.230 8.174   1.00 9.47   ? 120 HIS L N   1 
ATOM   875  C CA  . HIS A 1 114 ? -13.029 -12.514 7.703   1.00 9.45   ? 120 HIS L CA  1 
ATOM   876  C C   . HIS A 1 114 ? -13.873 -12.330 6.441   1.00 14.79  ? 120 HIS L C   1 
ATOM   877  O O   . HIS A 1 114 ? -13.613 -12.888 5.405   1.00 17.35  ? 120 HIS L O   1 
ATOM   878  C CB  . HIS A 1 114 ? -13.875 -13.282 8.745   1.00 6.83   ? 120 HIS L CB  1 
ATOM   879  C CG  . HIS A 1 114 ? -14.326 -14.639 8.263   1.00 10.13  ? 120 HIS L CG  1 
ATOM   880  N ND1 . HIS A 1 114 ? -13.415 -15.658 7.942   1.00 7.58   ? 120 HIS L ND1 1 
ATOM   881  C CD2 . HIS A 1 114 ? -15.576 -15.106 8.010   1.00 9.09   ? 120 HIS L CD2 1 
ATOM   882  C CE1 . HIS A 1 114 ? -14.131 -16.694 7.550   1.00 7.93   ? 120 HIS L CE1 1 
ATOM   883  N NE2 . HIS A 1 114 ? -15.428 -16.402 7.552   1.00 7.37   ? 120 HIS L NE2 1 
ATOM   884  N N   . CYS A 1 115 ? -14.929 -11.540 6.527   1.00 17.34  ? 121 CYS L N   1 
ATOM   885  C CA  . CYS A 1 115 ? -15.792 -11.312 5.393   1.00 12.15  ? 121 CYS L CA  1 
ATOM   886  C C   . CYS A 1 115 ? -16.610 -10.056 5.645   1.00 15.00  ? 121 CYS L C   1 
ATOM   887  O O   . CYS A 1 115 ? -16.543 -9.483  6.733   1.00 15.85  ? 121 CYS L O   1 
ATOM   888  C CB  . CYS A 1 115 ? -16.672 -12.547 5.111   1.00 8.39   ? 121 CYS L CB  1 
ATOM   889  S SG  . CYS A 1 115 ? -17.908 -12.958 6.360   1.00 16.79  ? 121 CYS L SG  1 
ATOM   890  N N   . THR A 1 116 ? -17.364 -9.649  4.647   1.00 12.78  ? 122 THR L N   1 
ATOM   891  C CA  . THR A 1 116 ? -18.185 -8.456  4.675   1.00 13.33  ? 122 THR L CA  1 
ATOM   892  C C   . THR A 1 116 ? -19.651 -8.737  4.276   1.00 15.66  ? 122 THR L C   1 
ATOM   893  O O   . THR A 1 116 ? -19.885 -9.438  3.274   1.00 16.83  ? 122 THR L O   1 
ATOM   894  C CB  . THR A 1 116 ? -17.619 -7.444  3.656   1.00 10.09  ? 122 THR L CB  1 
ATOM   895  O OG1 . THR A 1 116 ? -16.320 -7.105  3.996   1.00 11.70  ? 122 THR L OG1 1 
ATOM   896  C CG2 . THR A 1 116 ? -18.446 -6.183  3.678   1.00 10.27  ? 122 THR L CG2 1 
ATOM   897  N N   . ILE A 1 117 ? -20.630 -8.171  5.023   1.00 13.52  ? 123 ILE L N   1 
ATOM   898  C CA  . ILE A 1 117 ? -22.028 -8.322  4.677   1.00 15.27  ? 123 ILE L CA  1 
ATOM   899  C C   . ILE A 1 117 ? -22.522 -7.116  3.875   1.00 14.88  ? 123 ILE L C   1 
ATOM   900  O O   . ILE A 1 117 ? -21.826 -6.095  3.783   1.00 13.48  ? 123 ILE L O   1 
ATOM   901  C CB  . ILE A 1 117 ? -22.914 -8.556  5.865   1.00 15.05  ? 123 ILE L CB  1 
ATOM   902  C CG1 . ILE A 1 117 ? -22.483 -7.664  6.988   1.00 7.90   ? 123 ILE L CG1 1 
ATOM   903  C CG2 . ILE A 1 117 ? -22.834 -10.012 6.271   1.00 11.90  ? 123 ILE L CG2 1 
ATOM   904  C CD1 . ILE A 1 117 ? -23.578 -7.607  8.039   1.00 6.01   ? 123 ILE L CD1 1 
ATOM   905  N N   . SER A 1 118 ? -23.694 -7.224  3.270   1.00 13.63  ? 124 SER L N   1 
ATOM   906  C CA  . SER A 1 118 ? -24.201 -6.133  2.448   1.00 15.04  ? 124 SER L CA  1 
ATOM   907  C C   . SER A 1 118 ? -25.645 -5.802  2.801   1.00 16.91  ? 124 SER L C   1 
ATOM   908  O O   . SER A 1 118 ? -26.549 -5.930  1.992   1.00 20.39  ? 124 SER L O   1 
ATOM   909  C CB  . SER A 1 118 ? -24.156 -6.537  0.976   1.00 12.26  ? 124 SER L CB  1 
ATOM   910  O OG  . SER A 1 118 ? -22.820 -6.800  0.577   1.00 12.15  ? 124 SER L OG  1 
ATOM   911  N N   . PRO A 1 119 ? -25.889 -5.412  4.027   1.00 17.64  ? 125 PRO L N   1 
ATOM   912  C CA  . PRO A 1 119 ? -27.246 -5.102  4.393   1.00 19.48  ? 125 PRO L CA  1 
ATOM   913  C C   . PRO A 1 119 ? -27.628 -3.711  3.867   1.00 22.86  ? 125 PRO L C   1 
ATOM   914  O O   . PRO A 1 119 ? -26.799 -2.865  3.648   1.00 26.83  ? 125 PRO L O   1 
ATOM   915  C CB  . PRO A 1 119 ? -27.227 -5.090  5.922   1.00 16.89  ? 125 PRO L CB  1 
ATOM   916  C CG  . PRO A 1 119 ? -25.833 -4.611  6.256   1.00 14.70  ? 125 PRO L CG  1 
ATOM   917  C CD  . PRO A 1 119 ? -24.942 -5.111  5.135   1.00 16.19  ? 125 PRO L CD  1 
ATOM   918  N N   . ILE A 1 120 ? -28.905 -3.483  3.603   1.00 22.86  ? 126 ILE L N   1 
ATOM   919  C CA  . ILE A 1 120 ? -29.366 -2.211  3.135   1.00 21.27  ? 126 ILE L CA  1 
ATOM   920  C C   . ILE A 1 120 ? -29.669 -1.418  4.372   1.00 23.56  ? 126 ILE L C   1 
ATOM   921  O O   . ILE A 1 120 ? -30.279 -1.897  5.340   1.00 23.31  ? 126 ILE L O   1 
ATOM   922  C CB  . ILE A 1 120 ? -30.649 -2.300  2.347   1.00 22.00  ? 126 ILE L CB  1 
ATOM   923  C CG1 . ILE A 1 120 ? -30.319 -2.646  0.920   1.00 26.20  ? 126 ILE L CG1 1 
ATOM   924  C CG2 . ILE A 1 120 ? -31.297 -0.926  2.343   1.00 24.31  ? 126 ILE L CG2 1 
ATOM   925  C CD1 . ILE A 1 120 ? -31.489 -3.359  0.283   1.00 23.06  ? 126 ILE L CD1 1 
ATOM   926  N N   . VAL A 1 121 ? -29.213 -0.193  4.347   1.00 26.37  ? 127 VAL L N   1 
ATOM   927  C CA  . VAL A 1 121 ? -29.409 0.653   5.508   1.00 27.55  ? 127 VAL L CA  1 
ATOM   928  C C   . VAL A 1 121 ? -30.419 1.792   5.256   1.00 29.42  ? 127 VAL L C   1 
ATOM   929  O O   . VAL A 1 121 ? -30.806 2.495   6.141   1.00 31.91  ? 127 VAL L O   1 
ATOM   930  C CB  . VAL A 1 121 ? -28.010 1.100   5.871   1.00 28.16  ? 127 VAL L CB  1 
ATOM   931  C CG1 . VAL A 1 121 ? -27.849 2.599   5.723   1.00 30.20  ? 127 VAL L CG1 1 
ATOM   932  C CG2 . VAL A 1 121 ? -27.621 0.593   7.230   1.00 24.53  ? 127 VAL L CG2 1 
ATOM   933  N N   . GLY A 1 122 ? -30.872 1.963   4.020   1.00 26.23  ? 128 GLY L N   1 
ATOM   934  C CA  . GLY A 1 122 ? -31.834 2.938   3.617   1.00 18.98  ? 128 GLY L CA  1 
ATOM   935  C C   . GLY A 1 122 ? -31.658 3.297   2.153   1.00 23.30  ? 128 GLY L C   1 
ATOM   936  O O   . GLY A 1 122 ? -30.636 2.928   1.583   1.00 29.04  ? 128 GLY L O   1 
ATOM   937  N N   . LYS A 1 123 ? -32.662 3.965   1.549   1.00 28.45  ? 129 LYS L N   1 
ATOM   938  C CA  . LYS A 1 123 ? -32.651 4.491   0.172   1.00 32.54  ? 129 LYS L CA  1 
ATOM   939  C C   . LYS A 1 123 ? -31.843 5.746   0.392   1.00 37.11  ? 129 LYS L C   1 
ATOM   940  O O   . LYS A 1 123 ? -31.802 6.117   1.532   1.00 39.61  ? 129 LYS L O   1 
ATOM   941  C CB  . LYS A 1 123 ? -34.092 4.882   -0.118  1.00 32.17  ? 129 LYS L CB  1 
ATOM   942  C CG  . LYS A 1 123 ? -34.590 4.547   -1.511  1.00 53.14  ? 129 LYS L CG  1 
ATOM   943  C CD  . LYS A 1 123 ? -36.098 4.352   -1.534  1.00 45.58  ? 129 LYS L CD  1 
ATOM   944  C CE  . LYS A 1 123 ? -36.558 3.118   -0.766  1.00 72.15  ? 129 LYS L CE  1 
ATOM   945  N NZ  . LYS A 1 123 ? -37.547 2.275   -1.482  1.00 96.83  ? 129 LYS L NZ  1 
ATOM   946  N N   . ALA A 1 124 ? -31.152 6.470   -0.474  1.00 45.83  ? 130 ALA L N   1 
ATOM   947  C CA  . ALA A 1 124 ? -30.897 6.435   -1.885  1.00 57.13  ? 130 ALA L CA  1 
ATOM   948  C C   . ALA A 1 124 ? -29.392 6.648   -2.035  1.00 63.41  ? 130 ALA L C   1 
ATOM   949  O O   . ALA A 1 124 ? -28.628 5.868   -1.426  1.00 65.02  ? 130 ALA L O   1 
ATOM   950  C CB  . ALA A 1 124 ? -31.631 7.598   -2.590  1.00 58.46  ? 130 ALA L CB  1 
ATOM   951  O OXT . ALA A 1 124 ? -28.992 7.628   -2.716  1.00 67.14  ? 130 ALA L OXT 1 
ATOM   952  C CA  . SER B 2 1   ? 19.212  -20.057 -15.408 1.00 34.40  ? 1   SER H CA  1 
ATOM   953  C CA  . SER B 2 2   ? 19.615  -19.822 -11.607 1.00 27.99  ? 2   SER H CA  1 
ATOM   954  C CA  . ALA B 2 3   ? 18.744  -23.441 -11.438 1.00 24.08  ? 3   ALA H CA  1 
ATOM   955  C CA  . SER B 2 4   ? 20.865  -24.471 -14.291 1.00 21.62  ? 4   SER H CA  1 
ATOM   956  C CA  . ALA B 2 5   ? 23.839  -22.531 -13.008 1.00 23.26  ? 5   ALA H CA  1 
ATOM   957  C CA  . ALA B 2 6   ? 23.245  -24.386 -9.768  1.00 32.08  ? 6   ALA H CA  1 
ATOM   958  C CA  . ALA B 2 7   ? 23.229  -27.831 -11.191 1.00 24.50  ? 7   ALA H CA  1 
ATOM   959  C CA  . ALA B 2 8   ? 26.443  -27.075 -12.982 1.00 26.91  ? 8   ALA H CA  1 
ATOM   960  C CA  . ALA B 2 9   ? 28.174  -25.766 -9.956  1.00 25.94  ? 9   ALA H CA  1 
ATOM   961  C CA  . ALA B 2 10  ? 26.934  -28.559 -7.796  1.00 24.52  ? 10  ALA H CA  1 
ATOM   962  C CA  . ALA B 2 11  ? 27.944  -31.076 -10.397 1.00 30.66  ? 11  ALA H CA  1 
ATOM   963  C CA  . ALA B 2 12  ? 31.434  -29.649 -10.411 1.00 32.99  ? 12  ALA H CA  1 
ATOM   964  C CA  . ALA B 2 13  ? 32.009  -29.814 -6.763  1.00 29.06  ? 13  ALA H CA  1 
ATOM   965  C CA  . LEU B 2 14  ? 30.986  -33.445 -6.600  1.00 35.07  ? 14  LEU H CA  1 
ATOM   966  C CA  . ALA B 2 15  ? 33.394  -34.238 -9.304  1.00 35.24  ? 15  ALA H CA  1 
ATOM   967  C CA  . ALA B 2 16  ? 36.141  -32.372 -7.655  1.00 32.66  ? 16  ALA H CA  1 
ATOM   968  C CA  . GLY B 2 17  ? 35.287  -34.350 -4.646  1.00 42.83  ? 17  GLY H CA  1 
ATOM   969  C CA  . ALA B 2 18  ? 34.223  -31.228 -2.786  1.00 38.80  ? 18  ALA H CA  1 
ATOM   970  C CA  . ALA B 2 19  ? 31.959  -32.054 0.201   1.00 35.71  ? 19  ALA H CA  1 
ATOM   971  C CA  . ASP B 2 20  ? 28.578  -30.476 1.066   1.00 19.46  ? 20  ASP H CA  1 
ATOM   972  C CA  . GLY B 2 21  ? 28.790  -28.696 4.466   1.00 25.11  ? 21  GLY H CA  1 
ATOM   973  C CA  . PRO B 2 22  ? 25.392  -26.973 5.148   1.00 14.16  ? 22  PRO H CA  1 
ATOM   974  C CA  . THR B 2 23  ? 25.272  -23.625 6.714   1.00 21.76  ? 23  THR H CA  1 
ATOM   975  C CA  . ASN B 2 24  ? 22.912  -20.572 6.967   1.00 18.25  ? 24  ASN H CA  1 
ATOM   976  C CA  . ASP B 2 25  ? 23.616  -18.070 4.244   1.00 15.87  ? 25  ASP H CA  1 
ATOM   977  C CA  . GLU B 2 26  ? 23.978  -14.360 4.681   1.00 20.55  ? 26  GLU H CA  1 
ATOM   978  C CA  . ALA B 2 27  ? 22.468  -11.922 2.153   1.00 17.81  ? 27  ALA H CA  1 
ATOM   979  C CA  . PRO B 2 28  ? 24.638  -9.567  0.145   1.00 17.78  ? 28  PRO H CA  1 
ATOM   980  C CA  . GLY B 2 29  ? 25.117  -5.973  1.330   1.00 23.46  ? 29  GLY H CA  1 
ATOM   981  C CA  . ALA B 2 30  ? 22.068  -3.842  0.818   1.00 16.18  ? 30  ALA H CA  1 
ATOM   982  C CA  . ASP B 2 31  ? 22.221  -1.916  -2.628  1.00 21.40  ? 31  ASP H CA  1 
ATOM   983  C CA  . GLY B 2 32  ? 20.406  0.665   -4.950  1.00 18.72  ? 32  GLY H CA  1 
ATOM   984  C CA  . ARG B 2 33  ? 19.166  -2.481  -6.854  1.00 19.01  ? 33  ARG H CA  1 
ATOM   985  C CA  . ARG B 2 34  ? 17.660  -4.547  -4.038  1.00 17.49  ? 34  ARG H CA  1 
ATOM   986  C CA  . SER B 2 35  ? 13.781  -4.327  -3.840  1.00 13.93  ? 35  SER H CA  1 
ATOM   987  C CA  . TYR B 2 36  ? 11.454  -5.640  -1.144  1.00 9.91   ? 36  TYR H CA  1 
ATOM   988  C CA  . ILE B 2 37  ? 8.022   -6.958  -2.035  1.00 9.44   ? 37  ILE H CA  1 
ATOM   989  C CA  . ASN B 2 38  ? 5.360   -6.960  0.783   1.00 7.00   ? 38  ASN H CA  1 
ATOM   990  C CA  . LEU B 2 39  ? 2.473   -9.413  0.234   1.00 9.27   ? 39  LEU H CA  1 
ATOM   991  C CA  . PRO B 2 40  ? -0.566  -8.293  2.230   1.00 8.04   ? 40  PRO H CA  1 
ATOM   992  C CA  . ALA B 2 41  ? -2.095  -11.537 1.094   1.00 10.24  ? 41  ALA H CA  1 
ATOM   993  C CA  . HIS B 2 42  ? -5.515  -10.274 0.637   1.00 16.73  ? 42  HIS H CA  1 
ATOM   994  C CA  . HIS B 2 43  ? -6.101  -9.343  4.276   1.00 11.24  ? 43  HIS H CA  1 
ATOM   995  C CA  . SER B 2 44  ? -4.848  -12.543 5.601   1.00 11.00  ? 44  SER H CA  1 
ATOM   996  C CA  . ALA B 2 45  ? -3.614  -12.785 9.254   1.00 6.39   ? 45  ALA H CA  1 
ATOM   997  C CA  . ILE B 2 46  ? 0.016   -13.585 8.418   1.00 16.75  ? 46  ILE H CA  1 
ATOM   998  C CA  . ILE B 2 47  ? 2.045   -12.232 5.487   1.00 11.24  ? 47  ILE H CA  1 
ATOM   999  C CA  . GLN B 2 48  ? 5.432   -12.369 3.800   1.00 8.40   ? 48  GLN H CA  1 
ATOM   1000 C CA  . GLN B 2 49  ? 7.910   -10.072 2.326   1.00 12.55  ? 49  GLN H CA  1 
ATOM   1001 C CA  . TRP B 2 50  ? 10.422  -11.060 -0.490  1.00 8.55   ? 50  TRP H CA  1 
ATOM   1002 C CA  . VAL B 2 51  ? 13.833  -9.499  -0.842  1.00 14.87  ? 51  VAL H CA  1 
ATOM   1003 C CA  . LEU B 2 52  ? 15.049  -9.571  -4.522  1.00 16.10  ? 52  LEU H CA  1 
ATOM   1004 C CA  . ASP B 2 53  ? 17.844  -8.296  -6.453  1.00 17.51  ? 53  ASP H CA  1 
ATOM   1005 C CA  . ALA B 2 54  ? 17.535  -6.135  -9.669  1.00 18.26  ? 54  ALA H CA  1 
ATOM   1006 C CA  . GLY B 2 55  ? 20.245  -7.286  -11.637 1.00 28.81  ? 55  GLY H CA  1 
ATOM   1007 C CA  . SER B 2 56  ? 19.396  -10.849 -11.335 1.00 28.26  ? 56  SER H CA  1 
ATOM   1008 C CA  . GLY B 2 57  ? 15.825  -11.400 -10.309 1.00 19.99  ? 57  GLY H CA  1 
ATOM   1009 C CA  . SER B 2 58  ? 17.253  -13.543 -7.565  1.00 16.64  ? 58  SER H CA  1 
ATOM   1010 C CA  . ILE B 2 59  ? 15.463  -13.965 -4.217  1.00 11.88  ? 59  ILE H CA  1 
ATOM   1011 C CA  . LEU B 2 60  ? 17.915  -13.112 -1.432  1.00 12.58  ? 60  LEU H CA  1 
ATOM   1012 C CA  . GLY B 2 61  ? 15.778  -13.799 1.543   1.00 17.29  ? 61  GLY H CA  1 
ATOM   1013 C CA  . HIS B 2 62  ? 12.292  -13.213 2.852   1.00 19.08  ? 62  HIS H CA  1 
ATOM   1014 C CA  . VAL B 2 63  ? 10.754  -12.068 6.064   1.00 12.12  ? 63  VAL H CA  1 
ATOM   1015 C CA  . ASN B 2 64  ? 7.523   -13.006 7.876   1.00 7.92   ? 64  ASN H CA  1 
ATOM   1016 C CA  . GLY B 2 65  ? 4.897   -10.540 9.228   1.00 1.42   ? 65  GLY H CA  1 
ATOM   1017 C CA  . GLY B 2 66  ? 1.540   -10.411 10.838  1.00 1.00   ? 66  GLY H CA  1 
ATOM   1018 C CA  . PHE B 2 67  ? -1.667  -8.739  9.751   1.00 8.22   ? 67  PHE H CA  1 
ATOM   1019 C CA  . LEU B 2 68  ? -1.386  -5.784  7.398   1.00 12.17  ? 68  LEU H CA  1 
ATOM   1020 C CA  . PRO B 2 69  ? 2.108   -4.803  8.449   1.00 12.09  ? 69  PRO H CA  1 
ATOM   1021 C CA  . ASN B 2 70  ? 3.745   -1.566  7.093   1.00 12.66  ? 70  ASN H CA  1 
ATOM   1022 C CA  . PRO B 2 71  ? 7.269   -2.211  5.861   1.00 9.01   ? 71  PRO H CA  1 
ATOM   1023 C CA  . VAL B 2 72  ? 9.994   0.476   6.008   1.00 12.23  ? 72  VAL H CA  1 
ATOM   1024 C CA  . ALA B 2 73  ? 13.554  0.637   4.737   1.00 14.44  ? 73  ALA H CA  1 
ATOM   1025 C CA  . ALA B 2 74  ? 16.410  2.830   5.782   1.00 15.15  ? 74  ALA H CA  1 
ATOM   1026 C CA  . HIS B 2 75  ? 17.535  4.866   2.869   1.00 21.67  ? 75  HIS H CA  1 
ATOM   1027 C CA  . SER B 2 76  ? 21.194  4.279   3.783   1.00 22.09  ? 76  SER H CA  1 
ATOM   1028 C CA  . GLY B 2 77  ? 20.431  0.595   3.585   1.00 22.61  ? 77  GLY H CA  1 
ATOM   1029 C CA  . SER B 2 78  ? 21.236  0.150   7.244   1.00 23.78  ? 78  SER H CA  1 
ATOM   1030 C CA  . GLU B 2 79  ? 18.194  -1.740  8.279   1.00 17.78  ? 79  GLU H CA  1 
ATOM   1031 C CA  . PHE B 2 80  ? 14.673  -2.594  7.213   1.00 12.46  ? 80  PHE H CA  1 
ATOM   1032 C CA  . ALA B 2 81  ? 11.738  -2.805  9.588   1.00 7.18   ? 81  ALA H CA  1 
ATOM   1033 C CA  . LEU B 2 82  ? 8.005   -3.658  9.856   1.00 11.96  ? 82  LEU H CA  1 
ATOM   1034 C CA  . ALA B 2 83  ? 5.295   -2.293  12.147  1.00 9.94   ? 83  ALA H CA  1 
ATOM   1035 C CA  . SER B 2 84  ? 3.229   -5.544  12.655  1.00 10.76  ? 84  SER H CA  1 
ATOM   1036 C CA  . THR B 2 85  ? 0.224   -7.040  14.565  1.00 10.13  ? 85  THR H CA  1 
ATOM   1037 C CA  . SER B 2 86  ? -0.241  -10.597 16.114  1.00 11.14  ? 86  SER H CA  1 
ATOM   1038 C CA  . PHE B 2 87  ? -3.034  -12.392 18.069  1.00 13.29  ? 87  PHE H CA  1 
ATOM   1039 C CA  . SER B 2 88  ? -2.732  -15.048 20.822  1.00 17.89  ? 88  SER H CA  1 
ATOM   1040 C CA  . ARG B 2 89  ? -4.771  -17.468 18.723  1.00 13.78  ? 89  ARG H CA  1 
ATOM   1041 C CA  . ILE B 2 90  ? -4.102  -16.888 15.055  1.00 13.65  ? 90  ILE H CA  1 
ATOM   1042 C CA  . ALA B 2 91  ? -6.633  -14.195 14.359  1.00 13.10  ? 91  ALA H CA  1 
ATOM   1043 C CA  . LYS B 2 92  ? -8.224  -13.866 17.764  1.00 13.98  ? 92  LYS H CA  1 
ATOM   1044 C CA  . GLY B 2 93  ? -7.279  -13.526 21.416  1.00 15.12  ? 93  GLY H CA  1 
ATOM   1045 C CA  . LYS B 2 94  ? -4.790  -10.954 22.745  1.00 18.21  ? 94  LYS H CA  1 
ATOM   1046 C CA  . ARG B 2 95  ? -3.451  -8.668  20.130  1.00 17.10  ? 95  ARG H CA  1 
ATOM   1047 C CA  . THR B 2 96  ? 0.095   -7.401  20.201  1.00 9.24   ? 96  THR H CA  1 
ATOM   1048 C CA  . ASP B 2 97  ? 1.305   -4.556  17.903  1.00 9.50   ? 97  ASP H CA  1 
ATOM   1049 C CA  . TYR B 2 98  ? 5.186   -4.355  17.649  1.00 8.64   ? 98  TYR H CA  1 
ATOM   1050 C CA  . VAL B 2 99  ? 7.880   -2.821  15.560  1.00 15.06  ? 99  VAL H CA  1 
ATOM   1051 C CA  . GLU B 2 100 ? 10.552  -5.179  14.354  1.00 8.80   ? 100 GLU H CA  1 
ATOM   1052 C CA  . VAL B 2 101 ? 13.870  -4.205  12.897  1.00 10.83  ? 101 VAL H CA  1 
ATOM   1053 C CA  . PHE B 2 102 ? 16.004  -6.472  10.829  1.00 11.09  ? 102 PHE H CA  1 
ATOM   1054 C CA  . ASP B 2 103 ? 19.611  -6.783  10.098  1.00 18.42  ? 103 ASP H CA  1 
ATOM   1055 C CA  . PRO B 2 104 ? 19.984  -6.331  6.376   1.00 19.57  ? 104 PRO H CA  1 
ATOM   1056 C CA  . VAL B 2 105 ? 22.478  -9.005  5.897   1.00 18.15  ? 105 VAL H CA  1 
ATOM   1057 C CA  . THR B 2 106 ? 21.577  -11.732 8.329   1.00 20.88  ? 106 THR H CA  1 
ATOM   1058 C CA  . PHE B 2 107 ? 17.848  -10.937 8.369   1.00 17.66  ? 107 PHE H CA  1 
ATOM   1059 C CA  . LEU B 2 108 ? 17.702  -11.433 12.032  1.00 14.58  ? 108 LEU H CA  1 
ATOM   1060 C CA  . PRO B 2 109 ? 15.635  -9.234  14.151  1.00 16.14  ? 109 PRO H CA  1 
ATOM   1061 C CA  . ILE B 2 110 ? 17.740  -6.832  15.999  1.00 18.99  ? 110 ILE H CA  1 
ATOM   1062 C CA  . ALA B 2 111 ? 14.871  -5.157  17.779  1.00 15.89  ? 111 ALA H CA  1 
ATOM   1063 C CA  . ASP B 2 112 ? 11.317  -5.942  18.649  1.00 18.15  ? 112 ASP H CA  1 
ATOM   1064 C CA  . ILE B 2 113 ? 9.461   -3.066  20.208  1.00 19.78  ? 113 ILE H CA  1 
ATOM   1065 C CA  . GLU B 2 114 ? 5.893   -3.421  21.497  1.00 20.26  ? 114 GLU H CA  1 
ATOM   1066 C CA  . LEU B 2 115 ? 3.410   -0.694  20.951  1.00 19.91  ? 115 LEU H CA  1 
ATOM   1067 C CA  . PRO B 2 116 ? 1.146   -0.190  23.913  1.00 26.63  ? 116 PRO H CA  1 
ATOM   1068 C CA  . ASP B 2 117 ? -2.489  -0.513  23.542  1.00 28.34  ? 117 ASP H CA  1 
ATOM   1069 C CA  . ALA B 2 118 ? -2.345  -1.960  20.051  1.00 22.44  ? 118 ALA H CA  1 
ATOM   1070 C CA  . PRO B 2 119 ? -2.350  1.450   18.357  1.00 14.93  ? 119 PRO H CA  1 
ATOM   1071 C CA  . ARG B 2 120 ? -1.713  0.465   14.685  1.00 13.00  ? 120 ARG H CA  1 
ATOM   1072 C CA  . PHE B 2 121 ? -4.324  1.591   12.140  1.00 11.49  ? 121 PHE H CA  1 
ATOM   1073 C CA  . ASP B 2 122 ? -5.320  -1.597  10.243  1.00 9.51   ? 122 ASP H CA  1 
ATOM   1074 C CA  . VAL B 2 123 ? -5.849  -0.627  6.567   1.00 10.47  ? 123 VAL H CA  1 
ATOM   1075 C CA  . GLY B 2 124 ? -4.396  -1.783  3.104   1.00 8.08   ? 124 GLY H CA  1 
ATOM   1076 C CA  . PRO B 2 125 ? -0.726  -0.533  2.875   1.00 10.29  ? 125 PRO H CA  1 
ATOM   1077 C CA  . TYR B 2 126 ? -0.014  2.692   1.073   1.00 6.69   ? 126 TYR H CA  1 
ATOM   1078 C CA  . SER B 2 127 ? 3.821   3.625   1.153   1.00 12.75  ? 127 SER H CA  1 
ATOM   1079 C CA  . TRP B 2 128 ? 3.986   6.757   3.506   1.00 14.32  ? 128 TRP H CA  1 
ATOM   1080 C CA  . MET B 2 129 ? 1.241   5.839   5.879   1.00 11.64  ? 129 MET H CA  1 
ATOM   1081 C CA  . ASN B 2 130 ? 4.202   5.097   8.169   1.00 14.21  ? 130 ASN H CA  1 
ATOM   1082 C CA  . ALA B 2 131 ? 7.597   6.484   7.812   1.00 18.59  ? 131 ALA H CA  1 
ATOM   1083 C CA  . ASN B 2 132 ? 11.092  6.624   9.197   1.00 20.30  ? 132 ASN H CA  1 
ATOM   1084 C CA  . THR B 2 133 ? 12.507  9.925   10.358  1.00 21.88  ? 133 THR H CA  1 
ATOM   1085 C CA  . PRO B 2 134 ? 15.313  11.028  8.080   1.00 20.76  ? 134 PRO H CA  1 
ATOM   1086 C CA  . ASN B 2 135 ? 17.691  10.293  10.901  1.00 29.32  ? 135 ASN H CA  1 
ATOM   1087 C CA  . ASN B 2 136 ? 16.512  6.657   10.999  1.00 25.44  ? 136 ASN H CA  1 
ATOM   1088 C CA  . ALA B 2 137 ? 16.205  7.157   14.712  1.00 26.77  ? 137 ALA H CA  1 
ATOM   1089 C CA  . ASP B 2 138 ? 12.447  6.950   14.735  1.00 27.90  ? 138 ASP H CA  1 
ATOM   1090 C CA  . LEU B 2 139 ? 9.572   5.276   13.027  1.00 20.25  ? 139 LEU H CA  1 
ATOM   1091 C CA  . LEU B 2 140 ? 6.361   7.345   12.804  1.00 22.24  ? 140 LEU H CA  1 
ATOM   1092 C CA  . PHE B 2 141 ? 3.085   5.417   12.559  1.00 8.75   ? 141 PHE H CA  1 
ATOM   1093 C CA  . PHE B 2 142 ? -0.642  6.422   12.354  1.00 14.64  ? 142 PHE H CA  1 
ATOM   1094 C CA  . GLN B 2 143 ? -3.432  5.572   14.720  1.00 16.49  ? 143 GLN H CA  1 
ATOM   1095 C CA  . PHE B 2 144 ? -7.085  6.197   13.705  1.00 13.31  ? 144 PHE H CA  1 
ATOM   1096 C CA  . ALA B 2 145 ? -9.043  4.511   16.625  1.00 15.85  ? 145 ALA H CA  1 
ATOM   1097 C CA  . ALA B 2 146 ? -9.768  6.227   19.823  1.00 21.76  ? 146 ALA H CA  1 
ATOM   1098 C CA  . GLY B 2 147 ? -8.594  9.385   17.824  1.00 22.23  ? 147 GLY H CA  1 
ATOM   1099 C CA  . PRO B 2 148 ? -5.940  10.341  15.254  1.00 17.26  ? 148 PRO H CA  1 
ATOM   1100 C CA  . ALA B 2 149 ? -2.446  10.363  16.420  1.00 16.27  ? 149 ALA H CA  1 
ATOM   1101 C CA  . VAL B 2 150 ? 1.050   9.702   15.220  1.00 16.90  ? 150 VAL H CA  1 
ATOM   1102 C CA  . GLY B 2 151 ? 2.937   7.323   17.398  1.00 20.80  ? 151 GLY H CA  1 
ATOM   1103 C CA  . LEU B 2 152 ? 6.561   7.908   18.029  1.00 21.59  ? 152 LEU H CA  1 
ATOM   1104 C CA  . VAL B 2 153 ? 8.945   4.859   18.336  1.00 18.94  ? 153 VAL H CA  1 
ATOM   1105 C CA  . VAL B 2 154 ? 12.618  5.331   19.432  1.00 19.44  ? 154 VAL H CA  1 
ATOM   1106 C CA  . GLN B 2 155 ? 14.583  2.974   17.513  1.00 23.91  ? 155 GLN H CA  1 
ATOM   1107 C CA  . GLY B 2 156 ? 17.758  4.051   19.216  1.00 40.82  ? 156 GLY H CA  1 
ATOM   1108 C CA  . GLY B 2 157 ? 16.531  3.450   22.706  1.00 40.42  ? 157 GLY H CA  1 
ATOM   1109 C CA  . SER B 2 158 ? 14.405  0.647   21.231  1.00 29.33  ? 158 SER H CA  1 
ATOM   1110 C CA  . SER B 2 159 ? 11.304  2.089   22.896  1.00 21.75  ? 159 SER H CA  1 
ATOM   1111 C CA  . ASP B 2 160 ? 7.765   3.535   22.216  1.00 17.38  ? 160 ASP H CA  1 
ATOM   1112 C CA  . ASP B 2 161 ? 8.189   7.222   22.940  1.00 21.87  ? 161 ASP H CA  1 
ATOM   1113 C CA  . GLN B 2 162 ? 4.984   9.399   22.821  1.00 18.70  ? 162 GLN H CA  1 
ATOM   1114 C CA  . LEU B 2 163 ? 1.727   9.384   20.838  1.00 25.21  ? 163 LEU H CA  1 
ATOM   1115 C CA  . LEU B 2 164 ? 1.325   12.807  19.009  1.00 21.29  ? 164 LEU H CA  1 
ATOM   1116 C CA  . SER B 2 165 ? -2.276  14.191  18.775  1.00 32.26  ? 165 SER H CA  1 
ATOM   1117 C CA  . SER B 2 166 ? -2.935  15.185  15.187  1.00 27.95  ? 166 SER H CA  1 
ATOM   1118 C CA  . PRO B 2 167 ? -5.701  16.727  13.180  1.00 29.02  ? 167 PRO H CA  1 
ATOM   1119 C CA  . THR B 2 168 ? -7.916  14.798  10.705  1.00 23.57  ? 168 THR H CA  1 
ATOM   1120 C CA  . CYS B 2 169 ? -4.916  14.080  8.487   1.00 17.40  ? 169 CYS H CA  1 
ATOM   1121 C CA  . TYR B 2 170 ? -3.339  11.075  6.847   1.00 13.14  ? 170 TYR H CA  1 
ATOM   1122 C CA  . HIS B 2 171 ? 0.019   9.931   5.493   1.00 13.87  ? 171 HIS H CA  1 
ATOM   1123 C CA  . ILE B 2 172 ? 3.396   10.868  7.016   1.00 14.22  ? 172 ILE H CA  1 
ATOM   1124 C CA  . HIS B 2 173 ? 5.984   12.827  5.100   1.00 18.45  ? 173 HIS H CA  1 
ATOM   1125 C CA  . PRO B 2 174 ? 9.159   13.606  7.110   1.00 25.02  ? 174 PRO H CA  1 
ATOM   1126 C CA  . GLY B 2 175 ? 11.194  16.791  6.406   1.00 23.76  ? 175 GLY H CA  1 
ATOM   1127 C CA  . ALA B 2 176 ? 13.463  16.751  9.508   1.00 31.09  ? 176 ALA H CA  1 
ATOM   1128 C CA  . PRO B 2 177 ? 14.153  14.657  12.539  1.00 29.69  ? 177 PRO H CA  1 
ATOM   1129 C CA  . SER B 2 178 ? 11.346  16.490  14.234  1.00 28.47  ? 178 SER H CA  1 
ATOM   1130 C CA  . THR B 2 179 ? 9.062   17.729  11.376  1.00 24.19  ? 179 THR H CA  1 
ATOM   1131 C CA  . PHE B 2 180 ? 6.703   15.852  9.128   1.00 15.85  ? 180 PHE H CA  1 
ATOM   1132 C CA  . TYR B 2 181 ? 3.664   16.660  7.035   1.00 16.49  ? 181 TYR H CA  1 
ATOM   1133 C CA  . LEU B 2 182 ? 0.426   14.845  6.956   1.00 15.44  ? 182 LEU H CA  1 
ATOM   1134 C CA  . LEU B 2 183 ? -2.467  15.344  4.164   1.00 14.92  ? 183 LEU H CA  1 
ATOM   1135 C CA  . CYS B 2 184 ? -5.709  16.698  5.707   1.00 19.80  ? 184 CYS H CA  1 
ATOM   1136 C CA  . ALA B 2 185 ? -9.573  16.431  5.095   1.00 19.43  ? 185 ALA H CA  1 
ATOM   1137 C CA  . GLN B 2 186 ? -9.347  20.385  4.741   1.00 25.79  ? 186 GLN H CA  1 
ATOM   1138 C CA  . GLY B 2 187 ? -6.156  21.876  6.145   1.00 33.23  ? 187 GLY H CA  1 
ATOM   1139 C CA  . GLY B 2 188 ? -3.774  21.877  3.094   1.00 21.78  ? 188 GLY H CA  1 
ATOM   1140 C CA  . LEU B 2 189 ? -1.061  19.780  4.470   1.00 23.12  ? 189 LEU H CA  1 
ATOM   1141 C CA  . ALA B 2 190 ? -0.351  19.882  8.214   1.00 24.98  ? 190 ALA H CA  1 
ATOM   1142 C CA  . LYS B 2 191 ? 3.189   20.589  9.525   1.00 20.05  ? 191 LYS H CA  1 
ATOM   1143 C CA  . THR B 2 192 ? 4.016   18.666  12.700  1.00 21.35  ? 192 THR H CA  1 
ATOM   1144 C CA  . ASP B 2 193 ? 6.744   19.757  15.064  1.00 31.16  ? 193 ASP H CA  1 
ATOM   1145 C CA  . HIS B 2 194 ? 7.229   17.204  17.664  1.00 31.58  ? 194 HIS H CA  1 
ATOM   1146 C CA  . ALA B 2 195 ? 10.476  18.525  18.989  1.00 35.37  ? 195 ALA H CA  1 
ATOM   1147 C CA  . GLY B 2 196 ? 11.411  19.298  22.558  1.00 53.63  ? 196 GLY H CA  1 
ATOM   1148 C CA  . GLY B 2 197 ? 8.772   17.044  23.992  1.00 49.56  ? 197 GLY H CA  1 
ATOM   1149 C CA  . ALA B 2 198 ? 6.063   19.212  22.356  1.00 50.50  ? 198 ALA H CA  1 
ATOM   1150 C CA  . ALA B 2 199 ? 3.629   18.776  19.493  1.00 47.20  ? 199 ALA H CA  1 
ATOM   1151 C CA  . GLY B 2 200 ? 3.248   21.916  17.231  1.00 39.56  ? 200 GLY H CA  1 
ATOM   1152 C CA  . ALA B 2 201 ? 0.612   21.628  14.359  1.00 36.15  ? 201 ALA H CA  1 
ATOM   1153 C CA  . GLY B 2 202 ? 0.477   24.419  11.652  1.00 37.18  ? 202 GLY H CA  1 
ATOM   1154 C CA  . LEU B 2 203 ? -1.608  24.033  8.457   1.00 28.52  ? 203 LEU H CA  1 
ATOM   1155 C CA  . VAL B 2 204 ? -0.575  24.992  4.922   1.00 27.58  ? 204 VAL H CA  1 
ATOM   1156 C CA  . GLY B 2 205 ? -3.056  26.638  2.487   1.00 32.38  ? 205 GLY H CA  1 
ATOM   1157 C CA  . ALA B 2 206 ? -5.928  24.522  0.924   1.00 20.43  ? 206 ALA H CA  1 
ATOM   1158 C CA  . MET B 2 207 ? -4.193  23.094  -2.183  1.00 23.67  ? 207 MET H CA  1 
ATOM   1159 C CA  . LEU B 2 208 ? -6.938  21.110  -4.170  1.00 16.72  ? 208 LEU H CA  1 
ATOM   1160 C CA  . THR B 2 209 ? -10.657 21.594  -4.566  1.00 30.41  ? 209 THR H CA  1 
ATOM   1161 C CA  . ALA B 2 210 ? -12.954 19.096  -2.769  1.00 33.04  ? 210 ALA H CA  1 
ATOM   1162 C CA  . ALA B 2 211 ? -13.711 17.820  -6.278  1.00 31.59  ? 211 ALA H CA  1 
ATOM   1163 C CA  . GLN B 2 212 ? -10.042 16.897  -6.776  1.00 20.55  ? 212 GLN H CA  1 
ATOM   1164 C CA  . ASN B 2 213 ? -9.642  13.443  -5.278  1.00 17.21  ? 213 ASN H CA  1 
ATOM   1165 C CA  . LEU B 2 214 ? -6.108  12.752  -4.199  1.00 16.48  ? 214 LEU H CA  1 
ATOM   1166 C CA  . LEU B 2 215 ? -5.191  9.138   -4.750  1.00 14.79  ? 215 LEU H CA  1 
ATOM   1167 C CA  . THR B 2 216 ? -4.379  6.811   -1.605  1.00 6.74   ? 216 THR H CA  1 
ATOM   1168 C CA  . GLN B 2 217 ? -0.817  6.318   -3.099  1.00 7.66   ? 217 GLN H CA  1 
ATOM   1169 C CA  . PRO B 2 218 ? 1.514   9.305   -3.605  1.00 13.78  ? 218 PRO H CA  1 
ATOM   1170 C CA  . ALA B 2 219 ? 5.243   9.229   -4.080  1.00 10.42  ? 219 ALA H CA  1 
ATOM   1171 C CA  . GLN B 2 220 ? 7.803   11.062  -1.899  1.00 18.36  ? 220 GLN H CA  1 
ATOM   1172 C CA  . ALA B 2 221 ? 11.682  11.271  -1.645  1.00 16.33  ? 221 ALA H CA  1 
ATOM   1173 C CA  . ASN B 2 222 ? 12.650  11.379  1.966   1.00 21.20  ? 222 ASN H CA  1 
ATOM   1174 C CA  . LYS B 2 223 ? 16.080  12.245  0.693   1.00 22.49  ? 223 LYS H CA  1 
ATOM   1175 C CA  . SER B 2 224 ? 14.785  15.280  -1.454  1.00 16.01  ? 224 SER H CA  1 
ATOM   1176 C CA  . GLY B 2 225 ? 11.581  16.335  0.233   1.00 17.37  ? 225 GLY H CA  1 
ATOM   1177 C CA  . ARG B 2 226 ? 9.585   16.042  -2.983  1.00 12.98  ? 226 ARG H CA  1 
ATOM   1178 C CA  . ILE B 2 227 ? 5.874   14.933  -2.647  1.00 13.05  ? 227 ILE H CA  1 
ATOM   1179 C CA  . VAL B 2 228 ? 4.250   13.860  -5.946  1.00 11.81  ? 228 VAL H CA  1 
ATOM   1180 C CA  . TRP B 2 229 ? 0.454   13.560  -5.550  1.00 15.93  ? 229 TRP H CA  1 
ATOM   1181 C CA  . PRO B 2 230 ? -1.979  12.583  -8.369  1.00 13.87  ? 230 PRO H CA  1 
ATOM   1182 C CA  . VAL B 2 231 ? -5.795  12.896  -8.400  1.00 11.66  ? 231 VAL H CA  1 
ATOM   1183 C CA  . TYR B 2 232 ? -8.098  10.164  -9.764  1.00 10.19  ? 232 TYR H CA  1 
ATOM   1184 C CA  . SER B 2 233 ? -7.829  12.021  -13.060 1.00 15.08  ? 233 SER H CA  1 
ATOM   1185 C CA  . GLY B 2 234 ? -4.043  12.208  -13.585 1.00 13.56  ? 234 GLY H CA  1 
ATOM   1186 C CA  . LYS B 2 235 ? -3.492  15.730  -12.338 1.00 12.95  ? 235 LYS H CA  1 
ATOM   1187 C CA  . ILE B 2 236 ? -0.330  16.057  -10.330 1.00 11.10  ? 236 ILE H CA  1 
ATOM   1188 C CA  . LEU B 2 237 ? -0.039  18.337  -7.354  1.00 11.29  ? 237 LEU H CA  1 
ATOM   1189 C CA  . GLN B 2 238 ? 3.690   18.699  -6.275  1.00 16.85  ? 238 GLN H CA  1 
ATOM   1190 C CA  . ALA B 2 239 ? 5.387   20.270  -3.252  1.00 16.97  ? 239 ALA H CA  1 
ATOM   1191 C CA  . ASP B 2 240 ? 8.842   20.508  -1.908  1.00 22.00  ? 240 ASP H CA  1 
ATOM   1192 C CA  . ILE B 2 241 ? 8.695   19.788  1.785   1.00 31.11  ? 241 ILE H CA  1 
ATOM   1193 C CA  . SER B 2 242 ? 11.144  21.235  4.344   1.00 32.46  ? 242 SER H CA  1 
ATOM   1194 C CA  . ALA B 2 243 ? 11.653  21.745  7.899   1.00 35.18  ? 243 ALA H CA  1 
ATOM   1195 C CA  . ALA B 2 244 ? 10.496  25.242  7.438   1.00 34.54  ? 244 ALA H CA  1 
ATOM   1196 C CA  . GLY B 2 245 ? 7.536   24.648  5.200   1.00 28.81  ? 245 GLY H CA  1 
ATOM   1197 C CA  . ALA B 2 246 ? 6.018   23.210  2.144   1.00 24.90  ? 246 ALA H CA  1 
ATOM   1198 C CA  . THR B 2 247 ? 6.354   24.875  -1.158  1.00 25.21  ? 247 THR H CA  1 
ATOM   1199 C CA  . ASN B 2 248 ? 3.656   23.931  -3.638  1.00 22.41  ? 248 ASN H CA  1 
ATOM   1200 C CA  . LYS B 2 249 ? 4.686   23.900  -7.332  1.00 19.68  ? 249 LYS H CA  1 
ATOM   1201 C CA  . ALA B 2 250 ? 2.446   24.487  -10.374 1.00 24.22  ? 250 ALA H CA  1 
ATOM   1202 C CA  . PRO B 2 251 ? 0.305   21.428  -11.120 1.00 22.15  ? 251 PRO H CA  1 
ATOM   1203 C CA  . ILE B 2 252 ? 0.784   19.237  -14.117 1.00 27.78  ? 252 ILE H CA  1 
ATOM   1204 C CA  . ASP B 2 253 ? -1.846  17.116  -15.954 1.00 20.68  ? 253 ASP H CA  1 
ATOM   1205 C CA  . ALA B 2 254 ? -0.383  13.652  -16.626 1.00 27.30  ? 254 ALA H CA  1 
ATOM   1206 C CA  . LEU B 2 255 ? -2.763  12.753  -19.399 1.00 28.27  ? 255 LEU H CA  1 
ATOM   1207 C CA  . SER B 2 256 ? -3.641  14.834  -22.447 1.00 31.99  ? 256 SER H CA  1 
ATOM   1208 C CA  . GLY B 2 257 ? -7.053  16.327  -23.281 1.00 36.01  ? 257 GLY H CA  1 
ATOM   1209 C CA  . GLY B 2 258 ? -7.436  13.604  -25.922 1.00 30.63  ? 258 GLY H CA  1 
ATOM   1210 C CA  . ARG B 2 259 ? -6.122  10.834  -23.597 1.00 21.99  ? 259 ARG H CA  1 
ATOM   1211 C CA  . LYS B 2 260 ? -8.449  12.126  -20.924 1.00 18.46  ? 260 LYS H CA  1 
ATOM   1212 C CA  . ALA B 2 261 ? -11.412 12.333  -23.277 1.00 34.01  ? 261 ALA H CA  1 
ATOM   1213 C CA  . ASP B 2 262 ? -10.601 8.848   -24.354 1.00 36.46  ? 262 ASP H CA  1 
ATOM   1214 C CA  . THR B 2 263 ? -11.231 7.359   -20.962 1.00 25.66  ? 263 THR H CA  1 
ATOM   1215 C CA  . TRP B 2 264 ? -7.600  7.514   -19.851 1.00 16.36  ? 264 TRP H CA  1 
ATOM   1216 C CA  . ARG B 2 265 ? -6.990  7.794   -16.138 1.00 20.61  ? 265 ARG H CA  1 
ATOM   1217 C CA  . PRO B 2 266 ? -4.528  6.469   -13.562 1.00 18.88  ? 266 PRO H CA  1 
ATOM   1218 C CA  . GLY B 2 267 ? -5.395  3.324   -11.619 1.00 11.85  ? 267 GLY H CA  1 
ATOM   1219 C CA  . GLY B 2 268 ? -4.137  0.288   -9.682  1.00 11.44  ? 268 GLY H CA  1 
ATOM   1220 C CA  . TRP B 2 269 ? -2.468  0.153   -6.277  1.00 10.02  ? 269 TRP H CA  1 
ATOM   1221 C CA  . GLN B 2 270 ? 0.925   1.749   -5.822  1.00 10.78  ? 270 GLN H CA  1 
ATOM   1222 C CA  . GLN B 2 271 ? 0.479   3.827   -9.058  1.00 11.84  ? 271 GLN H CA  1 
ATOM   1223 C CA  . VAL B 2 272 ? 2.942   6.641   -8.585  1.00 16.48  ? 272 VAL H CA  1 
ATOM   1224 C CA  . ALA B 2 273 ? 6.752   6.617   -8.593  1.00 12.56  ? 273 ALA H CA  1 
ATOM   1225 C CA  . TYR B 2 274 ? 9.436   9.255   -8.588  1.00 17.92  ? 274 TYR H CA  1 
ATOM   1226 C CA  . LEU B 2 275 ? 13.201  8.889   -9.702  1.00 13.79  ? 275 LEU H CA  1 
ATOM   1227 C CA  . LYS B 2 276 ? 15.023  11.540  -7.634  1.00 23.04  ? 276 LYS H CA  1 
ATOM   1228 C CA  . SER B 2 277 ? 18.282  11.731  -9.537  1.00 29.91  ? 277 SER H CA  1 
ATOM   1229 C CA  . SER B 2 278 ? 16.407  12.433  -12.748 1.00 23.82  ? 278 SER H CA  1 
ATOM   1230 C CA  . ASP B 2 279 ? 13.345  14.185  -11.452 1.00 22.54  ? 279 ASP H CA  1 
ATOM   1231 C CA  . GLY B 2 280 ? 11.269  11.700  -13.548 1.00 17.98  ? 280 GLY H CA  1 
ATOM   1232 C CA  . ILE B 2 281 ? 7.675   10.950  -12.413 1.00 18.80  ? 281 ILE H CA  1 
ATOM   1233 C CA  . TYR B 2 282 ? 6.122   7.514   -13.347 1.00 15.55  ? 282 TYR H CA  1 
ATOM   1234 C CA  . LEU B 2 283 ? 2.391   6.995   -13.277 1.00 15.70  ? 283 LEU H CA  1 
ATOM   1235 C CA  . LEU B 2 284 ? 0.279   3.854   -13.892 1.00 18.50  ? 284 LEU H CA  1 
ATOM   1236 C CA  . THR B 2 285 ? -2.599  4.571   -16.419 1.00 19.66  ? 285 THR H CA  1 
ATOM   1237 C CA  . SER B 2 286 ? -5.117  2.679   -18.724 1.00 21.27  ? 286 SER H CA  1 
ATOM   1238 C CA  . GLU B 2 287 ? -8.589  3.428   -20.078 1.00 14.96  ? 287 GLU H CA  1 
ATOM   1239 C CA  . GLN B 2 288 ? -10.745 2.849   -17.001 1.00 20.92  ? 288 GLN H CA  1 
ATOM   1240 C CA  . SER B 2 289 ? -14.445 3.749   -16.133 1.00 19.42  ? 289 SER H CA  1 
ATOM   1241 C CA  . ALA B 2 290 ? -14.350 6.573   -13.518 1.00 25.32  ? 290 ALA H CA  1 
ATOM   1242 C CA  . TRP B 2 291 ? -14.823 4.178   -10.677 1.00 14.05  ? 291 TRP H CA  1 
ATOM   1243 C CA  . LYS B 2 292 ? -12.260 1.501   -11.685 1.00 17.21  ? 292 LYS H CA  1 
ATOM   1244 C CA  . LEU B 2 293 ? -9.723  3.523   -9.655  1.00 17.51  ? 293 LEU H CA  1 
ATOM   1245 C CA  . HIS B 2 294 ? -8.317  0.175   -8.211  1.00 16.81  ? 294 HIS H CA  1 
ATOM   1246 C CA  . ALA B 2 295 ? -8.245  -2.052  -11.429 1.00 15.16  ? 295 ALA H CA  1 
ATOM   1247 C CA  . ALA B 2 296 ? -4.906  -2.988  -12.828 1.00 8.73   ? 296 ALA H CA  1 
ATOM   1248 C CA  . ALA B 2 297 ? -3.374  -0.813  -15.459 1.00 10.51  ? 297 ALA H CA  1 
ATOM   1249 C CA  . LYS B 2 298 ? -1.335  -1.830  -18.574 1.00 17.44  ? 298 LYS H CA  1 
ATOM   1250 C CA  . GLU B 2 299 ? 0.834   1.218   -19.368 1.00 15.38  ? 299 GLU H CA  1 
ATOM   1251 C CA  . VAL B 2 300 ? 3.111   3.629   -17.544 1.00 18.45  ? 300 VAL H CA  1 
ATOM   1252 C CA  . THR B 2 301 ? 3.500   7.285   -18.513 1.00 19.29  ? 301 THR H CA  1 
ATOM   1253 C CA  . SER B 2 302 ? 6.895   9.053   -17.755 1.00 18.77  ? 302 SER H CA  1 
ATOM   1254 C CA  . VAL B 2 303 ? 6.916   12.880  -17.259 1.00 18.62  ? 303 VAL H CA  1 
ATOM   1255 C CA  . THR B 2 304 ? 9.778   15.500  -16.541 1.00 15.92  ? 304 THR H CA  1 
ATOM   1256 C CA  . GLY B 2 305 ? 8.809   16.441  -12.951 1.00 15.09  ? 305 GLY H CA  1 
ATOM   1257 C CA  . LEU B 2 306 ? 10.121  20.006  -13.860 1.00 22.53  ? 306 LEU H CA  1 
ATOM   1258 C CA  . VAL B 2 307 ? 8.449   20.896  -17.208 1.00 15.89  ? 307 VAL H CA  1 
ATOM   1259 C CA  . GLY B 2 308 ? 5.583   18.491  -17.482 1.00 11.58  ? 308 GLY H CA  1 
ATOM   1260 C CA  . GLN B 2 309 ? 6.497   16.800  -20.773 1.00 21.53  ? 309 GLN H CA  1 
ATOM   1261 C CA  . THR B 2 310 ? 5.828   13.057  -21.657 1.00 23.73  ? 310 THR H CA  1 
ATOM   1262 C CA  . SER B 2 311 ? 9.357   11.532  -21.875 1.00 26.51  ? 311 SER H CA  1 
ATOM   1263 C CA  . SER B 2 312 ? 7.649   8.206   -22.747 1.00 19.99  ? 312 SER H CA  1 
ATOM   1264 C CA  . GLN B 2 313 ? 4.535   6.056   -22.380 1.00 20.87  ? 313 GLN H CA  1 
ATOM   1265 C CA  . ILE B 2 314 ? 5.356   2.372   -21.750 1.00 24.29  ? 314 ILE H CA  1 
ATOM   1266 C CA  . SER B 2 315 ? 3.345   -0.584  -22.899 1.00 30.22  ? 315 SER H CA  1 
ATOM   1267 C CA  . LEU B 2 316 ? 3.829   -2.898  -19.875 1.00 28.35  ? 316 LEU H CA  1 
ATOM   1268 C CA  . GLY B 2 317 ? 2.501   -5.901  -21.604 1.00 20.19  ? 317 GLY H CA  1 
ATOM   1269 C CA  . HIS B 2 318 ? 0.816   -7.162  -18.419 1.00 15.59  ? 318 HIS H CA  1 
ATOM   1270 C CA  . ASP B 2 319 ? -2.050  -6.344  -16.020 1.00 15.25  ? 319 ASP H CA  1 
ATOM   1271 C CA  . VAL B 2 320 ? 0.069   -4.419  -13.502 1.00 15.03  ? 320 VAL H CA  1 
ATOM   1272 C CA  . ASP B 2 321 ? -1.032  -3.080  -10.012 1.00 13.37  ? 321 ASP H CA  1 
ATOM   1273 C CA  . ALA B 2 322 ? 2.000   -1.406  -8.314  1.00 7.99   ? 322 ALA H CA  1 
ATOM   1274 C CA  . ILE B 2 323 ? 5.202   0.165   -9.722  1.00 13.74  ? 323 ILE H CA  1 
ATOM   1275 C CA  . SER B 2 324 ? 8.529   1.572   -8.334  1.00 17.82  ? 324 SER H CA  1 
ATOM   1276 C CA  . VAL B 2 325 ? 11.994  2.309   -9.790  1.00 14.83  ? 325 VAL H CA  1 
ATOM   1277 C CA  . ALA B 2 326 ? 15.609  1.585   -8.597  1.00 10.28  ? 326 ALA H CA  1 
ATOM   1278 C CA  . GLN B 2 327 ? 16.807  4.950   -7.354  1.00 18.98  ? 327 GLN H CA  1 
ATOM   1279 C CA  . ASP B 2 328 ? 20.161  4.589   -9.255  1.00 24.92  ? 328 ASP H CA  1 
ATOM   1280 C CA  . GLY B 2 329 ? 21.746  6.271   -12.389 1.00 37.77  ? 329 GLY H CA  1 
ATOM   1281 C CA  . GLY B 2 330 ? 20.130  3.703   -14.694 1.00 32.81  ? 330 GLY H CA  1 
ATOM   1282 C CA  . PRO B 2 331 ? 16.943  2.737   -12.814 1.00 26.66  ? 331 PRO H CA  1 
ATOM   1283 C CA  . ASP B 2 332 ? 14.998  -0.413  -13.261 1.00 20.66  ? 332 ASP H CA  1 
ATOM   1284 C CA  . LEU B 2 333 ? 11.256  -0.159  -13.429 1.00 18.30  ? 333 LEU H CA  1 
ATOM   1285 C CA  . TYR B 2 334 ? 9.466   -2.644  -11.153 1.00 12.35  ? 334 TYR H CA  1 
ATOM   1286 C CA  . ALA B 2 335 ? 5.942   -3.558  -12.096 1.00 17.98  ? 335 ALA H CA  1 
ATOM   1287 C CA  . LEU B 2 336 ? 4.071   -5.934  -9.823  1.00 13.76  ? 336 LEU H CA  1 
ATOM   1288 C CA  . SER B 2 337 ? 1.047   -8.071  -10.630 1.00 8.23   ? 337 SER H CA  1 
ATOM   1289 C CA  . ALA B 2 338 ? -0.851  -9.027  -7.543  1.00 11.98  ? 338 ALA H CA  1 
ATOM   1290 C CA  . GLY B 2 339 ? -3.050  -11.241 -9.725  1.00 19.45  ? 339 GLY H CA  1 
ATOM   1291 C CA  . THR B 2 340 ? -0.347  -13.540 -10.863 1.00 21.70  ? 340 THR H CA  1 
ATOM   1292 C CA  . GLU B 2 341 ? 1.967   -12.794 -8.004  1.00 10.84  ? 341 GLU H CA  1 
ATOM   1293 C CA  . VAL B 2 342 ? 4.721   -11.970 -10.446 1.00 12.79  ? 342 VAL H CA  1 
ATOM   1294 C CA  . LEU B 2 343 ? 7.272   -9.115  -10.481 1.00 14.67  ? 343 LEU H CA  1 
ATOM   1295 C CA  . HIS B 2 344 ? 8.250   -7.690  -13.924 1.00 15.41  ? 344 HIS H CA  1 
ATOM   1296 C CA  . ILE B 2 345 ? 11.512  -5.907  -14.192 1.00 17.82  ? 345 ILE H CA  1 
ATOM   1297 C CA  . TYR B 2 346 ? 11.991  -3.493  -17.046 1.00 23.30  ? 346 TYR H CA  1 
ATOM   1298 C CA  . ASP B 2 347 ? 14.631  -1.143  -18.248 1.00 23.66  ? 347 ASP H CA  1 
ATOM   1299 C CA  . ALA B 2 348 ? 13.087  2.291   -17.445 1.00 26.96  ? 348 ALA H CA  1 
ATOM   1300 C CA  . GLY B 2 349 ? 14.796  4.034   -20.380 1.00 34.37  ? 349 GLY H CA  1 
ATOM   1301 C CA  . ALA B 2 350 ? 13.919  1.476   -23.086 1.00 30.59  ? 350 ALA H CA  1 
ATOM   1302 C CA  . GLY B 2 351 ? 10.782  0.103   -21.371 1.00 26.67  ? 351 GLY H CA  1 
ATOM   1303 C CA  . ASP B 2 352 ? 12.210  -3.271  -22.406 1.00 24.21  ? 352 ASP H CA  1 
ATOM   1304 C CA  . GLN B 2 353 ? 11.238  -6.029  -20.076 1.00 22.70  ? 353 GLN H CA  1 
ATOM   1305 C CA  . ASP B 2 354 ? 14.298  -7.697  -18.673 1.00 22.14  ? 354 ASP H CA  1 
ATOM   1306 C CA  . GLN B 2 355 ? 13.519  -10.327 -15.969 1.00 18.35  ? 355 GLN H CA  1 
ATOM   1307 C CA  . SER B 2 356 ? 10.382  -11.640 -14.163 1.00 16.76  ? 356 SER H CA  1 
ATOM   1308 C CA  . THR B 2 357 ? 9.919   -13.308 -10.644 1.00 14.45  ? 357 THR H CA  1 
ATOM   1309 C CA  . VAL B 2 358 ? 6.921   -15.701 -10.199 1.00 11.43  ? 358 VAL H CA  1 
ATOM   1310 C CA  . GLU B 2 359 ? 5.435   -17.185 -6.964  1.00 15.09  ? 359 GLU H CA  1 
ATOM   1311 C CA  . LEU B 2 360 ? 5.645   -14.126 -4.856  1.00 9.79   ? 360 LEU H CA  1 
ATOM   1312 C CA  . GLY B 2 361 ? 2.878   -14.830 -2.276  1.00 5.53   ? 361 GLY H CA  1 
ATOM   1313 C CA  . SER B 2 362 ? -0.869  -14.531 -2.458  1.00 11.11  ? 362 SER H CA  1 
ATOM   1314 C CA  . GLY B 2 363 ? -1.401  -10.938 -3.391  1.00 4.13   ? 363 GLY H CA  1 
ATOM   1315 C CA  . PRO B 2 364 ? 1.755   -8.848  -3.515  1.00 6.96   ? 364 PRO H CA  1 
ATOM   1316 C CA  . GLN B 2 365 ? 1.312   -5.088  -3.719  1.00 14.88  ? 365 GLN H CA  1 
ATOM   1317 C CA  . VAL B 2 366 ? 4.066   -2.892  -2.143  1.00 14.08  ? 366 VAL H CA  1 
ATOM   1318 C CA  . LEU B 2 367 ? 7.738   -2.311  -3.613  1.00 7.80   ? 367 LEU H CA  1 
ATOM   1319 C CA  . SER B 2 368 ? 10.403  -0.812  -1.219  1.00 14.82  ? 368 SER H CA  1 
ATOM   1320 C CA  . VAL B 2 369 ? 13.938  0.171   -2.233  1.00 19.24  ? 369 VAL H CA  1 
ATOM   1321 C CA  . MET B 2 370 ? 16.791  1.939   -0.497  1.00 18.04  ? 370 MET H CA  1 
ATOM   1322 C CA  . ASN B 2 371 ? 17.595  5.486   -1.907  1.00 20.91  ? 371 ASN H CA  1 
ATOM   1323 C CA  . GLU B 2 372 ? 21.150  4.670   -1.212  1.00 36.77  ? 372 GLU H CA  1 
ATOM   1324 C CA  . ALA B 2 373 ? 23.495  5.465   -3.937  1.00 63.73  ? 373 ALA H CA  1 
HETATM 1325 N N6A . HDZ C 3 .   ? -14.184 -4.345  4.297   1.00 25.48  ? 132 HDZ L N6A 1 
HETATM 1326 N N6B . HDZ C 3 .   ? -12.834 -4.734  3.997   1.00 29.86  ? 132 HDZ L N6B 1 
HETATM 1327 O O   . HOH D 4 .   ? 8.044   -17.050 5.091   1.00 11.71  ? 133 HOH L O   1 
HETATM 1328 O O   . HOH D 4 .   ? -7.843  -11.591 8.495   1.00 15.55  ? 134 HOH L O   1 
HETATM 1329 O O   . HOH D 4 .   ? -16.352 -15.470 2.819   1.00 15.88  ? 135 HOH L O   1 
HETATM 1330 O O   . HOH D 4 .   ? 2.061   5.860   -1.162  1.00 13.43  ? 136 HOH L O   1 
HETATM 1331 O O   . HOH D 4 .   ? -6.607  2.795   14.584  1.00 17.23  ? 137 HOH L O   1 
HETATM 1332 O O   . HOH D 4 .   ? 7.956   -3.865  0.734   1.00 16.28  ? 138 HOH L O   1 
HETATM 1333 O O   . HOH D 4 .   ? -5.411  9.812   0.219   1.00 17.67  ? 139 HOH L O   1 
HETATM 1334 O O   . HOH D 4 .   ? 16.995  2.231   -4.909  1.00 16.56  ? 140 HOH L O   1 
HETATM 1335 O O   . HOH D 4 .   ? -2.928  -8.892  6.043   1.00 21.18  ? 141 HOH L O   1 
HETATM 1336 O O   . HOH D 4 .   ? 15.698  -1.530  -6.322  1.00 19.36  ? 142 HOH L O   1 
HETATM 1337 O O   . HOH D 4 .   ? -16.846 -18.650 8.616   1.00 10.75  ? 143 HOH L O   1 
HETATM 1338 O O   . HOH D 4 .   ? -5.935  2.405   -2.719  1.00 15.71  ? 144 HOH L O   1 
HETATM 1339 O O   . HOH D 4 .   ? 1.044   -5.392  4.440   1.00 19.37  ? 145 HOH L O   1 
HETATM 1340 O O   . HOH D 4 .   ? 1.763   3.322   -2.029  1.00 13.31  ? 146 HOH L O   1 
HETATM 1341 O O   . HOH D 4 .   ? 17.156  -0.756  -2.720  1.00 20.16  ? 147 HOH L O   1 
HETATM 1342 O O   . HOH D 4 .   ? -4.280  11.114  2.320   1.00 17.69  ? 148 HOH L O   1 
HETATM 1343 O O   . HOH D 4 .   ? 20.922  -15.317 0.002   1.00 21.85  ? 149 HOH L O   1 
HETATM 1344 O O   . HOH D 4 .   ? 6.950   -10.555 12.975  1.00 9.70   ? 150 HOH L O   1 
HETATM 1345 O O   . HOH D 4 .   ? -14.428 -20.242 16.143  1.00 22.09  ? 151 HOH L O   1 
HETATM 1346 O O   . HOH D 4 .   ? 15.164  -15.692 4.195   1.00 21.12  ? 152 HOH L O   1 
HETATM 1347 O O   . HOH D 4 .   ? 4.548   -15.788 7.160   1.00 15.60  ? 153 HOH L O   1 
HETATM 1348 O O   . HOH D 4 .   ? -0.830  -1.878  6.191   1.00 7.77   ? 154 HOH L O   1 
HETATM 1349 O O   . HOH D 4 .   ? 2.612   -17.975 -5.134  1.00 30.09  ? 155 HOH L O   1 
HETATM 1350 O O   . HOH D 4 .   ? -9.198  -0.449  10.780  1.00 17.28  ? 156 HOH L O   1 
HETATM 1351 O O   . HOH D 4 .   ? -19.427 -15.227 17.420  1.00 26.94  ? 157 HOH L O   1 
HETATM 1352 O O   . HOH D 4 .   ? -8.206  -2.930  -1.168  1.00 36.27  ? 158 HOH L O   1 
HETATM 1353 O O   . HOH D 4 .   ? -3.193  -8.276  -1.233  1.00 29.80  ? 159 HOH L O   1 
HETATM 1354 O O   . HOH D 4 .   ? -17.326 2.892   -0.247  1.00 21.63  ? 160 HOH L O   1 
HETATM 1355 O O   . HOH D 4 .   ? 1.942   -14.628 2.181   1.00 18.60  ? 161 HOH L O   1 
HETATM 1356 O O   . HOH D 4 .   ? -0.119  0.711   6.706   1.00 8.40   ? 162 HOH L O   1 
HETATM 1357 O O   . HOH D 4 .   ? 18.999  -24.033 -18.240 1.00 30.23  ? 163 HOH L O   1 
HETATM 1358 O O   . HOH D 4 .   ? 21.326  -6.574  -1.841  1.00 22.89  ? 164 HOH L O   1 
HETATM 1359 O O   . HOH D 4 .   ? 5.426   -17.836 -1.686  1.00 26.27  ? 165 HOH L O   1 
HETATM 1360 O O   . HOH D 4 .   ? 1.618   0.495   11.304  1.00 14.22  ? 166 HOH L O   1 
HETATM 1361 O O   . HOH D 4 .   ? -1.438  1.994   4.691   1.00 23.23  ? 167 HOH L O   1 
HETATM 1362 O O   . HOH D 4 .   ? -31.707 -9.391  -4.001  1.00 25.57  ? 168 HOH L O   1 
HETATM 1363 O O   . HOH D 4 .   ? -7.348  -5.651  -12.160 1.00 25.33  ? 169 HOH L O   1 
HETATM 1364 O O   . HOH D 4 .   ? -2.880  -7.895  -11.427 1.00 24.94  ? 170 HOH L O   1 
HETATM 1365 O O   . HOH D 4 .   ? -1.236  1.549   9.191   1.00 20.17  ? 171 HOH L O   1 
HETATM 1366 O O   . HOH D 4 .   ? 17.055  -17.852 -8.515  1.00 36.01  ? 172 HOH L O   1 
HETATM 1367 O O   . HOH D 4 .   ? -4.730  -2.564  -8.209  1.00 22.59  ? 173 HOH L O   1 
HETATM 1368 O O   . HOH D 4 .   ? -8.387  7.026   -11.364 1.00 22.93  ? 174 HOH L O   1 
HETATM 1369 O O   . HOH D 4 .   ? 5.682   -9.727  5.447   1.00 21.42  ? 175 HOH L O   1 
HETATM 1370 O O   . HOH D 4 .   ? 3.080   19.588  -10.393 1.00 16.67  ? 176 HOH L O   1 
HETATM 1371 O O   . HOH D 4 .   ? 10.492  -4.148  5.702   1.00 23.11  ? 177 HOH L O   1 
HETATM 1372 O O   . HOH D 4 .   ? 6.180   4.115   3.865   1.00 30.77  ? 178 HOH L O   1 
HETATM 1373 O O   . HOH D 4 .   ? 7.700   -9.218  6.864   1.00 20.01  ? 179 HOH L O   1 
HETATM 1374 O O   . HOH D 4 .   ? 11.108  -13.300 9.790   1.00 32.01  ? 180 HOH L O   1 
HETATM 1375 O O   . HOH D 4 .   ? -4.591  -4.562  -5.763  1.00 22.86  ? 181 HOH L O   1 
HETATM 1376 O O   . HOH D 4 .   ? -9.371  3.159   2.202   1.00 27.23  ? 182 HOH L O   1 
HETATM 1377 O O   . HOH D 4 .   ? -25.302 -2.141  -8.087  1.00 25.88  ? 183 HOH L O   1 
HETATM 1378 O O   . HOH D 4 .   ? 0.085   -15.571 4.091   1.00 19.50  ? 184 HOH L O   1 
HETATM 1379 O O   . HOH D 4 .   ? 12.502  8.097   0.129   1.00 19.28  ? 185 HOH L O   1 
HETATM 1380 O O   . HOH D 4 .   ? -22.114 1.418   10.657  1.00 31.07  ? 186 HOH L O   1 
HETATM 1381 O O   . HOH D 4 .   ? 0.671   21.516  -6.848  1.00 36.93  ? 187 HOH L O   1 
HETATM 1382 O O   . HOH D 4 .   ? -13.391 -4.651  17.881  1.00 30.31  ? 188 HOH L O   1 
HETATM 1383 O O   . HOH D 4 .   ? -4.244  14.185  -16.329 1.00 24.53  ? 189 HOH L O   1 
HETATM 1384 O O   . HOH D 4 .   ? 2.767   5.287   -5.206  1.00 26.92  ? 190 HOH L O   1 
HETATM 1385 O O   . HOH D 4 .   ? -6.521  4.526   -6.990  1.00 26.64  ? 191 HOH L O   1 
HETATM 1386 O O   . HOH D 4 .   ? -7.572  0.235   12.785  1.00 26.74  ? 192 HOH L O   1 
HETATM 1387 O O   . HOH D 4 .   ? -21.856 -9.601  1.298   1.00 12.88  ? 193 HOH L O   1 
HETATM 1388 O O   . HOH D 4 .   ? -6.210  6.334   -8.957  1.00 16.60  ? 194 HOH L O   1 
HETATM 1389 O O   . HOH D 4 .   ? -19.848 -8.566  17.823  1.00 33.05  ? 195 HOH L O   1 
HETATM 1390 O O   . HOH D 4 .   ? 12.711  5.733   4.671   1.00 21.60  ? 196 HOH L O   1 
HETATM 1391 O O   . HOH D 4 .   ? -0.422  -11.380 21.404  1.00 30.28  ? 197 HOH L O   1 
HETATM 1392 O O   . HOH D 4 .   ? -22.887 -11.844 2.322   1.00 21.54  ? 198 HOH L O   1 
HETATM 1393 O O   . HOH D 4 .   ? 0.081   2.546   11.170  1.00 25.39  ? 199 HOH L O   1 
HETATM 1394 O O   . HOH D 4 .   ? -9.470  5.624   -3.509  1.00 16.39  ? 200 HOH L O   1 
HETATM 1395 O O   . HOH D 4 .   ? -9.066  -10.154 16.562  1.00 22.10  ? 201 HOH L O   1 
HETATM 1396 O O   . HOH D 4 .   ? -10.512 14.189  -9.041  1.00 33.99  ? 202 HOH L O   1 
HETATM 1397 O O   . HOH D 4 .   ? 12.526  15.023  3.248   1.00 28.08  ? 203 HOH L O   1 
HETATM 1398 O O   . HOH D 4 .   ? -23.912 -0.313  13.847  1.00 27.00  ? 204 HOH L O   1 
HETATM 1399 O O   . HOH D 4 .   ? -6.871  5.720   -4.253  1.00 12.27  ? 205 HOH L O   1 
HETATM 1400 O O   . HOH D 4 .   ? 16.371  -17.790 -4.108  1.00 32.89  ? 206 HOH L O   1 
HETATM 1401 O O   . HOH D 4 .   ? 14.856  9.460   -0.710  1.00 35.17  ? 207 HOH L O   1 
HETATM 1402 O O   . HOH D 4 .   ? 3.221   -16.878 -9.390  1.00 26.77  ? 208 HOH L O   1 
HETATM 1403 O O   . HOH D 4 .   ? 0.030   -3.777  21.515  1.00 23.34  ? 209 HOH L O   1 
HETATM 1404 O O   . HOH D 4 .   ? -25.462 -13.404 -12.843 1.00 51.78  ? 210 HOH L O   1 
HETATM 1405 O O   . HOH D 4 .   ? -9.720  -10.216 -2.714  1.00 77.64  ? 211 HOH L O   1 
HETATM 1406 O O   . HOH D 4 .   ? -10.755 -9.692  -0.767  1.00 42.62  ? 212 HOH L O   1 
HETATM 1407 O O   . HOH D 4 .   ? -9.710  -7.344  -1.946  1.00 43.85  ? 213 HOH L O   1 
HETATM 1408 O O   . HOH D 4 .   ? -27.401 -17.929 -0.766  1.00 38.81  ? 214 HOH L O   1 
HETATM 1409 O O   . HOH D 4 .   ? -14.500 -16.291 20.073  1.00 49.49  ? 215 HOH L O   1 
HETATM 1410 O O   . HOH D 4 .   ? -13.615 -14.786 16.673  1.00 34.50  ? 216 HOH L O   1 
HETATM 1411 O O   . HOH D 4 .   ? -9.608  4.659   -0.424  1.00 26.29  ? 217 HOH L O   1 
# 
